data_7EKV
# 
_entry.id   7EKV 
# 
_audit_conform.dict_name       mmcif_pdbx.dic 
_audit_conform.dict_version    5.398 
_audit_conform.dict_location   http://mmcif.pdb.org/dictionaries/ascii/mmcif_pdbx.dic 
# 
loop_
_database_2.database_id 
_database_2.database_code 
_database_2.pdbx_database_accession 
_database_2.pdbx_DOI 
PDB   7EKV         pdb_00007ekv 10.2210/pdb7ekv/pdb 
WWPDB D_1300021643 ?            ?                   
# 
loop_
_pdbx_audit_revision_history.ordinal 
_pdbx_audit_revision_history.data_content_type 
_pdbx_audit_revision_history.major_revision 
_pdbx_audit_revision_history.minor_revision 
_pdbx_audit_revision_history.revision_date 
1 'Structure model' 1 0 2022-02-16 
2 'Structure model' 1 1 2022-02-23 
3 'Structure model' 1 2 2023-11-29 
4 'Structure model' 1 3 2024-11-06 
# 
_pdbx_audit_revision_details.ordinal             1 
_pdbx_audit_revision_details.revision_ordinal    1 
_pdbx_audit_revision_details.data_content_type   'Structure model' 
_pdbx_audit_revision_details.provider            repository 
_pdbx_audit_revision_details.type                'Initial release' 
_pdbx_audit_revision_details.description         ? 
_pdbx_audit_revision_details.details             ? 
# 
loop_
_pdbx_audit_revision_group.ordinal 
_pdbx_audit_revision_group.revision_ordinal 
_pdbx_audit_revision_group.data_content_type 
_pdbx_audit_revision_group.group 
1 2 'Structure model' 'Database references'    
2 3 'Structure model' 'Data collection'        
3 3 'Structure model' 'Refinement description' 
4 4 'Structure model' 'Structure summary'      
# 
loop_
_pdbx_audit_revision_category.ordinal 
_pdbx_audit_revision_category.revision_ordinal 
_pdbx_audit_revision_category.data_content_type 
_pdbx_audit_revision_category.category 
1 2 'Structure model' citation                      
2 2 'Structure model' citation_author               
3 3 'Structure model' chem_comp_atom                
4 3 'Structure model' chem_comp_bond                
5 3 'Structure model' pdbx_initial_refinement_model 
6 4 'Structure model' pdbx_entry_details            
7 4 'Structure model' pdbx_modification_feature     
# 
loop_
_pdbx_audit_revision_item.ordinal 
_pdbx_audit_revision_item.revision_ordinal 
_pdbx_audit_revision_item.data_content_type 
_pdbx_audit_revision_item.item 
1 2 'Structure model' '_citation.journal_volume'                     
2 2 'Structure model' '_citation.page_first'                         
3 2 'Structure model' '_citation.page_last'                          
4 2 'Structure model' '_citation_author.identifier_ORCID'            
5 4 'Structure model' '_pdbx_entry_details.has_protein_modification' 
# 
_pdbx_database_status.status_code                     REL 
_pdbx_database_status.status_code_sf                  REL 
_pdbx_database_status.status_code_mr                  ? 
_pdbx_database_status.entry_id                        7EKV 
_pdbx_database_status.recvd_initial_deposition_date   2021-04-06 
_pdbx_database_status.SG_entry                        N 
_pdbx_database_status.deposit_site                    PDBJ 
_pdbx_database_status.process_site                    PDBJ 
_pdbx_database_status.status_code_cs                  ? 
_pdbx_database_status.status_code_nmr_data            ? 
_pdbx_database_status.methods_development_category    ? 
_pdbx_database_status.pdb_format_compatible           Y 
# 
loop_
_audit_author.name 
_audit_author.pdbx_ordinal 
_audit_author.identifier_ORCID 
'Liu, L.' 1 ? 
'Li, J.'  2 ? 
# 
_citation.abstract                  ? 
_citation.abstract_id_CAS           ? 
_citation.book_id_ISBN              ? 
_citation.book_publisher            ? 
_citation.book_publisher_city       ? 
_citation.book_title                ? 
_citation.coordinate_linkage        ? 
_citation.country                   US 
_citation.database_id_Medline       ? 
_citation.details                   ? 
_citation.id                        primary 
_citation.journal_abbrev            J.Med.Chem. 
_citation.journal_id_ASTM           JMCMAR 
_citation.journal_id_CSD            0151 
_citation.journal_id_ISSN           0022-2623 
_citation.journal_full              ? 
_citation.journal_issue             ? 
_citation.journal_volume            65 
_citation.language                  ? 
_citation.page_first                2174 
_citation.page_last                 2190 
_citation.title                     
;Computational and Structure-Based Development of High Potent Cell-Active Covalent Inhibitor Targeting the Peptidyl-Prolyl Isomerase NIMA-Interacting-1 (Pin1).
;
_citation.year                      2022 
_citation.database_id_CSD           ? 
_citation.pdbx_database_id_DOI      10.1021/acs.jmedchem.1c01686 
_citation.pdbx_database_id_PubMed   35089030 
_citation.pdbx_database_id_patent   ? 
_citation.unpublished_flag          ? 
# 
loop_
_citation_author.citation_id 
_citation_author.name 
_citation_author.ordinal 
_citation_author.identifier_ORCID 
primary 'Liu, L.'   1  ? 
primary 'Zhu, R.'   2  ? 
primary 'Li, J.'    3  ? 
primary 'Pei, Y.'   4  ? 
primary 'Wang, S.'  5  ? 
primary 'Xu, P.'    6  ? 
primary 'Wang, M.'  7  ? 
primary 'Wen, Y.'   8  ? 
primary 'Zhang, H.' 9  ? 
primary 'Du, D.'    10 ? 
primary 'Ding, H.'  11 ? 
primary 'Jiang, H.' 12 ? 
primary 'Chen, K.'  13 ? 
primary 'Zhou, B.'  14 ? 
primary 'Yu, L.'    15 ? 
primary 'Luo, C.'   16 ? 
# 
loop_
_entity.id 
_entity.type 
_entity.src_method 
_entity.pdbx_description 
_entity.formula_weight 
_entity.pdbx_number_of_molecules 
_entity.pdbx_ec 
_entity.pdbx_mutation 
_entity.pdbx_fragment 
_entity.details 
1 polymer     man 'Peptidyl-prolyl cis-trans isomerase NIMA-interacting 1'                                  20356.572 1   5.2.1.8 
R14A ? ? 
2 non-polymer syn '8-(2-chloroacetyl)-4-((5-phenylfuran-2-yl)methyl)-1-thia-4,8-diazaspiro[4.5]decan-3-one' 404.910   1   ?       
?    ? ? 
3 non-polymer syn 3,6,9,12,15,18,21-HEPTAOXATRICOSANE-1,23-DIOL                                             370.436   1   ?       
?    ? ? 
4 water       nat water                                                                                     18.015    171 ?       
?    ? ? 
# 
_entity_name_com.entity_id   1 
_entity_name_com.name        'Peptidyl-prolyl cis-trans isomerase Pin1,PPIase Pin1,Rotamase Pin1' 
# 
_entity_poly.entity_id                      1 
_entity_poly.type                           'polypeptide(L)' 
_entity_poly.nstd_linkage                   no 
_entity_poly.nstd_monomer                   no 
_entity_poly.pdbx_seq_one_letter_code       
;MGSSHHHHHHSSGLVPRGSHMADEEKLPPGWEKAMSRSSGRVYYFNHITNASQWERPSGNSSSGGKNGQGEPARVRCSHL
LVKHSQSRRPSSWRQEKITRTKEEALELINGYIQKIKSGEEDFESLASQFSDCSSAKARGDLGAFSRGQMQKPFEDASFA
LRTGEMSGPVFTDSGIHIILRTE
;
_entity_poly.pdbx_seq_one_letter_code_can   
;MGSSHHHHHHSSGLVPRGSHMADEEKLPPGWEKAMSRSSGRVYYFNHITNASQWERPSGNSSSGGKNGQGEPARVRCSHL
LVKHSQSRRPSSWRQEKITRTKEEALELINGYIQKIKSGEEDFESLASQFSDCSSAKARGDLGAFSRGQMQKPFEDASFA
LRTGEMSGPVFTDSGIHIILRTE
;
_entity_poly.pdbx_strand_id                 A 
_entity_poly.pdbx_target_identifier         ? 
# 
loop_
_pdbx_entity_nonpoly.entity_id 
_pdbx_entity_nonpoly.name 
_pdbx_entity_nonpoly.comp_id 
2 '8-(2-chloroacetyl)-4-((5-phenylfuran-2-yl)methyl)-1-thia-4,8-diazaspiro[4.5]decan-3-one' J50 
3 3,6,9,12,15,18,21-HEPTAOXATRICOSANE-1,23-DIOL                                             PE8 
4 water                                                                                     HOH 
# 
loop_
_entity_poly_seq.entity_id 
_entity_poly_seq.num 
_entity_poly_seq.mon_id 
_entity_poly_seq.hetero 
1 1   MET n 
1 2   GLY n 
1 3   SER n 
1 4   SER n 
1 5   HIS n 
1 6   HIS n 
1 7   HIS n 
1 8   HIS n 
1 9   HIS n 
1 10  HIS n 
1 11  SER n 
1 12  SER n 
1 13  GLY n 
1 14  LEU n 
1 15  VAL n 
1 16  PRO n 
1 17  ARG n 
1 18  GLY n 
1 19  SER n 
1 20  HIS n 
1 21  MET n 
1 22  ALA n 
1 23  ASP n 
1 24  GLU n 
1 25  GLU n 
1 26  LYS n 
1 27  LEU n 
1 28  PRO n 
1 29  PRO n 
1 30  GLY n 
1 31  TRP n 
1 32  GLU n 
1 33  LYS n 
1 34  ALA n 
1 35  MET n 
1 36  SER n 
1 37  ARG n 
1 38  SER n 
1 39  SER n 
1 40  GLY n 
1 41  ARG n 
1 42  VAL n 
1 43  TYR n 
1 44  TYR n 
1 45  PHE n 
1 46  ASN n 
1 47  HIS n 
1 48  ILE n 
1 49  THR n 
1 50  ASN n 
1 51  ALA n 
1 52  SER n 
1 53  GLN n 
1 54  TRP n 
1 55  GLU n 
1 56  ARG n 
1 57  PRO n 
1 58  SER n 
1 59  GLY n 
1 60  ASN n 
1 61  SER n 
1 62  SER n 
1 63  SER n 
1 64  GLY n 
1 65  GLY n 
1 66  LYS n 
1 67  ASN n 
1 68  GLY n 
1 69  GLN n 
1 70  GLY n 
1 71  GLU n 
1 72  PRO n 
1 73  ALA n 
1 74  ARG n 
1 75  VAL n 
1 76  ARG n 
1 77  CYS n 
1 78  SER n 
1 79  HIS n 
1 80  LEU n 
1 81  LEU n 
1 82  VAL n 
1 83  LYS n 
1 84  HIS n 
1 85  SER n 
1 86  GLN n 
1 87  SER n 
1 88  ARG n 
1 89  ARG n 
1 90  PRO n 
1 91  SER n 
1 92  SER n 
1 93  TRP n 
1 94  ARG n 
1 95  GLN n 
1 96  GLU n 
1 97  LYS n 
1 98  ILE n 
1 99  THR n 
1 100 ARG n 
1 101 THR n 
1 102 LYS n 
1 103 GLU n 
1 104 GLU n 
1 105 ALA n 
1 106 LEU n 
1 107 GLU n 
1 108 LEU n 
1 109 ILE n 
1 110 ASN n 
1 111 GLY n 
1 112 TYR n 
1 113 ILE n 
1 114 GLN n 
1 115 LYS n 
1 116 ILE n 
1 117 LYS n 
1 118 SER n 
1 119 GLY n 
1 120 GLU n 
1 121 GLU n 
1 122 ASP n 
1 123 PHE n 
1 124 GLU n 
1 125 SER n 
1 126 LEU n 
1 127 ALA n 
1 128 SER n 
1 129 GLN n 
1 130 PHE n 
1 131 SER n 
1 132 ASP n 
1 133 CYS n 
1 134 SER n 
1 135 SER n 
1 136 ALA n 
1 137 LYS n 
1 138 ALA n 
1 139 ARG n 
1 140 GLY n 
1 141 ASP n 
1 142 LEU n 
1 143 GLY n 
1 144 ALA n 
1 145 PHE n 
1 146 SER n 
1 147 ARG n 
1 148 GLY n 
1 149 GLN n 
1 150 MET n 
1 151 GLN n 
1 152 LYS n 
1 153 PRO n 
1 154 PHE n 
1 155 GLU n 
1 156 ASP n 
1 157 ALA n 
1 158 SER n 
1 159 PHE n 
1 160 ALA n 
1 161 LEU n 
1 162 ARG n 
1 163 THR n 
1 164 GLY n 
1 165 GLU n 
1 166 MET n 
1 167 SER n 
1 168 GLY n 
1 169 PRO n 
1 170 VAL n 
1 171 PHE n 
1 172 THR n 
1 173 ASP n 
1 174 SER n 
1 175 GLY n 
1 176 ILE n 
1 177 HIS n 
1 178 ILE n 
1 179 ILE n 
1 180 LEU n 
1 181 ARG n 
1 182 THR n 
1 183 GLU n 
# 
_entity_src_gen.entity_id                          1 
_entity_src_gen.pdbx_src_id                        1 
_entity_src_gen.pdbx_alt_source_flag               sample 
_entity_src_gen.pdbx_seq_type                      'Biological sequence' 
_entity_src_gen.pdbx_beg_seq_num                   1 
_entity_src_gen.pdbx_end_seq_num                   183 
_entity_src_gen.gene_src_common_name               Human 
_entity_src_gen.gene_src_genus                     ? 
_entity_src_gen.pdbx_gene_src_gene                 PIN1 
_entity_src_gen.gene_src_species                   ? 
_entity_src_gen.gene_src_strain                    ? 
_entity_src_gen.gene_src_tissue                    ? 
_entity_src_gen.gene_src_tissue_fraction           ? 
_entity_src_gen.gene_src_details                   ? 
_entity_src_gen.pdbx_gene_src_fragment             ? 
_entity_src_gen.pdbx_gene_src_scientific_name      'Homo sapiens' 
_entity_src_gen.pdbx_gene_src_ncbi_taxonomy_id     9606 
_entity_src_gen.pdbx_gene_src_variant              ? 
_entity_src_gen.pdbx_gene_src_cell_line            ? 
_entity_src_gen.pdbx_gene_src_atcc                 ? 
_entity_src_gen.pdbx_gene_src_organ                ? 
_entity_src_gen.pdbx_gene_src_organelle            ? 
_entity_src_gen.pdbx_gene_src_cell                 ? 
_entity_src_gen.pdbx_gene_src_cellular_location    ? 
_entity_src_gen.host_org_common_name               ? 
_entity_src_gen.pdbx_host_org_scientific_name      'Escherichia coli' 
_entity_src_gen.pdbx_host_org_ncbi_taxonomy_id     562 
_entity_src_gen.host_org_genus                     ? 
_entity_src_gen.pdbx_host_org_gene                 ? 
_entity_src_gen.pdbx_host_org_organ                ? 
_entity_src_gen.host_org_species                   ? 
_entity_src_gen.pdbx_host_org_tissue               ? 
_entity_src_gen.pdbx_host_org_tissue_fraction      ? 
_entity_src_gen.pdbx_host_org_strain               ? 
_entity_src_gen.pdbx_host_org_variant              ? 
_entity_src_gen.pdbx_host_org_cell_line            ? 
_entity_src_gen.pdbx_host_org_atcc                 ? 
_entity_src_gen.pdbx_host_org_culture_collection   ? 
_entity_src_gen.pdbx_host_org_cell                 ? 
_entity_src_gen.pdbx_host_org_organelle            ? 
_entity_src_gen.pdbx_host_org_cellular_location    ? 
_entity_src_gen.pdbx_host_org_vector_type          ? 
_entity_src_gen.pdbx_host_org_vector               ? 
_entity_src_gen.host_org_details                   ? 
_entity_src_gen.expression_system_id               ? 
_entity_src_gen.plasmid_name                       ? 
_entity_src_gen.plasmid_details                    ? 
_entity_src_gen.pdbx_description                   ? 
# 
loop_
_chem_comp.id 
_chem_comp.type 
_chem_comp.mon_nstd_flag 
_chem_comp.name 
_chem_comp.pdbx_synonyms 
_chem_comp.formula 
_chem_comp.formula_weight 
ALA 'L-peptide linking' y ALANINE                                                                                   ? 'C3 H7 N O2' 
89.093  
ARG 'L-peptide linking' y ARGININE                                                                                  ? 
'C6 H15 N4 O2 1'     175.209 
ASN 'L-peptide linking' y ASPARAGINE                                                                                ? 
'C4 H8 N2 O3'        132.118 
ASP 'L-peptide linking' y 'ASPARTIC ACID'                                                                           ? 'C4 H7 N O4' 
133.103 
CYS 'L-peptide linking' y CYSTEINE                                                                                  ? 
'C3 H7 N O2 S'       121.158 
GLN 'L-peptide linking' y GLUTAMINE                                                                                 ? 
'C5 H10 N2 O3'       146.144 
GLU 'L-peptide linking' y 'GLUTAMIC ACID'                                                                           ? 'C5 H9 N O4' 
147.129 
GLY 'peptide linking'   y GLYCINE                                                                                   ? 'C2 H5 N O2' 
75.067  
HIS 'L-peptide linking' y HISTIDINE                                                                                 ? 
'C6 H10 N3 O2 1'     156.162 
HOH non-polymer         . WATER                                                                                     ? 'H2 O' 
18.015  
ILE 'L-peptide linking' y ISOLEUCINE                                                                                ? 
'C6 H13 N O2'        131.173 
J50 non-polymer         . '8-(2-chloroacetyl)-4-((5-phenylfuran-2-yl)methyl)-1-thia-4,8-diazaspiro[4.5]decan-3-one' ? 
'C20 H21 Cl N2 O3 S' 404.910 
LEU 'L-peptide linking' y LEUCINE                                                                                   ? 
'C6 H13 N O2'        131.173 
LYS 'L-peptide linking' y LYSINE                                                                                    ? 
'C6 H15 N2 O2 1'     147.195 
MET 'L-peptide linking' y METHIONINE                                                                                ? 
'C5 H11 N O2 S'      149.211 
PE8 non-polymer         . 3,6,9,12,15,18,21-HEPTAOXATRICOSANE-1,23-DIOL                                             ? 'C16 H34 O9' 
370.436 
PHE 'L-peptide linking' y PHENYLALANINE                                                                             ? 
'C9 H11 N O2'        165.189 
PRO 'L-peptide linking' y PROLINE                                                                                   ? 'C5 H9 N O2' 
115.130 
SER 'L-peptide linking' y SERINE                                                                                    ? 'C3 H7 N O3' 
105.093 
THR 'L-peptide linking' y THREONINE                                                                                 ? 'C4 H9 N O3' 
119.119 
TRP 'L-peptide linking' y TRYPTOPHAN                                                                                ? 
'C11 H12 N2 O2'      204.225 
TYR 'L-peptide linking' y TYROSINE                                                                                  ? 
'C9 H11 N O3'        181.189 
VAL 'L-peptide linking' y VALINE                                                                                    ? 
'C5 H11 N O2'        117.146 
# 
loop_
_pdbx_poly_seq_scheme.asym_id 
_pdbx_poly_seq_scheme.entity_id 
_pdbx_poly_seq_scheme.seq_id 
_pdbx_poly_seq_scheme.mon_id 
_pdbx_poly_seq_scheme.ndb_seq_num 
_pdbx_poly_seq_scheme.pdb_seq_num 
_pdbx_poly_seq_scheme.auth_seq_num 
_pdbx_poly_seq_scheme.pdb_mon_id 
_pdbx_poly_seq_scheme.auth_mon_id 
_pdbx_poly_seq_scheme.pdb_strand_id 
_pdbx_poly_seq_scheme.pdb_ins_code 
_pdbx_poly_seq_scheme.hetero 
A 1 1   MET 1   -19 ?   ?   ?   A . n 
A 1 2   GLY 2   -18 ?   ?   ?   A . n 
A 1 3   SER 3   -17 ?   ?   ?   A . n 
A 1 4   SER 4   -16 ?   ?   ?   A . n 
A 1 5   HIS 5   -15 ?   ?   ?   A . n 
A 1 6   HIS 6   -14 ?   ?   ?   A . n 
A 1 7   HIS 7   -13 ?   ?   ?   A . n 
A 1 8   HIS 8   -12 ?   ?   ?   A . n 
A 1 9   HIS 9   -11 ?   ?   ?   A . n 
A 1 10  HIS 10  -10 ?   ?   ?   A . n 
A 1 11  SER 11  -9  ?   ?   ?   A . n 
A 1 12  SER 12  -8  ?   ?   ?   A . n 
A 1 13  GLY 13  -7  ?   ?   ?   A . n 
A 1 14  LEU 14  -6  ?   ?   ?   A . n 
A 1 15  VAL 15  -5  ?   ?   ?   A . n 
A 1 16  PRO 16  -4  ?   ?   ?   A . n 
A 1 17  ARG 17  -3  ?   ?   ?   A . n 
A 1 18  GLY 18  -2  ?   ?   ?   A . n 
A 1 19  SER 19  -1  ?   ?   ?   A . n 
A 1 20  HIS 20  0   ?   ?   ?   A . n 
A 1 21  MET 21  1   ?   ?   ?   A . n 
A 1 22  ALA 22  2   ?   ?   ?   A . n 
A 1 23  ASP 23  3   ?   ?   ?   A . n 
A 1 24  GLU 24  4   ?   ?   ?   A . n 
A 1 25  GLU 25  5   ?   ?   ?   A . n 
A 1 26  LYS 26  6   6   LYS LYS A . n 
A 1 27  LEU 27  7   7   LEU LEU A . n 
A 1 28  PRO 28  8   8   PRO PRO A . n 
A 1 29  PRO 29  9   9   PRO PRO A . n 
A 1 30  GLY 30  10  10  GLY GLY A . n 
A 1 31  TRP 31  11  11  TRP TRP A . n 
A 1 32  GLU 32  12  12  GLU GLU A . n 
A 1 33  LYS 33  13  13  LYS LYS A . n 
A 1 34  ALA 34  14  14  ALA ALA A . n 
A 1 35  MET 35  15  15  MET MET A . n 
A 1 36  SER 36  16  16  SER SER A . n 
A 1 37  ARG 37  17  17  ARG ARG A . n 
A 1 38  SER 38  18  18  SER SER A . n 
A 1 39  SER 39  19  19  SER SER A . n 
A 1 40  GLY 40  20  20  GLY GLY A . n 
A 1 41  ARG 41  21  21  ARG ARG A . n 
A 1 42  VAL 42  22  22  VAL VAL A . n 
A 1 43  TYR 43  23  23  TYR TYR A . n 
A 1 44  TYR 44  24  24  TYR TYR A . n 
A 1 45  PHE 45  25  25  PHE PHE A . n 
A 1 46  ASN 46  26  26  ASN ASN A . n 
A 1 47  HIS 47  27  27  HIS HIS A . n 
A 1 48  ILE 48  28  28  ILE ILE A . n 
A 1 49  THR 49  29  29  THR THR A . n 
A 1 50  ASN 50  30  30  ASN ASN A . n 
A 1 51  ALA 51  31  31  ALA ALA A . n 
A 1 52  SER 52  32  32  SER SER A . n 
A 1 53  GLN 53  33  33  GLN GLN A . n 
A 1 54  TRP 54  34  34  TRP TRP A . n 
A 1 55  GLU 55  35  35  GLU GLU A . n 
A 1 56  ARG 56  36  36  ARG ARG A . n 
A 1 57  PRO 57  37  37  PRO PRO A . n 
A 1 58  SER 58  38  38  SER SER A . n 
A 1 59  GLY 59  39  ?   ?   ?   A . n 
A 1 60  ASN 60  40  ?   ?   ?   A . n 
A 1 61  SER 61  41  ?   ?   ?   A . n 
A 1 62  SER 62  42  ?   ?   ?   A . n 
A 1 63  SER 63  43  ?   ?   ?   A . n 
A 1 64  GLY 64  44  ?   ?   ?   A . n 
A 1 65  GLY 65  45  ?   ?   ?   A . n 
A 1 66  LYS 66  46  ?   ?   ?   A . n 
A 1 67  ASN 67  47  ?   ?   ?   A . n 
A 1 68  GLY 68  48  ?   ?   ?   A . n 
A 1 69  GLN 69  49  ?   ?   ?   A . n 
A 1 70  GLY 70  50  ?   ?   ?   A . n 
A 1 71  GLU 71  51  51  GLU GLU A . n 
A 1 72  PRO 72  52  52  PRO PRO A . n 
A 1 73  ALA 73  53  53  ALA ALA A . n 
A 1 74  ARG 74  54  54  ARG ARG A . n 
A 1 75  VAL 75  55  55  VAL VAL A . n 
A 1 76  ARG 76  56  56  ARG ARG A . n 
A 1 77  CYS 77  57  57  CYS CYS A . n 
A 1 78  SER 78  58  58  SER SER A . n 
A 1 79  HIS 79  59  59  HIS HIS A . n 
A 1 80  LEU 80  60  60  LEU LEU A . n 
A 1 81  LEU 81  61  61  LEU LEU A . n 
A 1 82  VAL 82  62  62  VAL VAL A . n 
A 1 83  LYS 83  63  63  LYS LYS A . n 
A 1 84  HIS 84  64  64  HIS HIS A . n 
A 1 85  SER 85  65  65  SER SER A . n 
A 1 86  GLN 86  66  66  GLN GLN A . n 
A 1 87  SER 87  67  67  SER SER A . n 
A 1 88  ARG 88  68  68  ARG ARG A . n 
A 1 89  ARG 89  69  69  ARG ARG A . n 
A 1 90  PRO 90  70  70  PRO PRO A . n 
A 1 91  SER 91  71  71  SER SER A . n 
A 1 92  SER 92  72  72  SER SER A . n 
A 1 93  TRP 93  73  73  TRP TRP A . n 
A 1 94  ARG 94  74  74  ARG ARG A . n 
A 1 95  GLN 95  75  75  GLN GLN A . n 
A 1 96  GLU 96  76  76  GLU GLU A . n 
A 1 97  LYS 97  77  77  LYS LYS A . n 
A 1 98  ILE 98  78  78  ILE ILE A . n 
A 1 99  THR 99  79  79  THR THR A . n 
A 1 100 ARG 100 80  80  ARG ARG A . n 
A 1 101 THR 101 81  81  THR THR A . n 
A 1 102 LYS 102 82  82  LYS LYS A . n 
A 1 103 GLU 103 83  83  GLU GLU A . n 
A 1 104 GLU 104 84  84  GLU GLU A . n 
A 1 105 ALA 105 85  85  ALA ALA A . n 
A 1 106 LEU 106 86  86  LEU LEU A . n 
A 1 107 GLU 107 87  87  GLU GLU A . n 
A 1 108 LEU 108 88  88  LEU LEU A . n 
A 1 109 ILE 109 89  89  ILE ILE A . n 
A 1 110 ASN 110 90  90  ASN ASN A . n 
A 1 111 GLY 111 91  91  GLY GLY A . n 
A 1 112 TYR 112 92  92  TYR TYR A . n 
A 1 113 ILE 113 93  93  ILE ILE A . n 
A 1 114 GLN 114 94  94  GLN GLN A . n 
A 1 115 LYS 115 95  95  LYS LYS A . n 
A 1 116 ILE 116 96  96  ILE ILE A . n 
A 1 117 LYS 117 97  97  LYS LYS A . n 
A 1 118 SER 118 98  98  SER SER A . n 
A 1 119 GLY 119 99  99  GLY GLY A . n 
A 1 120 GLU 120 100 100 GLU GLU A . n 
A 1 121 GLU 121 101 101 GLU GLU A . n 
A 1 122 ASP 122 102 102 ASP ASP A . n 
A 1 123 PHE 123 103 103 PHE PHE A . n 
A 1 124 GLU 124 104 104 GLU GLU A . n 
A 1 125 SER 125 105 105 SER SER A . n 
A 1 126 LEU 126 106 106 LEU LEU A . n 
A 1 127 ALA 127 107 107 ALA ALA A . n 
A 1 128 SER 128 108 108 SER SER A . n 
A 1 129 GLN 129 109 109 GLN GLN A . n 
A 1 130 PHE 130 110 110 PHE PHE A . n 
A 1 131 SER 131 111 111 SER SER A . n 
A 1 132 ASP 132 112 112 ASP ASP A . n 
A 1 133 CYS 133 113 113 CYS CYS A . n 
A 1 134 SER 134 114 114 SER SER A . n 
A 1 135 SER 135 115 115 SER SER A . n 
A 1 136 ALA 136 116 116 ALA ALA A . n 
A 1 137 LYS 137 117 117 LYS LYS A . n 
A 1 138 ALA 138 118 118 ALA ALA A . n 
A 1 139 ARG 139 119 119 ARG ARG A . n 
A 1 140 GLY 140 120 120 GLY GLY A . n 
A 1 141 ASP 141 121 121 ASP ASP A . n 
A 1 142 LEU 142 122 122 LEU LEU A . n 
A 1 143 GLY 143 123 123 GLY GLY A . n 
A 1 144 ALA 144 124 124 ALA ALA A . n 
A 1 145 PHE 145 125 125 PHE PHE A . n 
A 1 146 SER 146 126 126 SER SER A . n 
A 1 147 ARG 147 127 127 ARG ARG A . n 
A 1 148 GLY 148 128 128 GLY GLY A . n 
A 1 149 GLN 149 129 129 GLN GLN A . n 
A 1 150 MET 150 130 130 MET MET A . n 
A 1 151 GLN 151 131 131 GLN GLN A . n 
A 1 152 LYS 152 132 132 LYS LYS A . n 
A 1 153 PRO 153 133 133 PRO PRO A . n 
A 1 154 PHE 154 134 134 PHE PHE A . n 
A 1 155 GLU 155 135 135 GLU GLU A . n 
A 1 156 ASP 156 136 136 ASP ASP A . n 
A 1 157 ALA 157 137 137 ALA ALA A . n 
A 1 158 SER 158 138 138 SER SER A . n 
A 1 159 PHE 159 139 139 PHE PHE A . n 
A 1 160 ALA 160 140 140 ALA ALA A . n 
A 1 161 LEU 161 141 141 LEU LEU A . n 
A 1 162 ARG 162 142 142 ARG ARG A . n 
A 1 163 THR 163 143 143 THR THR A . n 
A 1 164 GLY 164 144 144 GLY GLY A . n 
A 1 165 GLU 165 145 145 GLU GLU A . n 
A 1 166 MET 166 146 146 MET MET A . n 
A 1 167 SER 167 147 147 SER SER A . n 
A 1 168 GLY 168 148 148 GLY GLY A . n 
A 1 169 PRO 169 149 149 PRO PRO A . n 
A 1 170 VAL 170 150 150 VAL VAL A . n 
A 1 171 PHE 171 151 151 PHE PHE A . n 
A 1 172 THR 172 152 152 THR THR A . n 
A 1 173 ASP 173 153 153 ASP ASP A . n 
A 1 174 SER 174 154 154 SER SER A . n 
A 1 175 GLY 175 155 155 GLY GLY A . n 
A 1 176 ILE 176 156 156 ILE ILE A . n 
A 1 177 HIS 177 157 157 HIS HIS A . n 
A 1 178 ILE 178 158 158 ILE ILE A . n 
A 1 179 ILE 179 159 159 ILE ILE A . n 
A 1 180 LEU 180 160 160 LEU LEU A . n 
A 1 181 ARG 181 161 161 ARG ARG A . n 
A 1 182 THR 182 162 162 THR THR A . n 
A 1 183 GLU 183 163 163 GLU GLU A . n 
# 
_pdbx_entity_instance_feature.ordinal        1 
_pdbx_entity_instance_feature.comp_id        J50 
_pdbx_entity_instance_feature.asym_id        ? 
_pdbx_entity_instance_feature.seq_num        ? 
_pdbx_entity_instance_feature.auth_comp_id   J50 
_pdbx_entity_instance_feature.auth_asym_id   ? 
_pdbx_entity_instance_feature.auth_seq_num   ? 
_pdbx_entity_instance_feature.feature_type   'SUBJECT OF INVESTIGATION' 
_pdbx_entity_instance_feature.details        ? 
# 
loop_
_pdbx_nonpoly_scheme.asym_id 
_pdbx_nonpoly_scheme.entity_id 
_pdbx_nonpoly_scheme.mon_id 
_pdbx_nonpoly_scheme.ndb_seq_num 
_pdbx_nonpoly_scheme.pdb_seq_num 
_pdbx_nonpoly_scheme.auth_seq_num 
_pdbx_nonpoly_scheme.pdb_mon_id 
_pdbx_nonpoly_scheme.auth_mon_id 
_pdbx_nonpoly_scheme.pdb_strand_id 
_pdbx_nonpoly_scheme.pdb_ins_code 
B 2 J50 1   201 201 J50 117 A . 
C 3 PE8 1   202 301 PE8 PE8 A . 
D 4 HOH 1   301 164 HOH HOH A . 
D 4 HOH 2   302 157 HOH HOH A . 
D 4 HOH 3   303 161 HOH HOH A . 
D 4 HOH 4   304 34  HOH HOH A . 
D 4 HOH 5   305 173 HOH HOH A . 
D 4 HOH 6   306 1   HOH HOH A . 
D 4 HOH 7   307 160 HOH HOH A . 
D 4 HOH 8   308 179 HOH HOH A . 
D 4 HOH 9   309 2   HOH HOH A . 
D 4 HOH 10  310 89  HOH HOH A . 
D 4 HOH 11  311 3   HOH HOH A . 
D 4 HOH 12  312 122 HOH HOH A . 
D 4 HOH 13  313 93  HOH HOH A . 
D 4 HOH 14  314 48  HOH HOH A . 
D 4 HOH 15  315 130 HOH HOH A . 
D 4 HOH 16  316 36  HOH HOH A . 
D 4 HOH 17  317 123 HOH HOH A . 
D 4 HOH 18  318 45  HOH HOH A . 
D 4 HOH 19  319 147 HOH HOH A . 
D 4 HOH 20  320 5   HOH HOH A . 
D 4 HOH 21  321 19  HOH HOH A . 
D 4 HOH 22  322 21  HOH HOH A . 
D 4 HOH 23  323 61  HOH HOH A . 
D 4 HOH 24  324 30  HOH HOH A . 
D 4 HOH 25  325 58  HOH HOH A . 
D 4 HOH 26  326 14  HOH HOH A . 
D 4 HOH 27  327 29  HOH HOH A . 
D 4 HOH 28  328 41  HOH HOH A . 
D 4 HOH 29  329 152 HOH HOH A . 
D 4 HOH 30  330 11  HOH HOH A . 
D 4 HOH 31  331 15  HOH HOH A . 
D 4 HOH 32  332 101 HOH HOH A . 
D 4 HOH 33  333 66  HOH HOH A . 
D 4 HOH 34  334 32  HOH HOH A . 
D 4 HOH 35  335 127 HOH HOH A . 
D 4 HOH 36  336 82  HOH HOH A . 
D 4 HOH 37  337 8   HOH HOH A . 
D 4 HOH 38  338 140 HOH HOH A . 
D 4 HOH 39  339 107 HOH HOH A . 
D 4 HOH 40  340 9   HOH HOH A . 
D 4 HOH 41  341 20  HOH HOH A . 
D 4 HOH 42  342 57  HOH HOH A . 
D 4 HOH 43  343 116 HOH HOH A . 
D 4 HOH 44  344 70  HOH HOH A . 
D 4 HOH 45  345 108 HOH HOH A . 
D 4 HOH 46  346 4   HOH HOH A . 
D 4 HOH 47  347 136 HOH HOH A . 
D 4 HOH 48  348 129 HOH HOH A . 
D 4 HOH 49  349 43  HOH HOH A . 
D 4 HOH 50  350 6   HOH HOH A . 
D 4 HOH 51  351 175 HOH HOH A . 
D 4 HOH 52  352 27  HOH HOH A . 
D 4 HOH 53  353 38  HOH HOH A . 
D 4 HOH 54  354 156 HOH HOH A . 
D 4 HOH 55  355 25  HOH HOH A . 
D 4 HOH 56  356 59  HOH HOH A . 
D 4 HOH 57  357 83  HOH HOH A . 
D 4 HOH 58  358 134 HOH HOH A . 
D 4 HOH 59  359 35  HOH HOH A . 
D 4 HOH 60  360 7   HOH HOH A . 
D 4 HOH 61  361 17  HOH HOH A . 
D 4 HOH 62  362 47  HOH HOH A . 
D 4 HOH 63  363 40  HOH HOH A . 
D 4 HOH 64  364 62  HOH HOH A . 
D 4 HOH 65  365 166 HOH HOH A . 
D 4 HOH 66  366 31  HOH HOH A . 
D 4 HOH 67  367 42  HOH HOH A . 
D 4 HOH 68  368 150 HOH HOH A . 
D 4 HOH 69  369 85  HOH HOH A . 
D 4 HOH 70  370 77  HOH HOH A . 
D 4 HOH 71  371 12  HOH HOH A . 
D 4 HOH 72  372 95  HOH HOH A . 
D 4 HOH 73  373 149 HOH HOH A . 
D 4 HOH 74  374 117 HOH HOH A . 
D 4 HOH 75  375 94  HOH HOH A . 
D 4 HOH 76  376 13  HOH HOH A . 
D 4 HOH 77  377 154 HOH HOH A . 
D 4 HOH 78  378 126 HOH HOH A . 
D 4 HOH 79  379 60  HOH HOH A . 
D 4 HOH 80  380 44  HOH HOH A . 
D 4 HOH 81  381 49  HOH HOH A . 
D 4 HOH 82  382 174 HOH HOH A . 
D 4 HOH 83  383 55  HOH HOH A . 
D 4 HOH 84  384 46  HOH HOH A . 
D 4 HOH 85  385 18  HOH HOH A . 
D 4 HOH 86  386 23  HOH HOH A . 
D 4 HOH 87  387 75  HOH HOH A . 
D 4 HOH 88  388 53  HOH HOH A . 
D 4 HOH 89  389 16  HOH HOH A . 
D 4 HOH 90  390 158 HOH HOH A . 
D 4 HOH 91  391 102 HOH HOH A . 
D 4 HOH 92  392 50  HOH HOH A . 
D 4 HOH 93  393 118 HOH HOH A . 
D 4 HOH 94  394 110 HOH HOH A . 
D 4 HOH 95  395 10  HOH HOH A . 
D 4 HOH 96  396 96  HOH HOH A . 
D 4 HOH 97  397 109 HOH HOH A . 
D 4 HOH 98  398 163 HOH HOH A . 
D 4 HOH 99  399 65  HOH HOH A . 
D 4 HOH 100 400 125 HOH HOH A . 
D 4 HOH 101 401 172 HOH HOH A . 
D 4 HOH 102 402 165 HOH HOH A . 
D 4 HOH 103 403 63  HOH HOH A . 
D 4 HOH 104 404 151 HOH HOH A . 
D 4 HOH 105 405 115 HOH HOH A . 
D 4 HOH 106 406 103 HOH HOH A . 
D 4 HOH 107 407 139 HOH HOH A . 
D 4 HOH 108 408 111 HOH HOH A . 
D 4 HOH 109 409 54  HOH HOH A . 
D 4 HOH 110 410 51  HOH HOH A . 
D 4 HOH 111 411 64  HOH HOH A . 
D 4 HOH 112 412 105 HOH HOH A . 
D 4 HOH 113 413 155 HOH HOH A . 
D 4 HOH 114 414 39  HOH HOH A . 
D 4 HOH 115 415 137 HOH HOH A . 
D 4 HOH 116 416 28  HOH HOH A . 
D 4 HOH 117 417 87  HOH HOH A . 
D 4 HOH 118 418 74  HOH HOH A . 
D 4 HOH 119 419 169 HOH HOH A . 
D 4 HOH 120 420 141 HOH HOH A . 
D 4 HOH 121 421 167 HOH HOH A . 
D 4 HOH 122 422 24  HOH HOH A . 
D 4 HOH 123 423 68  HOH HOH A . 
D 4 HOH 124 424 148 HOH HOH A . 
D 4 HOH 125 425 90  HOH HOH A . 
D 4 HOH 126 426 144 HOH HOH A . 
D 4 HOH 127 427 73  HOH HOH A . 
D 4 HOH 128 428 22  HOH HOH A . 
D 4 HOH 129 429 81  HOH HOH A . 
D 4 HOH 130 430 106 HOH HOH A . 
D 4 HOH 131 431 26  HOH HOH A . 
D 4 HOH 132 432 67  HOH HOH A . 
D 4 HOH 133 433 133 HOH HOH A . 
D 4 HOH 134 434 132 HOH HOH A . 
D 4 HOH 135 435 168 HOH HOH A . 
D 4 HOH 136 436 181 HOH HOH A . 
D 4 HOH 137 437 69  HOH HOH A . 
D 4 HOH 138 438 114 HOH HOH A . 
D 4 HOH 139 439 33  HOH HOH A . 
D 4 HOH 140 440 92  HOH HOH A . 
D 4 HOH 141 441 80  HOH HOH A . 
D 4 HOH 142 442 138 HOH HOH A . 
D 4 HOH 143 443 120 HOH HOH A . 
D 4 HOH 144 444 170 HOH HOH A . 
D 4 HOH 145 445 91  HOH HOH A . 
D 4 HOH 146 446 72  HOH HOH A . 
D 4 HOH 147 447 99  HOH HOH A . 
D 4 HOH 148 448 79  HOH HOH A . 
D 4 HOH 149 449 52  HOH HOH A . 
D 4 HOH 150 450 182 HOH HOH A . 
D 4 HOH 151 451 88  HOH HOH A . 
D 4 HOH 152 452 128 HOH HOH A . 
D 4 HOH 153 453 84  HOH HOH A . 
D 4 HOH 154 454 97  HOH HOH A . 
D 4 HOH 155 455 162 HOH HOH A . 
D 4 HOH 156 456 119 HOH HOH A . 
D 4 HOH 157 457 71  HOH HOH A . 
D 4 HOH 158 458 98  HOH HOH A . 
D 4 HOH 159 459 124 HOH HOH A . 
D 4 HOH 160 460 100 HOH HOH A . 
D 4 HOH 161 461 37  HOH HOH A . 
D 4 HOH 162 462 78  HOH HOH A . 
D 4 HOH 163 463 56  HOH HOH A . 
D 4 HOH 164 464 131 HOH HOH A . 
D 4 HOH 165 465 113 HOH HOH A . 
D 4 HOH 166 466 112 HOH HOH A . 
D 4 HOH 167 467 121 HOH HOH A . 
D 4 HOH 168 468 86  HOH HOH A . 
D 4 HOH 169 469 76  HOH HOH A . 
D 4 HOH 170 470 184 HOH HOH A . 
D 4 HOH 171 471 104 HOH HOH A . 
# 
loop_
_software.citation_id 
_software.classification 
_software.compiler_name 
_software.compiler_version 
_software.contact_author 
_software.contact_author_email 
_software.date 
_software.description 
_software.dependencies 
_software.hardware 
_software.language 
_software.location 
_software.mods 
_software.name 
_software.os 
_software.os_version 
_software.type 
_software.version 
_software.pdbx_ordinal 
? refinement        ? ? ? ? ? ? ? ? ? ? ? PHENIX      ? ? ? 1.17.1_3660 1 
? 'data extraction' ? ? ? ? ? ? ? ? ? ? ? PDB_EXTRACT ? ? ? 3.27        2 
? 'data reduction'  ? ? ? ? ? ? ? ? ? ? ? HKL-3000    ? ? ? .           3 
? 'data scaling'    ? ? ? ? ? ? ? ? ? ? ? HKL-3000    ? ? ? .           4 
? phasing           ? ? ? ? ? ? ? ? ? ? ? PHASER      ? ? ? .           5 
# 
_cell.angle_alpha                  90.000 
_cell.angle_alpha_esd              ? 
_cell.angle_beta                   90.000 
_cell.angle_beta_esd               ? 
_cell.angle_gamma                  120.000 
_cell.angle_gamma_esd              ? 
_cell.entry_id                     7EKV 
_cell.details                      ? 
_cell.formula_units_Z              ? 
_cell.length_a                     68.637 
_cell.length_a_esd                 ? 
_cell.length_b                     68.637 
_cell.length_b_esd                 ? 
_cell.length_c                     79.813 
_cell.length_c_esd                 ? 
_cell.volume                       ? 
_cell.volume_esd                   ? 
_cell.Z_PDB                        6 
_cell.reciprocal_angle_alpha       ? 
_cell.reciprocal_angle_beta        ? 
_cell.reciprocal_angle_gamma       ? 
_cell.reciprocal_angle_alpha_esd   ? 
_cell.reciprocal_angle_beta_esd    ? 
_cell.reciprocal_angle_gamma_esd   ? 
_cell.reciprocal_length_a          ? 
_cell.reciprocal_length_b          ? 
_cell.reciprocal_length_c          ? 
_cell.reciprocal_length_a_esd      ? 
_cell.reciprocal_length_b_esd      ? 
_cell.reciprocal_length_c_esd      ? 
_cell.pdbx_unique_axis             ? 
# 
_symmetry.entry_id                         7EKV 
_symmetry.cell_setting                     ? 
_symmetry.Int_Tables_number                152 
_symmetry.space_group_name_Hall            ? 
_symmetry.space_group_name_H-M             'P 31 2 1' 
_symmetry.pdbx_full_space_group_name_H-M   ? 
# 
_exptl.absorpt_coefficient_mu     ? 
_exptl.absorpt_correction_T_max   ? 
_exptl.absorpt_correction_T_min   ? 
_exptl.absorpt_correction_type    ? 
_exptl.absorpt_process_details    ? 
_exptl.entry_id                   7EKV 
_exptl.crystals_number            1 
_exptl.details                    ? 
_exptl.method                     'X-RAY DIFFRACTION' 
_exptl.method_details             ? 
# 
_exptl_crystal.colour                      ? 
_exptl_crystal.density_diffrn              ? 
_exptl_crystal.density_Matthews            2.67 
_exptl_crystal.density_method              ? 
_exptl_crystal.density_percent_sol         58.15 
_exptl_crystal.description                 ? 
_exptl_crystal.F_000                       ? 
_exptl_crystal.id                          1 
_exptl_crystal.preparation                 ? 
_exptl_crystal.size_max                    ? 
_exptl_crystal.size_mid                    ? 
_exptl_crystal.size_min                    ? 
_exptl_crystal.size_rad                    ? 
_exptl_crystal.colour_lustre               ? 
_exptl_crystal.colour_modifier             ? 
_exptl_crystal.colour_primary              ? 
_exptl_crystal.density_meas                ? 
_exptl_crystal.density_meas_esd            ? 
_exptl_crystal.density_meas_gt             ? 
_exptl_crystal.density_meas_lt             ? 
_exptl_crystal.density_meas_temp           ? 
_exptl_crystal.density_meas_temp_esd       ? 
_exptl_crystal.density_meas_temp_gt        ? 
_exptl_crystal.density_meas_temp_lt        ? 
_exptl_crystal.pdbx_crystal_image_url      ? 
_exptl_crystal.pdbx_crystal_image_format   ? 
_exptl_crystal.pdbx_mosaicity              ? 
_exptl_crystal.pdbx_mosaicity_esd          ? 
# 
_exptl_crystal_grow.apparatus       ? 
_exptl_crystal_grow.atmosphere      ? 
_exptl_crystal_grow.crystal_id      1 
_exptl_crystal_grow.details         ? 
_exptl_crystal_grow.method          'VAPOR DIFFUSION, HANGING DROP' 
_exptl_crystal_grow.method_ref      ? 
_exptl_crystal_grow.pH              7.4 
_exptl_crystal_grow.pressure        ? 
_exptl_crystal_grow.pressure_esd    ? 
_exptl_crystal_grow.seeding         ? 
_exptl_crystal_grow.seeding_ref     ? 
_exptl_crystal_grow.temp            277.15 
_exptl_crystal_grow.temp_details    ? 
_exptl_crystal_grow.temp_esd        ? 
_exptl_crystal_grow.time            ? 
_exptl_crystal_grow.pdbx_details    '2M Ammonium Sulfate, 1% PEG400, 100mM HEPES, pH 7.5' 
_exptl_crystal_grow.pdbx_pH_range   7.4-7.6 
# 
_diffrn.ambient_environment              ? 
_diffrn.ambient_temp                     100 
_diffrn.ambient_temp_details             ? 
_diffrn.ambient_temp_esd                 ? 
_diffrn.crystal_id                       1 
_diffrn.crystal_support                  ? 
_diffrn.crystal_treatment                ? 
_diffrn.details                          ? 
_diffrn.id                               1 
_diffrn.ambient_pressure                 ? 
_diffrn.ambient_pressure_esd             ? 
_diffrn.ambient_pressure_gt              ? 
_diffrn.ambient_pressure_lt              ? 
_diffrn.ambient_temp_gt                  ? 
_diffrn.ambient_temp_lt                  ? 
_diffrn.pdbx_serial_crystal_experiment   N 
# 
_diffrn_detector.details                      ? 
_diffrn_detector.detector                     PIXEL 
_diffrn_detector.diffrn_id                    1 
_diffrn_detector.type                         'DECTRIS PILATUS 6M' 
_diffrn_detector.area_resol_mean              ? 
_diffrn_detector.dtime                        ? 
_diffrn_detector.pdbx_frames_total            ? 
_diffrn_detector.pdbx_collection_time_total   ? 
_diffrn_detector.pdbx_collection_date         2021-01-29 
_diffrn_detector.pdbx_frequency               ? 
# 
_diffrn_radiation.collimation                      ? 
_diffrn_radiation.diffrn_id                        1 
_diffrn_radiation.filter_edge                      ? 
_diffrn_radiation.inhomogeneity                    ? 
_diffrn_radiation.monochromator                    ? 
_diffrn_radiation.polarisn_norm                    ? 
_diffrn_radiation.polarisn_ratio                   ? 
_diffrn_radiation.probe                            ? 
_diffrn_radiation.type                             ? 
_diffrn_radiation.xray_symbol                      ? 
_diffrn_radiation.wavelength_id                    1 
_diffrn_radiation.pdbx_monochromatic_or_laue_m_l   M 
_diffrn_radiation.pdbx_wavelength_list             ? 
_diffrn_radiation.pdbx_wavelength                  ? 
_diffrn_radiation.pdbx_diffrn_protocol             'SINGLE WAVELENGTH' 
_diffrn_radiation.pdbx_analyzer                    ? 
_diffrn_radiation.pdbx_scattering_type             x-ray 
# 
_diffrn_radiation_wavelength.id           1 
_diffrn_radiation_wavelength.wavelength   0.9785 
_diffrn_radiation_wavelength.wt           1.0 
# 
_diffrn_source.current                     ? 
_diffrn_source.details                     ? 
_diffrn_source.diffrn_id                   1 
_diffrn_source.power                       ? 
_diffrn_source.size                        ? 
_diffrn_source.source                      SYNCHROTRON 
_diffrn_source.target                      ? 
_diffrn_source.type                        'SSRF BEAMLINE BL19U1' 
_diffrn_source.voltage                     ? 
_diffrn_source.take-off_angle              ? 
_diffrn_source.pdbx_wavelength_list        0.9785 
_diffrn_source.pdbx_wavelength             ? 
_diffrn_source.pdbx_synchrotron_beamline   BL19U1 
_diffrn_source.pdbx_synchrotron_site       SSRF 
# 
_reflns.B_iso_Wilson_estimate                          ? 
_reflns.entry_id                                       7EKV 
_reflns.data_reduction_details                         ? 
_reflns.data_reduction_method                          ? 
_reflns.d_resolution_high                              1.95 
_reflns.d_resolution_low                               50 
_reflns.details                                        ? 
_reflns.limit_h_max                                    ? 
_reflns.limit_h_min                                    ? 
_reflns.limit_k_max                                    ? 
_reflns.limit_k_min                                    ? 
_reflns.limit_l_max                                    ? 
_reflns.limit_l_min                                    ? 
_reflns.number_all                                     ? 
_reflns.number_obs                                     16326 
_reflns.observed_criterion                             ? 
_reflns.observed_criterion_F_max                       ? 
_reflns.observed_criterion_F_min                       ? 
_reflns.observed_criterion_I_max                       ? 
_reflns.observed_criterion_I_min                       ? 
_reflns.observed_criterion_sigma_F                     ? 
_reflns.observed_criterion_sigma_I                     ? 
_reflns.percent_possible_obs                           99.93 
_reflns.R_free_details                                 ? 
_reflns.Rmerge_F_all                                   ? 
_reflns.Rmerge_F_obs                                   ? 
_reflns.Friedel_coverage                               ? 
_reflns.number_gt                                      ? 
_reflns.threshold_expression                           ? 
_reflns.pdbx_redundancy                                19.2 
_reflns.pdbx_Rmerge_I_obs                              0.08031 
_reflns.pdbx_Rmerge_I_all                              ? 
_reflns.pdbx_Rsym_value                                ? 
_reflns.pdbx_netI_over_av_sigmaI                       ? 
_reflns.pdbx_netI_over_sigmaI                          41.92 
_reflns.pdbx_res_netI_over_av_sigmaI_2                 ? 
_reflns.pdbx_res_netI_over_sigmaI_2                    ? 
_reflns.pdbx_chi_squared                               ? 
_reflns.pdbx_scaling_rejects                           ? 
_reflns.pdbx_d_res_high_opt                            ? 
_reflns.pdbx_d_res_low_opt                             ? 
_reflns.pdbx_d_res_opt_method                          ? 
_reflns.phase_calculation_details                      ? 
_reflns.pdbx_Rrim_I_all                                ? 
_reflns.pdbx_Rpim_I_all                                ? 
_reflns.pdbx_d_opt                                     ? 
_reflns.pdbx_number_measured_all                       ? 
_reflns.pdbx_diffrn_id                                 1 
_reflns.pdbx_ordinal                                   1 
_reflns.pdbx_CC_half                                   ? 
_reflns.pdbx_CC_star                                   ? 
_reflns.pdbx_R_split                                   ? 
_reflns.pdbx_aniso_diffraction_limit_axis_1_ortho[1]   ? 
_reflns.pdbx_aniso_diffraction_limit_axis_1_ortho[2]   ? 
_reflns.pdbx_aniso_diffraction_limit_axis_1_ortho[3]   ? 
_reflns.pdbx_aniso_diffraction_limit_axis_2_ortho[1]   ? 
_reflns.pdbx_aniso_diffraction_limit_axis_2_ortho[2]   ? 
_reflns.pdbx_aniso_diffraction_limit_axis_2_ortho[3]   ? 
_reflns.pdbx_aniso_diffraction_limit_axis_3_ortho[1]   ? 
_reflns.pdbx_aniso_diffraction_limit_axis_3_ortho[2]   ? 
_reflns.pdbx_aniso_diffraction_limit_axis_3_ortho[3]   ? 
_reflns.pdbx_aniso_diffraction_limit_1                 ? 
_reflns.pdbx_aniso_diffraction_limit_2                 ? 
_reflns.pdbx_aniso_diffraction_limit_3                 ? 
_reflns.pdbx_aniso_B_tensor_eigenvector_1_ortho[1]     ? 
_reflns.pdbx_aniso_B_tensor_eigenvector_1_ortho[2]     ? 
_reflns.pdbx_aniso_B_tensor_eigenvector_1_ortho[3]     ? 
_reflns.pdbx_aniso_B_tensor_eigenvector_2_ortho[1]     ? 
_reflns.pdbx_aniso_B_tensor_eigenvector_2_ortho[2]     ? 
_reflns.pdbx_aniso_B_tensor_eigenvector_2_ortho[3]     ? 
_reflns.pdbx_aniso_B_tensor_eigenvector_3_ortho[1]     ? 
_reflns.pdbx_aniso_B_tensor_eigenvector_3_ortho[2]     ? 
_reflns.pdbx_aniso_B_tensor_eigenvector_3_ortho[3]     ? 
_reflns.pdbx_aniso_B_tensor_eigenvalue_1               ? 
_reflns.pdbx_aniso_B_tensor_eigenvalue_2               ? 
_reflns.pdbx_aniso_B_tensor_eigenvalue_3               ? 
_reflns.pdbx_orthogonalization_convention              ? 
_reflns.pdbx_percent_possible_ellipsoidal              ? 
_reflns.pdbx_percent_possible_spherical                ? 
_reflns.pdbx_percent_possible_ellipsoidal_anomalous    ? 
_reflns.pdbx_percent_possible_spherical_anomalous      ? 
_reflns.pdbx_redundancy_anomalous                      ? 
_reflns.pdbx_CC_half_anomalous                         ? 
_reflns.pdbx_absDiff_over_sigma_anomalous              ? 
_reflns.pdbx_percent_possible_anomalous                ? 
_reflns.pdbx_observed_signal_threshold                 ? 
_reflns.pdbx_signal_type                               ? 
_reflns.pdbx_signal_details                            ? 
_reflns.pdbx_signal_software_id                        ? 
# 
_reflns_shell.d_res_high                                    1.95 
_reflns_shell.d_res_low                                     2.02 
_reflns_shell.meanI_over_sigI_all                           ? 
_reflns_shell.meanI_over_sigI_obs                           ? 
_reflns_shell.number_measured_all                           ? 
_reflns_shell.number_measured_obs                           ? 
_reflns_shell.number_possible                               ? 
_reflns_shell.number_unique_all                             ? 
_reflns_shell.number_unique_obs                             1597 
_reflns_shell.percent_possible_all                          99.94 
_reflns_shell.percent_possible_obs                          ? 
_reflns_shell.Rmerge_F_all                                  ? 
_reflns_shell.Rmerge_F_obs                                  ? 
_reflns_shell.Rmerge_I_all                                  ? 
_reflns_shell.Rmerge_I_obs                                  ? 
_reflns_shell.meanI_over_sigI_gt                            ? 
_reflns_shell.meanI_over_uI_all                             ? 
_reflns_shell.meanI_over_uI_gt                              ? 
_reflns_shell.number_measured_gt                            ? 
_reflns_shell.number_unique_gt                              ? 
_reflns_shell.percent_possible_gt                           ? 
_reflns_shell.Rmerge_F_gt                                   ? 
_reflns_shell.Rmerge_I_gt                                   ? 
_reflns_shell.pdbx_redundancy                               ? 
_reflns_shell.pdbx_Rsym_value                               ? 
_reflns_shell.pdbx_chi_squared                              ? 
_reflns_shell.pdbx_netI_over_sigmaI_all                     ? 
_reflns_shell.pdbx_netI_over_sigmaI_obs                     ? 
_reflns_shell.pdbx_Rrim_I_all                               ? 
_reflns_shell.pdbx_Rpim_I_all                               ? 
_reflns_shell.pdbx_rejects                                  ? 
_reflns_shell.pdbx_ordinal                                  1 
_reflns_shell.pdbx_diffrn_id                                1 
_reflns_shell.pdbx_CC_half                                  0.988 
_reflns_shell.pdbx_CC_star                                  0.997 
_reflns_shell.pdbx_R_split                                  ? 
_reflns_shell.pdbx_percent_possible_ellipsoidal             ? 
_reflns_shell.pdbx_percent_possible_spherical               ? 
_reflns_shell.pdbx_percent_possible_ellipsoidal_anomalous   ? 
_reflns_shell.pdbx_percent_possible_spherical_anomalous     ? 
_reflns_shell.pdbx_redundancy_anomalous                     ? 
_reflns_shell.pdbx_CC_half_anomalous                        ? 
_reflns_shell.pdbx_absDiff_over_sigma_anomalous             ? 
_reflns_shell.pdbx_percent_possible_anomalous               ? 
# 
_refine.aniso_B[1][1]                            ? 
_refine.aniso_B[1][2]                            ? 
_refine.aniso_B[1][3]                            ? 
_refine.aniso_B[2][2]                            ? 
_refine.aniso_B[2][3]                            ? 
_refine.aniso_B[3][3]                            ? 
_refine.B_iso_max                                57.260 
_refine.B_iso_mean                               20.1142 
_refine.B_iso_min                                4.990 
_refine.correlation_coeff_Fo_to_Fc               ? 
_refine.correlation_coeff_Fo_to_Fc_free          ? 
_refine.details                                  ? 
_refine.diff_density_max                         ? 
_refine.diff_density_max_esd                     ? 
_refine.diff_density_min                         ? 
_refine.diff_density_min_esd                     ? 
_refine.diff_density_rms                         ? 
_refine.diff_density_rms_esd                     ? 
_refine.entry_id                                 7EKV 
_refine.pdbx_refine_id                           'X-RAY DIFFRACTION' 
_refine.ls_abs_structure_details                 ? 
_refine.ls_abs_structure_Flack                   ? 
_refine.ls_abs_structure_Flack_esd               ? 
_refine.ls_abs_structure_Rogers                  ? 
_refine.ls_abs_structure_Rogers_esd              ? 
_refine.ls_d_res_high                            1.9500 
_refine.ls_d_res_low                             33.13 
_refine.ls_extinction_coef                       ? 
_refine.ls_extinction_coef_esd                   ? 
_refine.ls_extinction_expression                 ? 
_refine.ls_extinction_method                     ? 
_refine.ls_goodness_of_fit_all                   ? 
_refine.ls_goodness_of_fit_all_esd               ? 
_refine.ls_goodness_of_fit_obs                   ? 
_refine.ls_goodness_of_fit_obs_esd               ? 
_refine.ls_hydrogen_treatment                    ? 
_refine.ls_matrix_type                           ? 
_refine.ls_number_constraints                    ? 
_refine.ls_number_parameters                     ? 
_refine.ls_number_reflns_all                     ? 
_refine.ls_number_reflns_obs                     16326 
_refine.ls_number_reflns_R_free                  1630 
_refine.ls_number_reflns_R_work                  14696 
_refine.ls_number_restraints                     ? 
_refine.ls_percent_reflns_obs                    99.8800 
_refine.ls_percent_reflns_R_free                 9.9800 
_refine.ls_R_factor_all                          ? 
_refine.ls_R_factor_obs                          0.2011 
_refine.ls_R_factor_R_free                       0.2349 
_refine.ls_R_factor_R_free_error                 ? 
_refine.ls_R_factor_R_free_error_details         ? 
_refine.ls_R_factor_R_work                       0.1974 
_refine.ls_R_Fsqd_factor_obs                     ? 
_refine.ls_R_I_factor_obs                        ? 
_refine.ls_redundancy_reflns_all                 ? 
_refine.ls_redundancy_reflns_obs                 ? 
_refine.ls_restrained_S_all                      ? 
_refine.ls_restrained_S_obs                      ? 
_refine.ls_shift_over_esd_max                    ? 
_refine.ls_shift_over_esd_mean                   ? 
_refine.ls_structure_factor_coef                 ? 
_refine.ls_weighting_details                     ? 
_refine.ls_weighting_scheme                      ? 
_refine.ls_wR_factor_all                         ? 
_refine.ls_wR_factor_obs                         ? 
_refine.ls_wR_factor_R_free                      ? 
_refine.ls_wR_factor_R_work                      ? 
_refine.occupancy_max                            ? 
_refine.occupancy_min                            ? 
_refine.solvent_model_details                    'FLAT BULK SOLVENT MODEL' 
_refine.solvent_model_param_bsol                 ? 
_refine.solvent_model_param_ksol                 ? 
_refine.pdbx_R_complete                          ? 
_refine.ls_R_factor_gt                           ? 
_refine.ls_goodness_of_fit_gt                    ? 
_refine.ls_goodness_of_fit_ref                   ? 
_refine.ls_shift_over_su_max                     ? 
_refine.ls_shift_over_su_max_lt                  ? 
_refine.ls_shift_over_su_mean                    ? 
_refine.ls_shift_over_su_mean_lt                 ? 
_refine.pdbx_ls_sigma_I                          ? 
_refine.pdbx_ls_sigma_F                          1.370 
_refine.pdbx_ls_sigma_Fsqd                       ? 
_refine.pdbx_data_cutoff_high_absF               ? 
_refine.pdbx_data_cutoff_high_rms_absF           ? 
_refine.pdbx_data_cutoff_low_absF                ? 
_refine.pdbx_isotropic_thermal_model             ? 
_refine.pdbx_ls_cross_valid_method               'FREE R-VALUE' 
_refine.pdbx_method_to_determine_struct          'MOLECULAR REPLACEMENT' 
_refine.pdbx_starting_model                      3NTP 
_refine.pdbx_stereochemistry_target_values       ML 
_refine.pdbx_R_Free_selection_details            ? 
_refine.pdbx_stereochem_target_val_spec_case     ? 
_refine.pdbx_overall_ESU_R                       ? 
_refine.pdbx_overall_ESU_R_Free                  ? 
_refine.pdbx_solvent_vdw_probe_radii             1.1100 
_refine.pdbx_solvent_ion_probe_radii             ? 
_refine.pdbx_solvent_shrinkage_radii             0.9000 
_refine.pdbx_real_space_R                        ? 
_refine.pdbx_density_correlation                 ? 
_refine.pdbx_pd_number_of_powder_patterns        ? 
_refine.pdbx_pd_number_of_points                 ? 
_refine.pdbx_pd_meas_number_of_points            ? 
_refine.pdbx_pd_proc_ls_prof_R_factor            ? 
_refine.pdbx_pd_proc_ls_prof_wR_factor           ? 
_refine.pdbx_pd_Marquardt_correlation_coeff      ? 
_refine.pdbx_pd_Fsqrd_R_factor                   ? 
_refine.pdbx_pd_ls_matrix_band_width             ? 
_refine.pdbx_overall_phase_error                 22.2400 
_refine.pdbx_overall_SU_R_free_Cruickshank_DPI   ? 
_refine.pdbx_overall_SU_R_free_Blow_DPI          ? 
_refine.pdbx_overall_SU_R_Blow_DPI               ? 
_refine.pdbx_TLS_residual_ADP_flag               ? 
_refine.pdbx_diffrn_id                           1 
_refine.overall_SU_B                             ? 
_refine.overall_SU_ML                            0.1900 
_refine.overall_SU_R_Cruickshank_DPI             ? 
_refine.overall_SU_R_free                        ? 
_refine.overall_FOM_free_R_set                   ? 
_refine.overall_FOM_work_R_set                   ? 
_refine.pdbx_average_fsc_overall                 ? 
_refine.pdbx_average_fsc_work                    ? 
_refine.pdbx_average_fsc_free                    ? 
# 
_refine_hist.pdbx_refine_id                   'X-RAY DIFFRACTION' 
_refine_hist.cycle_id                         final 
_refine_hist.details                          ? 
_refine_hist.d_res_high                       1.9500 
_refine_hist.d_res_low                        33.13 
_refine_hist.number_atoms_solvent             171 
_refine_hist.number_atoms_total               1387 
_refine_hist.number_reflns_all                ? 
_refine_hist.number_reflns_obs                ? 
_refine_hist.number_reflns_R_free             ? 
_refine_hist.number_reflns_R_work             ? 
_refine_hist.R_factor_all                     ? 
_refine_hist.R_factor_obs                     ? 
_refine_hist.R_factor_R_free                  ? 
_refine_hist.R_factor_R_work                  ? 
_refine_hist.pdbx_number_residues_total       146 
_refine_hist.pdbx_B_iso_mean_ligand           24.06 
_refine_hist.pdbx_B_iso_mean_solvent          28.29 
_refine_hist.pdbx_number_atoms_protein        1165 
_refine_hist.pdbx_number_atoms_nucleic_acid   0 
_refine_hist.pdbx_number_atoms_ligand         51 
_refine_hist.pdbx_number_atoms_lipid          ? 
_refine_hist.pdbx_number_atoms_carb           ? 
_refine_hist.pdbx_pseudo_atom_details         ? 
# 
loop_
_refine_ls_shell.pdbx_refine_id 
_refine_ls_shell.d_res_high 
_refine_ls_shell.d_res_low 
_refine_ls_shell.number_reflns_all 
_refine_ls_shell.number_reflns_obs 
_refine_ls_shell.number_reflns_R_free 
_refine_ls_shell.number_reflns_R_work 
_refine_ls_shell.percent_reflns_obs 
_refine_ls_shell.percent_reflns_R_free 
_refine_ls_shell.R_factor_all 
_refine_ls_shell.R_factor_obs 
_refine_ls_shell.R_factor_R_free 
_refine_ls_shell.R_factor_R_free_error 
_refine_ls_shell.R_factor_R_work 
_refine_ls_shell.redundancy_reflns_all 
_refine_ls_shell.redundancy_reflns_obs 
_refine_ls_shell.wR_factor_all 
_refine_ls_shell.wR_factor_obs 
_refine_ls_shell.wR_factor_R_free 
_refine_ls_shell.wR_factor_R_work 
_refine_ls_shell.pdbx_R_complete 
_refine_ls_shell.pdbx_total_number_of_bins_used 
_refine_ls_shell.pdbx_phase_error 
_refine_ls_shell.pdbx_fsc_work 
_refine_ls_shell.pdbx_fsc_free 
'X-RAY DIFFRACTION' 1.9500 2.0100  1305 . 133 1172 99.0000  . . . 0.2907 0.0000 0.2363 . . . . . . . 12 . . . 
'X-RAY DIFFRACTION' 2.0100 2.0700  1349 . 134 1215 100.0000 . . . 0.2495 0.0000 0.2272 . . . . . . . 12 . . . 
'X-RAY DIFFRACTION' 2.0700 2.1400  1336 . 135 1201 100.0000 . . . 0.2565 0.0000 0.2096 . . . . . . . 12 . . . 
'X-RAY DIFFRACTION' 2.1400 2.2300  1354 . 138 1216 100.0000 . . . 0.2354 0.0000 0.2093 . . . . . . . 12 . . . 
'X-RAY DIFFRACTION' 2.2300 2.3300  1333 . 134 1199 100.0000 . . . 0.2530 0.0000 0.2176 . . . . . . . 12 . . . 
'X-RAY DIFFRACTION' 2.3300 2.4500  1366 . 134 1232 100.0000 . . . 0.2839 0.0000 0.2216 . . . . . . . 12 . . . 
'X-RAY DIFFRACTION' 2.4600 2.6100  1338 . 128 1210 100.0000 . . . 0.2608 0.0000 0.2107 . . . . . . . 12 . . . 
'X-RAY DIFFRACTION' 2.6100 2.8100  1349 . 139 1210 100.0000 . . . 0.2663 0.0000 0.2079 . . . . . . . 12 . . . 
'X-RAY DIFFRACTION' 2.8100 3.0900  1370 . 133 1237 100.0000 . . . 0.2355 0.0000 0.1987 . . . . . . . 12 . . . 
'X-RAY DIFFRACTION' 3.0900 3.5400  1368 . 142 1226 100.0000 . . . 0.2374 0.0000 0.1879 . . . . . . . 12 . . . 
'X-RAY DIFFRACTION' 3.5400 4.4600  1390 . 135 1255 100.0000 . . . 0.2059 0.0000 0.1553 . . . . . . . 12 . . . 
'X-RAY DIFFRACTION' 4.4600 33.1300 1468 . 145 1323 100.0000 . . . 0.1891 0.0000 0.1932 . . . . . . . 12 . . . 
# 
_struct.entry_id                     7EKV 
_struct.title                        'Crystal Structure of human Pin1 complexed with a covalent inhibitor' 
_struct.pdbx_model_details           ? 
_struct.pdbx_formula_weight          ? 
_struct.pdbx_formula_weight_method   ? 
_struct.pdbx_model_type_details      ? 
_struct.pdbx_CASP_flag               N 
# 
_struct_keywords.entry_id        7EKV 
_struct_keywords.text            'covalent, inhibitor, complex, isomerase' 
_struct_keywords.pdbx_keywords   ISOMERASE 
# 
loop_
_struct_asym.id 
_struct_asym.pdbx_blank_PDB_chainid_flag 
_struct_asym.pdbx_modified 
_struct_asym.entity_id 
_struct_asym.details 
A N N 1 ? 
B N N 2 ? 
C N N 3 ? 
D N N 4 ? 
# 
_struct_ref.id                         1 
_struct_ref.db_name                    UNP 
_struct_ref.db_code                    PIN1_HUMAN 
_struct_ref.pdbx_db_accession          Q13526 
_struct_ref.pdbx_db_isoform            ? 
_struct_ref.entity_id                  1 
_struct_ref.pdbx_seq_one_letter_code   
;MADEEKLPPGWEKRMSRSSGRVYYFNHITNASQWERPSGNSSSGGKNGQGEPARVRCSHLLVKHSQSRRPSSWRQEKITR
TKEEALELINGYIQKIKSGEEDFESLASQFSDCSSAKARGDLGAFSRGQMQKPFEDASFALRTGEMSGPVFTDSGIHIIL
RTE
;
_struct_ref.pdbx_align_begin           1 
# 
_struct_ref_seq.align_id                      1 
_struct_ref_seq.ref_id                        1 
_struct_ref_seq.pdbx_PDB_id_code              7EKV 
_struct_ref_seq.pdbx_strand_id                A 
_struct_ref_seq.seq_align_beg                 21 
_struct_ref_seq.pdbx_seq_align_beg_ins_code   ? 
_struct_ref_seq.seq_align_end                 183 
_struct_ref_seq.pdbx_seq_align_end_ins_code   ? 
_struct_ref_seq.pdbx_db_accession             Q13526 
_struct_ref_seq.db_align_beg                  1 
_struct_ref_seq.pdbx_db_align_beg_ins_code    ? 
_struct_ref_seq.db_align_end                  163 
_struct_ref_seq.pdbx_db_align_end_ins_code    ? 
_struct_ref_seq.pdbx_auth_seq_align_beg       1 
_struct_ref_seq.pdbx_auth_seq_align_end       163 
# 
loop_
_struct_ref_seq_dif.align_id 
_struct_ref_seq_dif.pdbx_pdb_id_code 
_struct_ref_seq_dif.mon_id 
_struct_ref_seq_dif.pdbx_pdb_strand_id 
_struct_ref_seq_dif.seq_num 
_struct_ref_seq_dif.pdbx_pdb_ins_code 
_struct_ref_seq_dif.pdbx_seq_db_name 
_struct_ref_seq_dif.pdbx_seq_db_accession_code 
_struct_ref_seq_dif.db_mon_id 
_struct_ref_seq_dif.pdbx_seq_db_seq_num 
_struct_ref_seq_dif.details 
_struct_ref_seq_dif.pdbx_auth_seq_num 
_struct_ref_seq_dif.pdbx_ordinal 
1 7EKV MET A 1  ? UNP Q13526 ?   ?  'initiating methionine' -19 1  
1 7EKV GLY A 2  ? UNP Q13526 ?   ?  'expression tag'        -18 2  
1 7EKV SER A 3  ? UNP Q13526 ?   ?  'expression tag'        -17 3  
1 7EKV SER A 4  ? UNP Q13526 ?   ?  'expression tag'        -16 4  
1 7EKV HIS A 5  ? UNP Q13526 ?   ?  'expression tag'        -15 5  
1 7EKV HIS A 6  ? UNP Q13526 ?   ?  'expression tag'        -14 6  
1 7EKV HIS A 7  ? UNP Q13526 ?   ?  'expression tag'        -13 7  
1 7EKV HIS A 8  ? UNP Q13526 ?   ?  'expression tag'        -12 8  
1 7EKV HIS A 9  ? UNP Q13526 ?   ?  'expression tag'        -11 9  
1 7EKV HIS A 10 ? UNP Q13526 ?   ?  'expression tag'        -10 10 
1 7EKV SER A 11 ? UNP Q13526 ?   ?  'expression tag'        -9  11 
1 7EKV SER A 12 ? UNP Q13526 ?   ?  'expression tag'        -8  12 
1 7EKV GLY A 13 ? UNP Q13526 ?   ?  'expression tag'        -7  13 
1 7EKV LEU A 14 ? UNP Q13526 ?   ?  'expression tag'        -6  14 
1 7EKV VAL A 15 ? UNP Q13526 ?   ?  'expression tag'        -5  15 
1 7EKV PRO A 16 ? UNP Q13526 ?   ?  'expression tag'        -4  16 
1 7EKV ARG A 17 ? UNP Q13526 ?   ?  'expression tag'        -3  17 
1 7EKV GLY A 18 ? UNP Q13526 ?   ?  'expression tag'        -2  18 
1 7EKV SER A 19 ? UNP Q13526 ?   ?  'expression tag'        -1  19 
1 7EKV HIS A 20 ? UNP Q13526 ?   ?  'expression tag'        0   20 
1 7EKV ALA A 34 ? UNP Q13526 ARG 14 'engineered mutation'   14  21 
# 
_pdbx_struct_assembly.id                   1 
_pdbx_struct_assembly.details              author_and_software_defined_assembly 
_pdbx_struct_assembly.method_details       PISA 
_pdbx_struct_assembly.oligomeric_details   monomeric 
_pdbx_struct_assembly.oligomeric_count     1 
# 
loop_
_pdbx_struct_assembly_prop.biol_id 
_pdbx_struct_assembly_prop.type 
_pdbx_struct_assembly_prop.value 
_pdbx_struct_assembly_prop.details 
1 'ABSA (A^2)' 190  ? 
1 MORE         -0   ? 
1 'SSA (A^2)'  8640 ? 
# 
_pdbx_struct_assembly_gen.assembly_id       1 
_pdbx_struct_assembly_gen.oper_expression   1 
_pdbx_struct_assembly_gen.asym_id_list      A,B,C,D 
# 
_pdbx_struct_assembly_auth_evidence.id                     1 
_pdbx_struct_assembly_auth_evidence.assembly_id            1 
_pdbx_struct_assembly_auth_evidence.experimental_support   'gel filtration' 
_pdbx_struct_assembly_auth_evidence.details                ? 
# 
_pdbx_struct_oper_list.id                   1 
_pdbx_struct_oper_list.type                 'identity operation' 
_pdbx_struct_oper_list.name                 1_555 
_pdbx_struct_oper_list.symmetry_operation   x,y,z 
_pdbx_struct_oper_list.matrix[1][1]         1.0000000000 
_pdbx_struct_oper_list.matrix[1][2]         0.0000000000 
_pdbx_struct_oper_list.matrix[1][3]         0.0000000000 
_pdbx_struct_oper_list.vector[1]            0.0000000000 
_pdbx_struct_oper_list.matrix[2][1]         0.0000000000 
_pdbx_struct_oper_list.matrix[2][2]         1.0000000000 
_pdbx_struct_oper_list.matrix[2][3]         0.0000000000 
_pdbx_struct_oper_list.vector[2]            0.0000000000 
_pdbx_struct_oper_list.matrix[3][1]         0.0000000000 
_pdbx_struct_oper_list.matrix[3][2]         0.0000000000 
_pdbx_struct_oper_list.matrix[3][3]         1.0000000000 
_pdbx_struct_oper_list.vector[3]            0.0000000000 
# 
loop_
_struct_conf.conf_type_id 
_struct_conf.id 
_struct_conf.pdbx_PDB_helix_id 
_struct_conf.beg_label_comp_id 
_struct_conf.beg_label_asym_id 
_struct_conf.beg_label_seq_id 
_struct_conf.pdbx_beg_PDB_ins_code 
_struct_conf.end_label_comp_id 
_struct_conf.end_label_asym_id 
_struct_conf.end_label_seq_id 
_struct_conf.pdbx_end_PDB_ins_code 
_struct_conf.beg_auth_comp_id 
_struct_conf.beg_auth_asym_id 
_struct_conf.beg_auth_seq_id 
_struct_conf.end_auth_comp_id 
_struct_conf.end_auth_asym_id 
_struct_conf.end_auth_seq_id 
_struct_conf.pdbx_PDB_helix_class 
_struct_conf.details 
_struct_conf.pdbx_PDB_helix_length 
HELX_P HELX_P1 AA1 THR A 101 ? SER A 118 ? THR A 81  SER A 98  1 ? 18 
HELX_P HELX_P2 AA2 ASP A 122 ? SER A 131 ? ASP A 102 SER A 111 1 ? 10 
HELX_P HELX_P3 AA3 CYS A 133 ? ARG A 139 ? CYS A 113 ARG A 119 5 ? 7  
HELX_P HELX_P4 AA4 GLN A 151 ? LEU A 161 ? GLN A 131 LEU A 141 1 ? 11 
# 
_struct_conf_type.id          HELX_P 
_struct_conf_type.criteria    ? 
_struct_conf_type.reference   ? 
# 
_struct_conn.id                            covale1 
_struct_conn.conn_type_id                  covale 
_struct_conn.pdbx_leaving_atom_flag        none 
_struct_conn.pdbx_PDB_id                   ? 
_struct_conn.ptnr1_label_asym_id           A 
_struct_conn.ptnr1_label_comp_id           CYS 
_struct_conn.ptnr1_label_seq_id            133 
_struct_conn.ptnr1_label_atom_id           SG 
_struct_conn.pdbx_ptnr1_label_alt_id       ? 
_struct_conn.pdbx_ptnr1_PDB_ins_code       ? 
_struct_conn.pdbx_ptnr1_standard_comp_id   ? 
_struct_conn.ptnr1_symmetry                1_555 
_struct_conn.ptnr2_label_asym_id           B 
_struct_conn.ptnr2_label_comp_id           J50 
_struct_conn.ptnr2_label_seq_id            . 
_struct_conn.ptnr2_label_atom_id           C24 
_struct_conn.pdbx_ptnr2_label_alt_id       ? 
_struct_conn.pdbx_ptnr2_PDB_ins_code       ? 
_struct_conn.ptnr1_auth_asym_id            A 
_struct_conn.ptnr1_auth_comp_id            CYS 
_struct_conn.ptnr1_auth_seq_id             113 
_struct_conn.ptnr2_auth_asym_id            A 
_struct_conn.ptnr2_auth_comp_id            J50 
_struct_conn.ptnr2_auth_seq_id             201 
_struct_conn.ptnr2_symmetry                1_555 
_struct_conn.pdbx_ptnr3_label_atom_id      ? 
_struct_conn.pdbx_ptnr3_label_seq_id       ? 
_struct_conn.pdbx_ptnr3_label_comp_id      ? 
_struct_conn.pdbx_ptnr3_label_asym_id      ? 
_struct_conn.pdbx_ptnr3_label_alt_id       ? 
_struct_conn.pdbx_ptnr3_PDB_ins_code       ? 
_struct_conn.details                       ? 
_struct_conn.pdbx_dist_value               1.698 
_struct_conn.pdbx_value_order              ? 
_struct_conn.pdbx_role                     ? 
# 
_struct_conn_type.id          covale 
_struct_conn_type.criteria    ? 
_struct_conn_type.reference   ? 
# 
_pdbx_modification_feature.ordinal                            1 
_pdbx_modification_feature.label_comp_id                      J50 
_pdbx_modification_feature.label_asym_id                      B 
_pdbx_modification_feature.label_seq_id                       . 
_pdbx_modification_feature.label_alt_id                       ? 
_pdbx_modification_feature.modified_residue_label_comp_id     CYS 
_pdbx_modification_feature.modified_residue_label_asym_id     A 
_pdbx_modification_feature.modified_residue_label_seq_id      133 
_pdbx_modification_feature.modified_residue_label_alt_id      ? 
_pdbx_modification_feature.auth_comp_id                       J50 
_pdbx_modification_feature.auth_asym_id                       A 
_pdbx_modification_feature.auth_seq_id                        201 
_pdbx_modification_feature.PDB_ins_code                       ? 
_pdbx_modification_feature.symmetry                           1_555 
_pdbx_modification_feature.modified_residue_auth_comp_id      CYS 
_pdbx_modification_feature.modified_residue_auth_asym_id      A 
_pdbx_modification_feature.modified_residue_auth_seq_id       113 
_pdbx_modification_feature.modified_residue_PDB_ins_code      ? 
_pdbx_modification_feature.modified_residue_symmetry          1_555 
_pdbx_modification_feature.comp_id_linking_atom               C24 
_pdbx_modification_feature.modified_residue_id_linking_atom   SG 
_pdbx_modification_feature.modified_residue_id                CYS 
_pdbx_modification_feature.ref_pcm_id                         1 
_pdbx_modification_feature.ref_comp_id                        J50 
_pdbx_modification_feature.type                               None 
_pdbx_modification_feature.category                           'Covalent chemical modification' 
# 
loop_
_struct_sheet.id 
_struct_sheet.type 
_struct_sheet.number_strands 
_struct_sheet.details 
AA1 ? 3 ? 
AA2 ? 4 ? 
# 
loop_
_struct_sheet_order.sheet_id 
_struct_sheet_order.range_id_1 
_struct_sheet_order.range_id_2 
_struct_sheet_order.offset 
_struct_sheet_order.sense 
AA1 1 2 ? anti-parallel 
AA1 2 3 ? anti-parallel 
AA2 1 2 ? anti-parallel 
AA2 2 3 ? anti-parallel 
AA2 3 4 ? anti-parallel 
# 
loop_
_struct_sheet_range.sheet_id 
_struct_sheet_range.id 
_struct_sheet_range.beg_label_comp_id 
_struct_sheet_range.beg_label_asym_id 
_struct_sheet_range.beg_label_seq_id 
_struct_sheet_range.pdbx_beg_PDB_ins_code 
_struct_sheet_range.end_label_comp_id 
_struct_sheet_range.end_label_asym_id 
_struct_sheet_range.end_label_seq_id 
_struct_sheet_range.pdbx_end_PDB_ins_code 
_struct_sheet_range.beg_auth_comp_id 
_struct_sheet_range.beg_auth_asym_id 
_struct_sheet_range.beg_auth_seq_id 
_struct_sheet_range.end_auth_comp_id 
_struct_sheet_range.end_auth_asym_id 
_struct_sheet_range.end_auth_seq_id 
AA1 1 TRP A 31  ? MET A 35  ? TRP A 11  MET A 15  
AA1 2 VAL A 42  ? ASN A 46  ? VAL A 22  ASN A 26  
AA1 3 SER A 52  ? GLN A 53  ? SER A 32  GLN A 33  
AA2 1 ASP A 141 ? SER A 146 ? ASP A 121 SER A 126 
AA2 2 ARG A 74  ? VAL A 82  ? ARG A 54  VAL A 62  
AA2 3 GLY A 175 ? GLU A 183 ? GLY A 155 GLU A 163 
AA2 4 VAL A 170 ? THR A 172 ? VAL A 150 THR A 152 
# 
loop_
_pdbx_struct_sheet_hbond.sheet_id 
_pdbx_struct_sheet_hbond.range_id_1 
_pdbx_struct_sheet_hbond.range_id_2 
_pdbx_struct_sheet_hbond.range_1_label_atom_id 
_pdbx_struct_sheet_hbond.range_1_label_comp_id 
_pdbx_struct_sheet_hbond.range_1_label_asym_id 
_pdbx_struct_sheet_hbond.range_1_label_seq_id 
_pdbx_struct_sheet_hbond.range_1_PDB_ins_code 
_pdbx_struct_sheet_hbond.range_1_auth_atom_id 
_pdbx_struct_sheet_hbond.range_1_auth_comp_id 
_pdbx_struct_sheet_hbond.range_1_auth_asym_id 
_pdbx_struct_sheet_hbond.range_1_auth_seq_id 
_pdbx_struct_sheet_hbond.range_2_label_atom_id 
_pdbx_struct_sheet_hbond.range_2_label_comp_id 
_pdbx_struct_sheet_hbond.range_2_label_asym_id 
_pdbx_struct_sheet_hbond.range_2_label_seq_id 
_pdbx_struct_sheet_hbond.range_2_PDB_ins_code 
_pdbx_struct_sheet_hbond.range_2_auth_atom_id 
_pdbx_struct_sheet_hbond.range_2_auth_comp_id 
_pdbx_struct_sheet_hbond.range_2_auth_asym_id 
_pdbx_struct_sheet_hbond.range_2_auth_seq_id 
AA1 1 2 N GLU A 32  ? N GLU A 12  O PHE A 45  ? O PHE A 25  
AA1 2 3 N TYR A 44  ? N TYR A 24  O GLN A 53  ? O GLN A 33  
AA2 1 2 O LEU A 142 ? O LEU A 122 N CYS A 77  ? N CYS A 57  
AA2 2 3 N SER A 78  ? N SER A 58  O LEU A 180 ? O LEU A 160 
AA2 3 4 O HIS A 177 ? O HIS A 157 N VAL A 170 ? N VAL A 150 
# 
_pdbx_entry_details.entry_id                   7EKV 
_pdbx_entry_details.nonpolymer_details         ? 
_pdbx_entry_details.sequence_details           ? 
_pdbx_entry_details.compound_details           ? 
_pdbx_entry_details.source_details             ? 
_pdbx_entry_details.has_ligand_of_interest     Y 
_pdbx_entry_details.has_protein_modification   Y 
# 
loop_
_pdbx_validate_torsion.id 
_pdbx_validate_torsion.PDB_model_num 
_pdbx_validate_torsion.auth_comp_id 
_pdbx_validate_torsion.auth_asym_id 
_pdbx_validate_torsion.auth_seq_id 
_pdbx_validate_torsion.PDB_ins_code 
_pdbx_validate_torsion.label_alt_id 
_pdbx_validate_torsion.phi 
_pdbx_validate_torsion.psi 
1 1 LEU A 7   ? ? 72.97  124.10 
2 1 ASP A 112 ? ? -84.65 39.52  
# 
loop_
_pdbx_unobs_or_zero_occ_residues.id 
_pdbx_unobs_or_zero_occ_residues.PDB_model_num 
_pdbx_unobs_or_zero_occ_residues.polymer_flag 
_pdbx_unobs_or_zero_occ_residues.occupancy_flag 
_pdbx_unobs_or_zero_occ_residues.auth_asym_id 
_pdbx_unobs_or_zero_occ_residues.auth_comp_id 
_pdbx_unobs_or_zero_occ_residues.auth_seq_id 
_pdbx_unobs_or_zero_occ_residues.PDB_ins_code 
_pdbx_unobs_or_zero_occ_residues.label_asym_id 
_pdbx_unobs_or_zero_occ_residues.label_comp_id 
_pdbx_unobs_or_zero_occ_residues.label_seq_id 
1  1 Y 1 A MET -19 ? A MET 1  
2  1 Y 1 A GLY -18 ? A GLY 2  
3  1 Y 1 A SER -17 ? A SER 3  
4  1 Y 1 A SER -16 ? A SER 4  
5  1 Y 1 A HIS -15 ? A HIS 5  
6  1 Y 1 A HIS -14 ? A HIS 6  
7  1 Y 1 A HIS -13 ? A HIS 7  
8  1 Y 1 A HIS -12 ? A HIS 8  
9  1 Y 1 A HIS -11 ? A HIS 9  
10 1 Y 1 A HIS -10 ? A HIS 10 
11 1 Y 1 A SER -9  ? A SER 11 
12 1 Y 1 A SER -8  ? A SER 12 
13 1 Y 1 A GLY -7  ? A GLY 13 
14 1 Y 1 A LEU -6  ? A LEU 14 
15 1 Y 1 A VAL -5  ? A VAL 15 
16 1 Y 1 A PRO -4  ? A PRO 16 
17 1 Y 1 A ARG -3  ? A ARG 17 
18 1 Y 1 A GLY -2  ? A GLY 18 
19 1 Y 1 A SER -1  ? A SER 19 
20 1 Y 1 A HIS 0   ? A HIS 20 
21 1 Y 1 A MET 1   ? A MET 21 
22 1 Y 1 A ALA 2   ? A ALA 22 
23 1 Y 1 A ASP 3   ? A ASP 23 
24 1 Y 1 A GLU 4   ? A GLU 24 
25 1 Y 1 A GLU 5   ? A GLU 25 
26 1 Y 1 A GLY 39  ? A GLY 59 
27 1 Y 1 A ASN 40  ? A ASN 60 
28 1 Y 1 A SER 41  ? A SER 61 
29 1 Y 1 A SER 42  ? A SER 62 
30 1 Y 1 A SER 43  ? A SER 63 
31 1 Y 1 A GLY 44  ? A GLY 64 
32 1 Y 1 A GLY 45  ? A GLY 65 
33 1 Y 1 A LYS 46  ? A LYS 66 
34 1 Y 1 A ASN 47  ? A ASN 67 
35 1 Y 1 A GLY 48  ? A GLY 68 
36 1 Y 1 A GLN 49  ? A GLN 69 
37 1 Y 1 A GLY 50  ? A GLY 70 
# 
loop_
_chem_comp_atom.comp_id 
_chem_comp_atom.atom_id 
_chem_comp_atom.type_symbol 
_chem_comp_atom.pdbx_aromatic_flag 
_chem_comp_atom.pdbx_stereo_config 
_chem_comp_atom.pdbx_ordinal 
ALA N    N  N N 1   
ALA CA   C  N S 2   
ALA C    C  N N 3   
ALA O    O  N N 4   
ALA CB   C  N N 5   
ALA OXT  O  N N 6   
ALA H    H  N N 7   
ALA H2   H  N N 8   
ALA HA   H  N N 9   
ALA HB1  H  N N 10  
ALA HB2  H  N N 11  
ALA HB3  H  N N 12  
ALA HXT  H  N N 13  
ARG N    N  N N 14  
ARG CA   C  N S 15  
ARG C    C  N N 16  
ARG O    O  N N 17  
ARG CB   C  N N 18  
ARG CG   C  N N 19  
ARG CD   C  N N 20  
ARG NE   N  N N 21  
ARG CZ   C  N N 22  
ARG NH1  N  N N 23  
ARG NH2  N  N N 24  
ARG OXT  O  N N 25  
ARG H    H  N N 26  
ARG H2   H  N N 27  
ARG HA   H  N N 28  
ARG HB2  H  N N 29  
ARG HB3  H  N N 30  
ARG HG2  H  N N 31  
ARG HG3  H  N N 32  
ARG HD2  H  N N 33  
ARG HD3  H  N N 34  
ARG HE   H  N N 35  
ARG HH11 H  N N 36  
ARG HH12 H  N N 37  
ARG HH21 H  N N 38  
ARG HH22 H  N N 39  
ARG HXT  H  N N 40  
ASN N    N  N N 41  
ASN CA   C  N S 42  
ASN C    C  N N 43  
ASN O    O  N N 44  
ASN CB   C  N N 45  
ASN CG   C  N N 46  
ASN OD1  O  N N 47  
ASN ND2  N  N N 48  
ASN OXT  O  N N 49  
ASN H    H  N N 50  
ASN H2   H  N N 51  
ASN HA   H  N N 52  
ASN HB2  H  N N 53  
ASN HB3  H  N N 54  
ASN HD21 H  N N 55  
ASN HD22 H  N N 56  
ASN HXT  H  N N 57  
ASP N    N  N N 58  
ASP CA   C  N S 59  
ASP C    C  N N 60  
ASP O    O  N N 61  
ASP CB   C  N N 62  
ASP CG   C  N N 63  
ASP OD1  O  N N 64  
ASP OD2  O  N N 65  
ASP OXT  O  N N 66  
ASP H    H  N N 67  
ASP H2   H  N N 68  
ASP HA   H  N N 69  
ASP HB2  H  N N 70  
ASP HB3  H  N N 71  
ASP HD2  H  N N 72  
ASP HXT  H  N N 73  
CYS N    N  N N 74  
CYS CA   C  N R 75  
CYS C    C  N N 76  
CYS O    O  N N 77  
CYS CB   C  N N 78  
CYS SG   S  N N 79  
CYS OXT  O  N N 80  
CYS H    H  N N 81  
CYS H2   H  N N 82  
CYS HA   H  N N 83  
CYS HB2  H  N N 84  
CYS HB3  H  N N 85  
CYS HG   H  N N 86  
CYS HXT  H  N N 87  
GLN N    N  N N 88  
GLN CA   C  N S 89  
GLN C    C  N N 90  
GLN O    O  N N 91  
GLN CB   C  N N 92  
GLN CG   C  N N 93  
GLN CD   C  N N 94  
GLN OE1  O  N N 95  
GLN NE2  N  N N 96  
GLN OXT  O  N N 97  
GLN H    H  N N 98  
GLN H2   H  N N 99  
GLN HA   H  N N 100 
GLN HB2  H  N N 101 
GLN HB3  H  N N 102 
GLN HG2  H  N N 103 
GLN HG3  H  N N 104 
GLN HE21 H  N N 105 
GLN HE22 H  N N 106 
GLN HXT  H  N N 107 
GLU N    N  N N 108 
GLU CA   C  N S 109 
GLU C    C  N N 110 
GLU O    O  N N 111 
GLU CB   C  N N 112 
GLU CG   C  N N 113 
GLU CD   C  N N 114 
GLU OE1  O  N N 115 
GLU OE2  O  N N 116 
GLU OXT  O  N N 117 
GLU H    H  N N 118 
GLU H2   H  N N 119 
GLU HA   H  N N 120 
GLU HB2  H  N N 121 
GLU HB3  H  N N 122 
GLU HG2  H  N N 123 
GLU HG3  H  N N 124 
GLU HE2  H  N N 125 
GLU HXT  H  N N 126 
GLY N    N  N N 127 
GLY CA   C  N N 128 
GLY C    C  N N 129 
GLY O    O  N N 130 
GLY OXT  O  N N 131 
GLY H    H  N N 132 
GLY H2   H  N N 133 
GLY HA2  H  N N 134 
GLY HA3  H  N N 135 
GLY HXT  H  N N 136 
HIS N    N  N N 137 
HIS CA   C  N S 138 
HIS C    C  N N 139 
HIS O    O  N N 140 
HIS CB   C  N N 141 
HIS CG   C  Y N 142 
HIS ND1  N  Y N 143 
HIS CD2  C  Y N 144 
HIS CE1  C  Y N 145 
HIS NE2  N  Y N 146 
HIS OXT  O  N N 147 
HIS H    H  N N 148 
HIS H2   H  N N 149 
HIS HA   H  N N 150 
HIS HB2  H  N N 151 
HIS HB3  H  N N 152 
HIS HD1  H  N N 153 
HIS HD2  H  N N 154 
HIS HE1  H  N N 155 
HIS HE2  H  N N 156 
HIS HXT  H  N N 157 
HOH O    O  N N 158 
HOH H1   H  N N 159 
HOH H2   H  N N 160 
ILE N    N  N N 161 
ILE CA   C  N S 162 
ILE C    C  N N 163 
ILE O    O  N N 164 
ILE CB   C  N S 165 
ILE CG1  C  N N 166 
ILE CG2  C  N N 167 
ILE CD1  C  N N 168 
ILE OXT  O  N N 169 
ILE H    H  N N 170 
ILE H2   H  N N 171 
ILE HA   H  N N 172 
ILE HB   H  N N 173 
ILE HG12 H  N N 174 
ILE HG13 H  N N 175 
ILE HG21 H  N N 176 
ILE HG22 H  N N 177 
ILE HG23 H  N N 178 
ILE HD11 H  N N 179 
ILE HD12 H  N N 180 
ILE HD13 H  N N 181 
ILE HXT  H  N N 182 
J50 C17  C  Y N 183 
J50 C12  C  Y N 184 
J50 C14  C  Y N 185 
J50 C15  C  Y N 186 
J50 C16  C  Y N 187 
J50 C19  C  Y N 188 
J50 C20  C  Y N 189 
J50 C21  C  Y N 190 
J50 C22  C  Y N 191 
J50 C23  C  N N 192 
J50 C24  C  N N 193 
J50 C11  C  N N 194 
J50 C18  C  Y N 195 
J50 C01  C  N N 196 
J50 C03  C  N N 197 
J50 C04  C  N N 198 
J50 C05  C  N N 199 
J50 C06  C  N N 200 
J50 C08  C  N N 201 
J50 C09  C  N N 202 
J50 N02  N  N N 203 
J50 N10  N  N N 204 
J50 O13  O  Y N 205 
J50 O25  O  N N 206 
J50 O26  O  N N 207 
J50 S07  S  N N 208 
J50 H1   H  N N 209 
J50 H2   H  N N 210 
J50 H3   H  N N 211 
J50 H4   H  N N 212 
J50 H5   H  N N 213 
J50 H6   H  N N 214 
J50 H7   H  N N 215 
J50 H8   H  N N 216 
J50 CL1  CL N N 217 
J50 H10  H  N N 218 
J50 H11  H  N N 219 
J50 H12  H  N N 220 
J50 H13  H  N N 221 
J50 H14  H  N N 222 
J50 H15  H  N N 223 
J50 H16  H  N N 224 
J50 H17  H  N N 225 
J50 H18  H  N N 226 
J50 H19  H  N N 227 
J50 H20  H  N N 228 
J50 H21  H  N N 229 
J50 H22  H  N N 230 
LEU N    N  N N 231 
LEU CA   C  N S 232 
LEU C    C  N N 233 
LEU O    O  N N 234 
LEU CB   C  N N 235 
LEU CG   C  N N 236 
LEU CD1  C  N N 237 
LEU CD2  C  N N 238 
LEU OXT  O  N N 239 
LEU H    H  N N 240 
LEU H2   H  N N 241 
LEU HA   H  N N 242 
LEU HB2  H  N N 243 
LEU HB3  H  N N 244 
LEU HG   H  N N 245 
LEU HD11 H  N N 246 
LEU HD12 H  N N 247 
LEU HD13 H  N N 248 
LEU HD21 H  N N 249 
LEU HD22 H  N N 250 
LEU HD23 H  N N 251 
LEU HXT  H  N N 252 
LYS N    N  N N 253 
LYS CA   C  N S 254 
LYS C    C  N N 255 
LYS O    O  N N 256 
LYS CB   C  N N 257 
LYS CG   C  N N 258 
LYS CD   C  N N 259 
LYS CE   C  N N 260 
LYS NZ   N  N N 261 
LYS OXT  O  N N 262 
LYS H    H  N N 263 
LYS H2   H  N N 264 
LYS HA   H  N N 265 
LYS HB2  H  N N 266 
LYS HB3  H  N N 267 
LYS HG2  H  N N 268 
LYS HG3  H  N N 269 
LYS HD2  H  N N 270 
LYS HD3  H  N N 271 
LYS HE2  H  N N 272 
LYS HE3  H  N N 273 
LYS HZ1  H  N N 274 
LYS HZ2  H  N N 275 
LYS HZ3  H  N N 276 
LYS HXT  H  N N 277 
MET N    N  N N 278 
MET CA   C  N S 279 
MET C    C  N N 280 
MET O    O  N N 281 
MET CB   C  N N 282 
MET CG   C  N N 283 
MET SD   S  N N 284 
MET CE   C  N N 285 
MET OXT  O  N N 286 
MET H    H  N N 287 
MET H2   H  N N 288 
MET HA   H  N N 289 
MET HB2  H  N N 290 
MET HB3  H  N N 291 
MET HG2  H  N N 292 
MET HG3  H  N N 293 
MET HE1  H  N N 294 
MET HE2  H  N N 295 
MET HE3  H  N N 296 
MET HXT  H  N N 297 
PE8 O1   O  N N 298 
PE8 C2   C  N N 299 
PE8 C3   C  N N 300 
PE8 O4   O  N N 301 
PE8 C5   C  N N 302 
PE8 C6   C  N N 303 
PE8 O7   O  N N 304 
PE8 C8   C  N N 305 
PE8 C9   C  N N 306 
PE8 O10  O  N N 307 
PE8 C11  C  N N 308 
PE8 C12  C  N N 309 
PE8 O13  O  N N 310 
PE8 C14  C  N N 311 
PE8 C15  C  N N 312 
PE8 O16  O  N N 313 
PE8 C17  C  N N 314 
PE8 C18  C  N N 315 
PE8 O19  O  N N 316 
PE8 C20  C  N N 317 
PE8 C21  C  N N 318 
PE8 O22  O  N N 319 
PE8 C23  C  N N 320 
PE8 C24  C  N N 321 
PE8 O25  O  N N 322 
PE8 HO1  H  N N 323 
PE8 H21  H  N N 324 
PE8 H22  H  N N 325 
PE8 H31  H  N N 326 
PE8 H32  H  N N 327 
PE8 H51  H  N N 328 
PE8 H52  H  N N 329 
PE8 H61  H  N N 330 
PE8 H62  H  N N 331 
PE8 H81  H  N N 332 
PE8 H82  H  N N 333 
PE8 H91  H  N N 334 
PE8 H92  H  N N 335 
PE8 H111 H  N N 336 
PE8 H112 H  N N 337 
PE8 H121 H  N N 338 
PE8 H122 H  N N 339 
PE8 H141 H  N N 340 
PE8 H142 H  N N 341 
PE8 H151 H  N N 342 
PE8 H152 H  N N 343 
PE8 H171 H  N N 344 
PE8 H172 H  N N 345 
PE8 H181 H  N N 346 
PE8 H182 H  N N 347 
PE8 H201 H  N N 348 
PE8 H202 H  N N 349 
PE8 H211 H  N N 350 
PE8 H212 H  N N 351 
PE8 H231 H  N N 352 
PE8 H232 H  N N 353 
PE8 H241 H  N N 354 
PE8 H242 H  N N 355 
PE8 H25  H  N N 356 
PHE N    N  N N 357 
PHE CA   C  N S 358 
PHE C    C  N N 359 
PHE O    O  N N 360 
PHE CB   C  N N 361 
PHE CG   C  Y N 362 
PHE CD1  C  Y N 363 
PHE CD2  C  Y N 364 
PHE CE1  C  Y N 365 
PHE CE2  C  Y N 366 
PHE CZ   C  Y N 367 
PHE OXT  O  N N 368 
PHE H    H  N N 369 
PHE H2   H  N N 370 
PHE HA   H  N N 371 
PHE HB2  H  N N 372 
PHE HB3  H  N N 373 
PHE HD1  H  N N 374 
PHE HD2  H  N N 375 
PHE HE1  H  N N 376 
PHE HE2  H  N N 377 
PHE HZ   H  N N 378 
PHE HXT  H  N N 379 
PRO N    N  N N 380 
PRO CA   C  N S 381 
PRO C    C  N N 382 
PRO O    O  N N 383 
PRO CB   C  N N 384 
PRO CG   C  N N 385 
PRO CD   C  N N 386 
PRO OXT  O  N N 387 
PRO H    H  N N 388 
PRO HA   H  N N 389 
PRO HB2  H  N N 390 
PRO HB3  H  N N 391 
PRO HG2  H  N N 392 
PRO HG3  H  N N 393 
PRO HD2  H  N N 394 
PRO HD3  H  N N 395 
PRO HXT  H  N N 396 
SER N    N  N N 397 
SER CA   C  N S 398 
SER C    C  N N 399 
SER O    O  N N 400 
SER CB   C  N N 401 
SER OG   O  N N 402 
SER OXT  O  N N 403 
SER H    H  N N 404 
SER H2   H  N N 405 
SER HA   H  N N 406 
SER HB2  H  N N 407 
SER HB3  H  N N 408 
SER HG   H  N N 409 
SER HXT  H  N N 410 
THR N    N  N N 411 
THR CA   C  N S 412 
THR C    C  N N 413 
THR O    O  N N 414 
THR CB   C  N R 415 
THR OG1  O  N N 416 
THR CG2  C  N N 417 
THR OXT  O  N N 418 
THR H    H  N N 419 
THR H2   H  N N 420 
THR HA   H  N N 421 
THR HB   H  N N 422 
THR HG1  H  N N 423 
THR HG21 H  N N 424 
THR HG22 H  N N 425 
THR HG23 H  N N 426 
THR HXT  H  N N 427 
TRP N    N  N N 428 
TRP CA   C  N S 429 
TRP C    C  N N 430 
TRP O    O  N N 431 
TRP CB   C  N N 432 
TRP CG   C  Y N 433 
TRP CD1  C  Y N 434 
TRP CD2  C  Y N 435 
TRP NE1  N  Y N 436 
TRP CE2  C  Y N 437 
TRP CE3  C  Y N 438 
TRP CZ2  C  Y N 439 
TRP CZ3  C  Y N 440 
TRP CH2  C  Y N 441 
TRP OXT  O  N N 442 
TRP H    H  N N 443 
TRP H2   H  N N 444 
TRP HA   H  N N 445 
TRP HB2  H  N N 446 
TRP HB3  H  N N 447 
TRP HD1  H  N N 448 
TRP HE1  H  N N 449 
TRP HE3  H  N N 450 
TRP HZ2  H  N N 451 
TRP HZ3  H  N N 452 
TRP HH2  H  N N 453 
TRP HXT  H  N N 454 
TYR N    N  N N 455 
TYR CA   C  N S 456 
TYR C    C  N N 457 
TYR O    O  N N 458 
TYR CB   C  N N 459 
TYR CG   C  Y N 460 
TYR CD1  C  Y N 461 
TYR CD2  C  Y N 462 
TYR CE1  C  Y N 463 
TYR CE2  C  Y N 464 
TYR CZ   C  Y N 465 
TYR OH   O  N N 466 
TYR OXT  O  N N 467 
TYR H    H  N N 468 
TYR H2   H  N N 469 
TYR HA   H  N N 470 
TYR HB2  H  N N 471 
TYR HB3  H  N N 472 
TYR HD1  H  N N 473 
TYR HD2  H  N N 474 
TYR HE1  H  N N 475 
TYR HE2  H  N N 476 
TYR HH   H  N N 477 
TYR HXT  H  N N 478 
VAL N    N  N N 479 
VAL CA   C  N S 480 
VAL C    C  N N 481 
VAL O    O  N N 482 
VAL CB   C  N N 483 
VAL CG1  C  N N 484 
VAL CG2  C  N N 485 
VAL OXT  O  N N 486 
VAL H    H  N N 487 
VAL H2   H  N N 488 
VAL HA   H  N N 489 
VAL HB   H  N N 490 
VAL HG11 H  N N 491 
VAL HG12 H  N N 492 
VAL HG13 H  N N 493 
VAL HG21 H  N N 494 
VAL HG22 H  N N 495 
VAL HG23 H  N N 496 
VAL HXT  H  N N 497 
# 
loop_
_chem_comp_bond.comp_id 
_chem_comp_bond.atom_id_1 
_chem_comp_bond.atom_id_2 
_chem_comp_bond.value_order 
_chem_comp_bond.pdbx_aromatic_flag 
_chem_comp_bond.pdbx_stereo_config 
_chem_comp_bond.pdbx_ordinal 
ALA N   CA   sing N N 1   
ALA N   H    sing N N 2   
ALA N   H2   sing N N 3   
ALA CA  C    sing N N 4   
ALA CA  CB   sing N N 5   
ALA CA  HA   sing N N 6   
ALA C   O    doub N N 7   
ALA C   OXT  sing N N 8   
ALA CB  HB1  sing N N 9   
ALA CB  HB2  sing N N 10  
ALA CB  HB3  sing N N 11  
ALA OXT HXT  sing N N 12  
ARG N   CA   sing N N 13  
ARG N   H    sing N N 14  
ARG N   H2   sing N N 15  
ARG CA  C    sing N N 16  
ARG CA  CB   sing N N 17  
ARG CA  HA   sing N N 18  
ARG C   O    doub N N 19  
ARG C   OXT  sing N N 20  
ARG CB  CG   sing N N 21  
ARG CB  HB2  sing N N 22  
ARG CB  HB3  sing N N 23  
ARG CG  CD   sing N N 24  
ARG CG  HG2  sing N N 25  
ARG CG  HG3  sing N N 26  
ARG CD  NE   sing N N 27  
ARG CD  HD2  sing N N 28  
ARG CD  HD3  sing N N 29  
ARG NE  CZ   sing N N 30  
ARG NE  HE   sing N N 31  
ARG CZ  NH1  sing N N 32  
ARG CZ  NH2  doub N N 33  
ARG NH1 HH11 sing N N 34  
ARG NH1 HH12 sing N N 35  
ARG NH2 HH21 sing N N 36  
ARG NH2 HH22 sing N N 37  
ARG OXT HXT  sing N N 38  
ASN N   CA   sing N N 39  
ASN N   H    sing N N 40  
ASN N   H2   sing N N 41  
ASN CA  C    sing N N 42  
ASN CA  CB   sing N N 43  
ASN CA  HA   sing N N 44  
ASN C   O    doub N N 45  
ASN C   OXT  sing N N 46  
ASN CB  CG   sing N N 47  
ASN CB  HB2  sing N N 48  
ASN CB  HB3  sing N N 49  
ASN CG  OD1  doub N N 50  
ASN CG  ND2  sing N N 51  
ASN ND2 HD21 sing N N 52  
ASN ND2 HD22 sing N N 53  
ASN OXT HXT  sing N N 54  
ASP N   CA   sing N N 55  
ASP N   H    sing N N 56  
ASP N   H2   sing N N 57  
ASP CA  C    sing N N 58  
ASP CA  CB   sing N N 59  
ASP CA  HA   sing N N 60  
ASP C   O    doub N N 61  
ASP C   OXT  sing N N 62  
ASP CB  CG   sing N N 63  
ASP CB  HB2  sing N N 64  
ASP CB  HB3  sing N N 65  
ASP CG  OD1  doub N N 66  
ASP CG  OD2  sing N N 67  
ASP OD2 HD2  sing N N 68  
ASP OXT HXT  sing N N 69  
CYS N   CA   sing N N 70  
CYS N   H    sing N N 71  
CYS N   H2   sing N N 72  
CYS CA  C    sing N N 73  
CYS CA  CB   sing N N 74  
CYS CA  HA   sing N N 75  
CYS C   O    doub N N 76  
CYS C   OXT  sing N N 77  
CYS CB  SG   sing N N 78  
CYS CB  HB2  sing N N 79  
CYS CB  HB3  sing N N 80  
CYS SG  HG   sing N N 81  
CYS OXT HXT  sing N N 82  
GLN N   CA   sing N N 83  
GLN N   H    sing N N 84  
GLN N   H2   sing N N 85  
GLN CA  C    sing N N 86  
GLN CA  CB   sing N N 87  
GLN CA  HA   sing N N 88  
GLN C   O    doub N N 89  
GLN C   OXT  sing N N 90  
GLN CB  CG   sing N N 91  
GLN CB  HB2  sing N N 92  
GLN CB  HB3  sing N N 93  
GLN CG  CD   sing N N 94  
GLN CG  HG2  sing N N 95  
GLN CG  HG3  sing N N 96  
GLN CD  OE1  doub N N 97  
GLN CD  NE2  sing N N 98  
GLN NE2 HE21 sing N N 99  
GLN NE2 HE22 sing N N 100 
GLN OXT HXT  sing N N 101 
GLU N   CA   sing N N 102 
GLU N   H    sing N N 103 
GLU N   H2   sing N N 104 
GLU CA  C    sing N N 105 
GLU CA  CB   sing N N 106 
GLU CA  HA   sing N N 107 
GLU C   O    doub N N 108 
GLU C   OXT  sing N N 109 
GLU CB  CG   sing N N 110 
GLU CB  HB2  sing N N 111 
GLU CB  HB3  sing N N 112 
GLU CG  CD   sing N N 113 
GLU CG  HG2  sing N N 114 
GLU CG  HG3  sing N N 115 
GLU CD  OE1  doub N N 116 
GLU CD  OE2  sing N N 117 
GLU OE2 HE2  sing N N 118 
GLU OXT HXT  sing N N 119 
GLY N   CA   sing N N 120 
GLY N   H    sing N N 121 
GLY N   H2   sing N N 122 
GLY CA  C    sing N N 123 
GLY CA  HA2  sing N N 124 
GLY CA  HA3  sing N N 125 
GLY C   O    doub N N 126 
GLY C   OXT  sing N N 127 
GLY OXT HXT  sing N N 128 
HIS N   CA   sing N N 129 
HIS N   H    sing N N 130 
HIS N   H2   sing N N 131 
HIS CA  C    sing N N 132 
HIS CA  CB   sing N N 133 
HIS CA  HA   sing N N 134 
HIS C   O    doub N N 135 
HIS C   OXT  sing N N 136 
HIS CB  CG   sing N N 137 
HIS CB  HB2  sing N N 138 
HIS CB  HB3  sing N N 139 
HIS CG  ND1  sing Y N 140 
HIS CG  CD2  doub Y N 141 
HIS ND1 CE1  doub Y N 142 
HIS ND1 HD1  sing N N 143 
HIS CD2 NE2  sing Y N 144 
HIS CD2 HD2  sing N N 145 
HIS CE1 NE2  sing Y N 146 
HIS CE1 HE1  sing N N 147 
HIS NE2 HE2  sing N N 148 
HIS OXT HXT  sing N N 149 
HOH O   H1   sing N N 150 
HOH O   H2   sing N N 151 
ILE N   CA   sing N N 152 
ILE N   H    sing N N 153 
ILE N   H2   sing N N 154 
ILE CA  C    sing N N 155 
ILE CA  CB   sing N N 156 
ILE CA  HA   sing N N 157 
ILE C   O    doub N N 158 
ILE C   OXT  sing N N 159 
ILE CB  CG1  sing N N 160 
ILE CB  CG2  sing N N 161 
ILE CB  HB   sing N N 162 
ILE CG1 CD1  sing N N 163 
ILE CG1 HG12 sing N N 164 
ILE CG1 HG13 sing N N 165 
ILE CG2 HG21 sing N N 166 
ILE CG2 HG22 sing N N 167 
ILE CG2 HG23 sing N N 168 
ILE CD1 HD11 sing N N 169 
ILE CD1 HD12 sing N N 170 
ILE CD1 HD13 sing N N 171 
ILE OXT HXT  sing N N 172 
J50 C17 C14  sing N N 173 
J50 C17 C22  doub Y N 174 
J50 C17 C18  sing Y N 175 
J50 C12 C16  doub Y N 176 
J50 C12 C11  sing N N 177 
J50 C12 O13  sing Y N 178 
J50 C14 C15  doub Y N 179 
J50 C14 O13  sing Y N 180 
J50 C15 C16  sing Y N 181 
J50 C19 C20  sing Y N 182 
J50 C19 C18  doub Y N 183 
J50 C20 C21  doub Y N 184 
J50 C21 C22  sing Y N 185 
J50 C23 C24  sing N N 186 
J50 C23 N02  sing N N 187 
J50 C23 O25  doub N N 188 
J50 C11 N10  sing N N 189 
J50 C01 C06  sing N N 190 
J50 C01 N02  sing N N 191 
J50 C03 C04  sing N N 192 
J50 C03 N02  sing N N 193 
J50 C04 C05  sing N N 194 
J50 C05 C06  sing N N 195 
J50 C05 N10  sing N N 196 
J50 C05 S07  sing N N 197 
J50 C08 C09  sing N N 198 
J50 C08 S07  sing N N 199 
J50 C09 N10  sing N N 200 
J50 C09 O26  doub N N 201 
J50 C15 H1   sing N N 202 
J50 C16 H2   sing N N 203 
J50 C19 H3   sing N N 204 
J50 C20 H4   sing N N 205 
J50 C21 H5   sing N N 206 
J50 C22 H6   sing N N 207 
J50 C24 H7   sing N N 208 
J50 C24 H8   sing N N 209 
J50 C24 CL1  sing N N 210 
J50 C11 H10  sing N N 211 
J50 C11 H11  sing N N 212 
J50 C18 H12  sing N N 213 
J50 C01 H13  sing N N 214 
J50 C01 H14  sing N N 215 
J50 C03 H15  sing N N 216 
J50 C03 H16  sing N N 217 
J50 C04 H17  sing N N 218 
J50 C06 H18  sing N N 219 
J50 C06 H19  sing N N 220 
J50 C08 H20  sing N N 221 
J50 C08 H21  sing N N 222 
J50 C04 H22  sing N N 223 
LEU N   CA   sing N N 224 
LEU N   H    sing N N 225 
LEU N   H2   sing N N 226 
LEU CA  C    sing N N 227 
LEU CA  CB   sing N N 228 
LEU CA  HA   sing N N 229 
LEU C   O    doub N N 230 
LEU C   OXT  sing N N 231 
LEU CB  CG   sing N N 232 
LEU CB  HB2  sing N N 233 
LEU CB  HB3  sing N N 234 
LEU CG  CD1  sing N N 235 
LEU CG  CD2  sing N N 236 
LEU CG  HG   sing N N 237 
LEU CD1 HD11 sing N N 238 
LEU CD1 HD12 sing N N 239 
LEU CD1 HD13 sing N N 240 
LEU CD2 HD21 sing N N 241 
LEU CD2 HD22 sing N N 242 
LEU CD2 HD23 sing N N 243 
LEU OXT HXT  sing N N 244 
LYS N   CA   sing N N 245 
LYS N   H    sing N N 246 
LYS N   H2   sing N N 247 
LYS CA  C    sing N N 248 
LYS CA  CB   sing N N 249 
LYS CA  HA   sing N N 250 
LYS C   O    doub N N 251 
LYS C   OXT  sing N N 252 
LYS CB  CG   sing N N 253 
LYS CB  HB2  sing N N 254 
LYS CB  HB3  sing N N 255 
LYS CG  CD   sing N N 256 
LYS CG  HG2  sing N N 257 
LYS CG  HG3  sing N N 258 
LYS CD  CE   sing N N 259 
LYS CD  HD2  sing N N 260 
LYS CD  HD3  sing N N 261 
LYS CE  NZ   sing N N 262 
LYS CE  HE2  sing N N 263 
LYS CE  HE3  sing N N 264 
LYS NZ  HZ1  sing N N 265 
LYS NZ  HZ2  sing N N 266 
LYS NZ  HZ3  sing N N 267 
LYS OXT HXT  sing N N 268 
MET N   CA   sing N N 269 
MET N   H    sing N N 270 
MET N   H2   sing N N 271 
MET CA  C    sing N N 272 
MET CA  CB   sing N N 273 
MET CA  HA   sing N N 274 
MET C   O    doub N N 275 
MET C   OXT  sing N N 276 
MET CB  CG   sing N N 277 
MET CB  HB2  sing N N 278 
MET CB  HB3  sing N N 279 
MET CG  SD   sing N N 280 
MET CG  HG2  sing N N 281 
MET CG  HG3  sing N N 282 
MET SD  CE   sing N N 283 
MET CE  HE1  sing N N 284 
MET CE  HE2  sing N N 285 
MET CE  HE3  sing N N 286 
MET OXT HXT  sing N N 287 
PE8 O1  C2   sing N N 288 
PE8 O1  HO1  sing N N 289 
PE8 C2  C3   sing N N 290 
PE8 C2  H21  sing N N 291 
PE8 C2  H22  sing N N 292 
PE8 C3  O4   sing N N 293 
PE8 C3  H31  sing N N 294 
PE8 C3  H32  sing N N 295 
PE8 O4  C5   sing N N 296 
PE8 C5  C6   sing N N 297 
PE8 C5  H51  sing N N 298 
PE8 C5  H52  sing N N 299 
PE8 C6  O7   sing N N 300 
PE8 C6  H61  sing N N 301 
PE8 C6  H62  sing N N 302 
PE8 O7  C8   sing N N 303 
PE8 C8  C9   sing N N 304 
PE8 C8  H81  sing N N 305 
PE8 C8  H82  sing N N 306 
PE8 C9  O10  sing N N 307 
PE8 C9  H91  sing N N 308 
PE8 C9  H92  sing N N 309 
PE8 O10 C11  sing N N 310 
PE8 C11 C12  sing N N 311 
PE8 C11 H111 sing N N 312 
PE8 C11 H112 sing N N 313 
PE8 C12 O13  sing N N 314 
PE8 C12 H121 sing N N 315 
PE8 C12 H122 sing N N 316 
PE8 O13 C14  sing N N 317 
PE8 C14 C15  sing N N 318 
PE8 C14 H141 sing N N 319 
PE8 C14 H142 sing N N 320 
PE8 C15 O16  sing N N 321 
PE8 C15 H151 sing N N 322 
PE8 C15 H152 sing N N 323 
PE8 O16 C17  sing N N 324 
PE8 C17 C18  sing N N 325 
PE8 C17 H171 sing N N 326 
PE8 C17 H172 sing N N 327 
PE8 C18 O19  sing N N 328 
PE8 C18 H181 sing N N 329 
PE8 C18 H182 sing N N 330 
PE8 O19 C20  sing N N 331 
PE8 C20 C21  sing N N 332 
PE8 C20 H201 sing N N 333 
PE8 C20 H202 sing N N 334 
PE8 C21 O22  sing N N 335 
PE8 C21 H211 sing N N 336 
PE8 C21 H212 sing N N 337 
PE8 O22 C23  sing N N 338 
PE8 C23 C24  sing N N 339 
PE8 C23 H231 sing N N 340 
PE8 C23 H232 sing N N 341 
PE8 C24 O25  sing N N 342 
PE8 C24 H241 sing N N 343 
PE8 C24 H242 sing N N 344 
PE8 O25 H25  sing N N 345 
PHE N   CA   sing N N 346 
PHE N   H    sing N N 347 
PHE N   H2   sing N N 348 
PHE CA  C    sing N N 349 
PHE CA  CB   sing N N 350 
PHE CA  HA   sing N N 351 
PHE C   O    doub N N 352 
PHE C   OXT  sing N N 353 
PHE CB  CG   sing N N 354 
PHE CB  HB2  sing N N 355 
PHE CB  HB3  sing N N 356 
PHE CG  CD1  doub Y N 357 
PHE CG  CD2  sing Y N 358 
PHE CD1 CE1  sing Y N 359 
PHE CD1 HD1  sing N N 360 
PHE CD2 CE2  doub Y N 361 
PHE CD2 HD2  sing N N 362 
PHE CE1 CZ   doub Y N 363 
PHE CE1 HE1  sing N N 364 
PHE CE2 CZ   sing Y N 365 
PHE CE2 HE2  sing N N 366 
PHE CZ  HZ   sing N N 367 
PHE OXT HXT  sing N N 368 
PRO N   CA   sing N N 369 
PRO N   CD   sing N N 370 
PRO N   H    sing N N 371 
PRO CA  C    sing N N 372 
PRO CA  CB   sing N N 373 
PRO CA  HA   sing N N 374 
PRO C   O    doub N N 375 
PRO C   OXT  sing N N 376 
PRO CB  CG   sing N N 377 
PRO CB  HB2  sing N N 378 
PRO CB  HB3  sing N N 379 
PRO CG  CD   sing N N 380 
PRO CG  HG2  sing N N 381 
PRO CG  HG3  sing N N 382 
PRO CD  HD2  sing N N 383 
PRO CD  HD3  sing N N 384 
PRO OXT HXT  sing N N 385 
SER N   CA   sing N N 386 
SER N   H    sing N N 387 
SER N   H2   sing N N 388 
SER CA  C    sing N N 389 
SER CA  CB   sing N N 390 
SER CA  HA   sing N N 391 
SER C   O    doub N N 392 
SER C   OXT  sing N N 393 
SER CB  OG   sing N N 394 
SER CB  HB2  sing N N 395 
SER CB  HB3  sing N N 396 
SER OG  HG   sing N N 397 
SER OXT HXT  sing N N 398 
THR N   CA   sing N N 399 
THR N   H    sing N N 400 
THR N   H2   sing N N 401 
THR CA  C    sing N N 402 
THR CA  CB   sing N N 403 
THR CA  HA   sing N N 404 
THR C   O    doub N N 405 
THR C   OXT  sing N N 406 
THR CB  OG1  sing N N 407 
THR CB  CG2  sing N N 408 
THR CB  HB   sing N N 409 
THR OG1 HG1  sing N N 410 
THR CG2 HG21 sing N N 411 
THR CG2 HG22 sing N N 412 
THR CG2 HG23 sing N N 413 
THR OXT HXT  sing N N 414 
TRP N   CA   sing N N 415 
TRP N   H    sing N N 416 
TRP N   H2   sing N N 417 
TRP CA  C    sing N N 418 
TRP CA  CB   sing N N 419 
TRP CA  HA   sing N N 420 
TRP C   O    doub N N 421 
TRP C   OXT  sing N N 422 
TRP CB  CG   sing N N 423 
TRP CB  HB2  sing N N 424 
TRP CB  HB3  sing N N 425 
TRP CG  CD1  doub Y N 426 
TRP CG  CD2  sing Y N 427 
TRP CD1 NE1  sing Y N 428 
TRP CD1 HD1  sing N N 429 
TRP CD2 CE2  doub Y N 430 
TRP CD2 CE3  sing Y N 431 
TRP NE1 CE2  sing Y N 432 
TRP NE1 HE1  sing N N 433 
TRP CE2 CZ2  sing Y N 434 
TRP CE3 CZ3  doub Y N 435 
TRP CE3 HE3  sing N N 436 
TRP CZ2 CH2  doub Y N 437 
TRP CZ2 HZ2  sing N N 438 
TRP CZ3 CH2  sing Y N 439 
TRP CZ3 HZ3  sing N N 440 
TRP CH2 HH2  sing N N 441 
TRP OXT HXT  sing N N 442 
TYR N   CA   sing N N 443 
TYR N   H    sing N N 444 
TYR N   H2   sing N N 445 
TYR CA  C    sing N N 446 
TYR CA  CB   sing N N 447 
TYR CA  HA   sing N N 448 
TYR C   O    doub N N 449 
TYR C   OXT  sing N N 450 
TYR CB  CG   sing N N 451 
TYR CB  HB2  sing N N 452 
TYR CB  HB3  sing N N 453 
TYR CG  CD1  doub Y N 454 
TYR CG  CD2  sing Y N 455 
TYR CD1 CE1  sing Y N 456 
TYR CD1 HD1  sing N N 457 
TYR CD2 CE2  doub Y N 458 
TYR CD2 HD2  sing N N 459 
TYR CE1 CZ   doub Y N 460 
TYR CE1 HE1  sing N N 461 
TYR CE2 CZ   sing Y N 462 
TYR CE2 HE2  sing N N 463 
TYR CZ  OH   sing N N 464 
TYR OH  HH   sing N N 465 
TYR OXT HXT  sing N N 466 
VAL N   CA   sing N N 467 
VAL N   H    sing N N 468 
VAL N   H2   sing N N 469 
VAL CA  C    sing N N 470 
VAL CA  CB   sing N N 471 
VAL CA  HA   sing N N 472 
VAL C   O    doub N N 473 
VAL C   OXT  sing N N 474 
VAL CB  CG1  sing N N 475 
VAL CB  CG2  sing N N 476 
VAL CB  HB   sing N N 477 
VAL CG1 HG11 sing N N 478 
VAL CG1 HG12 sing N N 479 
VAL CG1 HG13 sing N N 480 
VAL CG2 HG21 sing N N 481 
VAL CG2 HG22 sing N N 482 
VAL CG2 HG23 sing N N 483 
VAL OXT HXT  sing N N 484 
# 
_pdbx_initial_refinement_model.id               1 
_pdbx_initial_refinement_model.entity_id_list   ? 
_pdbx_initial_refinement_model.type             'experimental model' 
_pdbx_initial_refinement_model.source_name      PDB 
_pdbx_initial_refinement_model.accession_code   3NTP 
_pdbx_initial_refinement_model.details          ? 
# 
_atom_sites.entry_id                    7EKV 
_atom_sites.Cartn_transf_matrix[1][1]   ? 
_atom_sites.Cartn_transf_matrix[1][2]   ? 
_atom_sites.Cartn_transf_matrix[1][3]   ? 
_atom_sites.Cartn_transf_matrix[2][1]   ? 
_atom_sites.Cartn_transf_matrix[2][2]   ? 
_atom_sites.Cartn_transf_matrix[2][3]   ? 
_atom_sites.Cartn_transf_matrix[3][1]   ? 
_atom_sites.Cartn_transf_matrix[3][2]   ? 
_atom_sites.Cartn_transf_matrix[3][3]   ? 
_atom_sites.Cartn_transf_vector[1]      ? 
_atom_sites.Cartn_transf_vector[2]      ? 
_atom_sites.Cartn_transf_vector[3]      ? 
_atom_sites.fract_transf_matrix[1][1]   -0.01132860 
_atom_sites.fract_transf_matrix[1][2]   -0.00950747 
_atom_sites.fract_transf_matrix[1][3]   -0.00801800 
_atom_sites.fract_transf_matrix[2][1]   0.00265815 
_atom_sites.fract_transf_matrix[2][2]   -0.01651085 
_atom_sites.fract_transf_matrix[2][3]   -0.00182737 
_atom_sites.fract_transf_matrix[3][1]   -0.00587923 
_atom_sites.fract_transf_matrix[3][2]   -0.00214775 
_atom_sites.fract_transf_matrix[3][3]   0.01085347 
_atom_sites.fract_transf_vector[1]      -0.240378 
_atom_sites.fract_transf_vector[2]      0.366946 
_atom_sites.fract_transf_vector[3]      0.148696 
_atom_sites.solution_primary            ? 
_atom_sites.solution_secondary          ? 
_atom_sites.solution_hydrogens          ? 
_atom_sites.special_details             ? 
# 
loop_
_atom_type.symbol 
C 
H 
N 
O 
S 
# 
loop_
_atom_site.group_PDB 
_atom_site.id 
_atom_site.type_symbol 
_atom_site.label_atom_id 
_atom_site.label_alt_id 
_atom_site.label_comp_id 
_atom_site.label_asym_id 
_atom_site.label_entity_id 
_atom_site.label_seq_id 
_atom_site.pdbx_PDB_ins_code 
_atom_site.Cartn_x 
_atom_site.Cartn_y 
_atom_site.Cartn_z 
_atom_site.occupancy 
_atom_site.B_iso_or_equiv 
_atom_site.pdbx_formal_charge 
_atom_site.auth_seq_id 
_atom_site.auth_comp_id 
_atom_site.auth_asym_id 
_atom_site.auth_atom_id 
_atom_site.pdbx_PDB_model_num 
ATOM   1    N N   . LYS A 1 26  ? -15.222 11.204  -16.808 1.00 45.92 ? 6   LYS A N   1 
ATOM   2    C CA  . LYS A 1 26  ? -15.416 10.356  -15.637 1.00 48.82 ? 6   LYS A CA  1 
ATOM   3    C C   . LYS A 1 26  ? -14.069 9.946   -15.031 1.00 43.11 ? 6   LYS A C   1 
ATOM   4    O O   . LYS A 1 26  ? -13.032 10.506  -15.378 1.00 47.86 ? 6   LYS A O   1 
ATOM   5    C CB  . LYS A 1 26  ? -16.238 9.117   -16.009 1.00 50.48 ? 6   LYS A CB  1 
ATOM   6    C CG  . LYS A 1 26  ? -17.748 9.348   -16.041 1.00 53.07 ? 6   LYS A CG  1 
ATOM   7    C CD  . LYS A 1 26  ? -18.468 8.275   -16.857 1.00 56.55 ? 6   LYS A CD  1 
ATOM   8    C CE  . LYS A 1 26  ? -18.653 8.697   -18.311 1.00 51.79 ? 6   LYS A CE  1 
ATOM   9    N NZ  . LYS A 1 26  ? -17.387 8.587   -19.094 1.00 57.26 ? 6   LYS A NZ  1 
ATOM   10   N N   . LEU A 1 27  ? -14.108 8.968   -14.120 1.00 43.41 ? 7   LEU A N   1 
ATOM   11   C CA  . LEU A 1 27  ? -12.959 8.388   -13.422 1.00 33.46 ? 7   LEU A CA  1 
ATOM   12   C C   . LEU A 1 27  ? -12.400 9.349   -12.375 1.00 32.61 ? 7   LEU A C   1 
ATOM   13   O O   . LEU A 1 27  ? -12.024 10.483  -12.692 1.00 31.73 ? 7   LEU A O   1 
ATOM   14   C CB  . LEU A 1 27  ? -11.857 7.964   -14.403 1.00 31.51 ? 7   LEU A CB  1 
ATOM   15   C CG  . LEU A 1 27  ? -12.180 6.836   -15.399 1.00 33.72 ? 7   LEU A CG  1 
ATOM   16   C CD1 . LEU A 1 27  ? -10.910 6.166   -15.944 1.00 24.50 ? 7   LEU A CD1 1 
ATOM   17   C CD2 . LEU A 1 27  ? -13.104 5.799   -14.778 1.00 33.26 ? 7   LEU A CD2 1 
ATOM   18   N N   . PRO A 1 28  ? -12.312 8.908   -11.124 1.00 29.19 ? 8   PRO A N   1 
ATOM   19   C CA  . PRO A 1 28  ? -11.828 9.772   -10.027 1.00 24.16 ? 8   PRO A CA  1 
ATOM   20   C C   . PRO A 1 28  ? -10.329 10.020  -10.124 1.00 25.43 ? 8   PRO A C   1 
ATOM   21   O O   . PRO A 1 28  ? -9.642  9.394   -10.946 1.00 21.47 ? 8   PRO A O   1 
ATOM   22   C CB  . PRO A 1 28  ? -12.182 8.959   -8.767  1.00 25.30 ? 8   PRO A CB  1 
ATOM   23   C CG  . PRO A 1 28  ? -13.174 7.917   -9.224  1.00 27.56 ? 8   PRO A CG  1 
ATOM   24   C CD  . PRO A 1 28  ? -12.789 7.606   -10.635 1.00 27.02 ? 8   PRO A CD  1 
ATOM   25   N N   . PRO A 1 29  ? -9.786  10.917  -9.290  1.00 24.28 ? 9   PRO A N   1 
ATOM   26   C CA  . PRO A 1 29  ? -8.381  11.332  -9.444  1.00 23.00 ? 9   PRO A CA  1 
ATOM   27   C C   . PRO A 1 29  ? -7.399  10.172  -9.455  1.00 19.38 ? 9   PRO A C   1 
ATOM   28   O O   . PRO A 1 29  ? -7.418  9.302   -8.580  1.00 19.63 ? 9   PRO A O   1 
ATOM   29   C CB  . PRO A 1 29  ? -8.150  12.240  -8.230  1.00 21.73 ? 9   PRO A CB  1 
ATOM   30   C CG  . PRO A 1 29  ? -9.472  12.814  -7.945  1.00 24.00 ? 9   PRO A CG  1 
ATOM   31   C CD  . PRO A 1 29  ? -10.476 11.730  -8.270  1.00 24.30 ? 9   PRO A CD  1 
ATOM   32   N N   . GLY A 1 30  ? -6.523  10.174  -10.459 1.00 18.59 ? 10  GLY A N   1 
ATOM   33   C CA  . GLY A 1 30  ? -5.501  9.166   -10.602 1.00 18.35 ? 10  GLY A CA  1 
ATOM   34   C C   . GLY A 1 30  ? -5.886  7.970   -11.449 1.00 15.17 ? 10  GLY A C   1 
ATOM   35   O O   . GLY A 1 30  ? -4.997  7.248   -11.903 1.00 14.16 ? 10  GLY A O   1 
ATOM   36   N N   . TRP A 1 31  ? -7.178  7.751   -11.688 1.00 18.17 ? 11  TRP A N   1 
ATOM   37   C CA  . TRP A 1 31  ? -7.660  6.547   -12.358 1.00 18.66 ? 11  TRP A CA  1 
ATOM   38   C C   . TRP A 1 31  ? -7.622  6.714   -13.869 1.00 20.14 ? 11  TRP A C   1 
ATOM   39   O O   . TRP A 1 31  ? -8.041  7.746   -14.400 1.00 22.11 ? 11  TRP A O   1 
ATOM   40   C CB  . TRP A 1 31  ? -9.095  6.223   -11.932 1.00 16.00 ? 11  TRP A CB  1 
ATOM   41   C CG  . TRP A 1 31  ? -9.217  5.639   -10.561 1.00 15.73 ? 11  TRP A CG  1 
ATOM   42   C CD1 . TRP A 1 31  ? -9.564  6.300   -9.409  1.00 13.78 ? 11  TRP A CD1 1 
ATOM   43   C CD2 . TRP A 1 31  ? -8.994  4.273   -10.186 1.00 15.93 ? 11  TRP A CD2 1 
ATOM   44   N NE1 . TRP A 1 31  ? -9.566  5.425   -8.345  1.00 14.19 ? 11  TRP A NE1 1 
ATOM   45   C CE2 . TRP A 1 31  ? -9.225  4.175   -8.797  1.00 12.94 ? 11  TRP A CE2 1 
ATOM   46   C CE3 . TRP A 1 31  ? -8.611  3.123   -10.891 1.00 11.97 ? 11  TRP A CE3 1 
ATOM   47   C CZ2 . TRP A 1 31  ? -9.087  2.974   -8.101  1.00 13.60 ? 11  TRP A CZ2 1 
ATOM   48   C CZ3 . TRP A 1 31  ? -8.480  1.930   -10.195 1.00 11.77 ? 11  TRP A CZ3 1 
ATOM   49   C CH2 . TRP A 1 31  ? -8.716  1.867   -8.815  1.00 12.12 ? 11  TRP A CH2 1 
ATOM   50   N N   . GLU A 1 32  ? -7.139  5.684   -14.558 1.00 15.54 ? 12  GLU A N   1 
ATOM   51   C CA  . GLU A 1 32  ? -7.156  5.659   -16.011 1.00 15.81 ? 12  GLU A CA  1 
ATOM   52   C C   . GLU A 1 32  ? -7.526  4.261   -16.487 1.00 21.54 ? 12  GLU A C   1 
ATOM   53   O O   . GLU A 1 32  ? -7.476  3.289   -15.729 1.00 14.83 ? 12  GLU A O   1 
ATOM   54   C CB  . GLU A 1 32  ? -5.802  6.078   -16.608 1.00 23.87 ? 12  GLU A CB  1 
ATOM   55   C CG  . GLU A 1 32  ? -5.279  7.439   -16.118 1.00 26.53 ? 12  GLU A CG  1 
ATOM   56   C CD  . GLU A 1 32  ? -5.976  8.638   -16.776 1.00 44.11 ? 12  GLU A CD  1 
ATOM   57   O OE1 . GLU A 1 32  ? -7.133  8.505   -17.244 1.00 40.35 ? 12  GLU A OE1 1 
ATOM   58   O OE2 . GLU A 1 32  ? -5.356  9.728   -16.821 1.00 44.69 ? 12  GLU A OE2 1 
ATOM   59   N N   . LYS A 1 33  ? -7.904  4.171   -17.756 1.00 20.35 ? 13  LYS A N   1 
ATOM   60   C CA  . LYS A 1 33  ? -8.255  2.899   -18.361 1.00 22.12 ? 13  LYS A CA  1 
ATOM   61   C C   . LYS A 1 33  ? -7.038  2.322   -19.063 1.00 24.60 ? 13  LYS A C   1 
ATOM   62   O O   . LYS A 1 33  ? -6.184  3.056   -19.569 1.00 24.91 ? 13  LYS A O   1 
ATOM   63   C CB  . LYS A 1 33  ? -9.416  3.070   -19.341 1.00 20.66 ? 13  LYS A CB  1 
ATOM   64   C CG  . LYS A 1 33  ? -9.971  1.775   -19.891 1.00 25.88 ? 13  LYS A CG  1 
ATOM   65   C CD  . LYS A 1 33  ? -11.441 1.655   -19.550 1.00 27.48 ? 13  LYS A CD  1 
ATOM   66   C CE  . LYS A 1 33  ? -12.210 2.828   -20.123 1.00 29.22 ? 13  LYS A CE  1 
ATOM   67   N NZ  . LYS A 1 33  ? -11.912 2.978   -21.573 1.00 38.62 ? 13  LYS A NZ  1 
ATOM   68   N N   . ALA A 1 34  ? -6.942  0.995   -19.051 1.00 18.48 ? 14  ALA A N   1 
ATOM   69   C CA  . ALA A 1 34  ? -5.814  0.308   -19.654 1.00 21.79 ? 14  ALA A CA  1 
ATOM   70   C C   . ALA A 1 34  ? -6.292  -0.997  -20.269 1.00 19.64 ? 14  ALA A C   1 
ATOM   71   O O   . ALA A 1 34  ? -7.423  -1.443  -20.053 1.00 17.58 ? 14  ALA A O   1 
ATOM   72   C CB  . ALA A 1 34  ? -4.700  0.035   -18.641 1.00 21.90 ? 14  ALA A CB  1 
ATOM   73   N N   . MET A 1 35  ? -5.404  -1.613  -21.031 1.00 23.41 ? 15  MET A N   1 
ATOM   74   C CA  . MET A 1 35  ? -5.709  -2.838  -21.754 1.00 22.01 ? 15  MET A CA  1 
ATOM   75   C C   . MET A 1 35  ? -4.973  -3.994  -21.102 1.00 22.50 ? 15  MET A C   1 
ATOM   76   O O   . MET A 1 35  ? -3.754  -3.933  -20.922 1.00 20.66 ? 15  MET A O   1 
ATOM   77   C CB  . MET A 1 35  ? -5.315  -2.701  -23.226 1.00 23.26 ? 15  MET A CB  1 
ATOM   78   C CG  . MET A 1 35  ? -5.435  -3.976  -24.010 1.00 25.65 ? 15  MET A CG  1 
ATOM   79   S SD  . MET A 1 35  ? -7.094  -4.618  -23.857 1.00 30.83 ? 15  MET A SD  1 
ATOM   80   C CE  . MET A 1 35  ? -8.034  -3.444  -24.833 1.00 29.23 ? 15  MET A CE  1 
ATOM   81   N N   . SER A 1 36  ? -5.704  -5.046  -20.742 1.00 19.08 ? 16  SER A N   1 
ATOM   82   C CA  . SER A 1 36  ? -5.051  -6.211  -20.168 1.00 23.24 ? 16  SER A CA  1 
ATOM   83   C C   . SER A 1 36  ? -4.267  -6.971  -21.233 1.00 24.64 ? 16  SER A C   1 
ATOM   84   O O   . SER A 1 36  ? -4.821  -7.388  -22.255 1.00 21.98 ? 16  SER A O   1 
ATOM   85   C CB  . SER A 1 36  ? -6.060  -7.147  -19.523 1.00 21.42 ? 16  SER A CB  1 
ATOM   86   O OG  . SER A 1 36  ? -5.387  -8.326  -19.142 1.00 27.70 ? 16  SER A OG  1 
ATOM   87   N N   . ARG A 1 37  ? -2.981  -7.177  -20.963 1.00 24.38 ? 17  ARG A N   1 
ATOM   88   C CA  . ARG A 1 37  ? -2.106  -7.911  -21.873 1.00 30.64 ? 17  ARG A CA  1 
ATOM   89   C C   . ARG A 1 37  ? -2.481  -9.384  -21.934 1.00 30.88 ? 17  ARG A C   1 
ATOM   90   O O   . ARG A 1 37  ? -2.455  -9.991  -23.009 1.00 30.00 ? 17  ARG A O   1 
ATOM   91   C CB  . ARG A 1 37  ? -0.654  -7.735  -21.419 1.00 27.59 ? 17  ARG A CB  1 
ATOM   92   C CG  . ARG A 1 37  ? 0.390   -8.488  -22.200 1.00 37.53 ? 17  ARG A CG  1 
ATOM   93   C CD  . ARG A 1 37  ? 1.657   -7.691  -22.095 1.00 36.46 ? 17  ARG A CD  1 
ATOM   94   N NE  . ARG A 1 37  ? 1.318   -6.267  -22.046 1.00 36.78 ? 17  ARG A NE  1 
ATOM   95   C CZ  . ARG A 1 37  ? 2.194   -5.283  -21.885 1.00 34.25 ? 17  ARG A CZ  1 
ATOM   96   N NH1 . ARG A 1 37  ? 3.488   -5.558  -21.749 1.00 34.49 ? 17  ARG A NH1 1 
ATOM   97   N NH2 . ARG A 1 37  ? 1.764   -4.026  -21.855 1.00 32.37 ? 17  ARG A NH2 1 
ATOM   98   N N   . SER A 1 38  ? -2.835  -9.978  -20.796 1.00 26.11 ? 18  SER A N   1 
ATOM   99   C CA  . SER A 1 38  ? -3.126  -11.404 -20.776 1.00 25.57 ? 18  SER A CA  1 
ATOM   100  C C   . SER A 1 38  ? -4.486  -11.720 -21.378 1.00 28.08 ? 18  SER A C   1 
ATOM   101  O O   . SER A 1 38  ? -4.620  -12.689 -22.134 1.00 31.23 ? 18  SER A O   1 
ATOM   102  C CB  . SER A 1 38  ? -3.056  -11.931 -19.343 1.00 31.04 ? 18  SER A CB  1 
ATOM   103  O OG  . SER A 1 38  ? -2.661  -13.292 -19.334 1.00 36.88 ? 18  SER A OG  1 
ATOM   104  N N   . SER A 1 39  ? -5.506  -10.924 -21.054 1.00 24.84 ? 19  SER A N   1 
ATOM   105  C CA  . SER A 1 39  ? -6.884  -11.258 -21.384 1.00 25.18 ? 19  SER A CA  1 
ATOM   106  C C   . SER A 1 39  ? -7.493  -10.402 -22.482 1.00 21.41 ? 19  SER A C   1 
ATOM   107  O O   . SER A 1 39  ? -8.522  -10.790 -23.032 1.00 22.96 ? 19  SER A O   1 
ATOM   108  C CB  . SER A 1 39  ? -7.777  -11.140 -20.137 1.00 22.82 ? 19  SER A CB  1 
ATOM   109  O OG  . SER A 1 39  ? -8.140  -9.787  -19.893 1.00 23.99 ? 19  SER A OG  1 
ATOM   110  N N   . GLY A 1 40  ? -6.907  -9.253  -22.806 1.00 22.64 ? 20  GLY A N   1 
ATOM   111  C CA  . GLY A 1 40  ? -7.539  -8.358  -23.753 1.00 25.85 ? 20  GLY A CA  1 
ATOM   112  C C   . GLY A 1 40  ? -8.718  -7.570  -23.210 1.00 25.47 ? 20  GLY A C   1 
ATOM   113  O O   . GLY A 1 40  ? -9.304  -6.769  -23.950 1.00 22.94 ? 20  GLY A O   1 
ATOM   114  N N   . ARG A 1 41  ? -9.099  -7.767  -21.952 1.00 20.73 ? 21  ARG A N   1 
ATOM   115  C CA  . ARG A 1 41  ? -10.180 -6.970  -21.396 1.00 18.47 ? 21  ARG A CA  1 
ATOM   116  C C   . ARG A 1 41  ? -9.635  -5.658  -20.843 1.00 17.03 ? 21  ARG A C   1 
ATOM   117  O O   . ARG A 1 41  ? -8.473  -5.564  -20.433 1.00 15.09 ? 21  ARG A O   1 
ATOM   118  C CB  . ARG A 1 41  ? -10.913 -7.741  -20.300 1.00 22.14 ? 21  ARG A CB  1 
ATOM   119  C CG  . ARG A 1 41  ? -12.418 -7.510  -20.307 1.00 24.55 ? 21  ARG A CG  1 
ATOM   120  C CD  . ARG A 1 41  ? -13.138 -8.349  -19.254 1.00 26.10 ? 21  ARG A CD  1 
ATOM   121  N NE  . ARG A 1 41  ? -12.408 -9.574  -18.935 1.00 23.81 ? 21  ARG A NE  1 
ATOM   122  C CZ  . ARG A 1 41  ? -12.018 -9.920  -17.707 1.00 22.87 ? 21  ARG A CZ  1 
ATOM   123  N NH1 . ARG A 1 41  ? -12.298 -9.153  -16.652 1.00 17.66 ? 21  ARG A NH1 1 
ATOM   124  N NH2 . ARG A 1 41  ? -11.349 -11.049 -17.528 1.00 35.06 ? 21  ARG A NH2 1 
ATOM   125  N N   . VAL A 1 42  ? -10.481 -4.632  -20.851 1.00 16.77 ? 22  VAL A N   1 
ATOM   126  C CA  . VAL A 1 42  ? -10.072 -3.369  -20.251 1.00 17.95 ? 22  VAL A CA  1 
ATOM   127  C C   . VAL A 1 42  ? -10.077 -3.506  -18.732 1.00 13.20 ? 22  VAL A C   1 
ATOM   128  O O   . VAL A 1 42  ? -10.869 -4.259  -18.152 1.00 12.06 ? 22  VAL A O   1 
ATOM   129  C CB  . VAL A 1 42  ? -10.988 -2.218  -20.702 1.00 21.52 ? 22  VAL A CB  1 
ATOM   130  C CG1 . VAL A 1 42  ? -10.926 -2.043  -22.219 1.00 25.48 ? 22  VAL A CG1 1 
ATOM   131  C CG2 . VAL A 1 42  ? -12.417 -2.467  -20.246 1.00 22.03 ? 22  VAL A CG2 1 
ATOM   132  N N   . TYR A 1 43  ? -9.184  -2.770  -18.080 1.00 12.69 ? 23  TYR A N   1 
ATOM   133  C CA  . TYR A 1 43  ? -9.173  -2.689  -16.632 1.00 11.32 ? 23  TYR A CA  1 
ATOM   134  C C   . TYR A 1 43  ? -8.851  -1.252  -16.254 1.00 12.82 ? 23  TYR A C   1 
ATOM   135  O O   . TYR A 1 43  ? -8.616  -0.401  -17.116 1.00 11.86 ? 23  TYR A O   1 
ATOM   136  C CB  . TYR A 1 43  ? -8.188  -3.698  -16.023 1.00 11.91 ? 23  TYR A CB  1 
ATOM   137  C CG  . TYR A 1 43  ? -6.723  -3.357  -16.189 1.00 12.07 ? 23  TYR A CG  1 
ATOM   138  C CD1 . TYR A 1 43  ? -6.064  -3.607  -17.379 1.00 15.86 ? 23  TYR A CD1 1 
ATOM   139  C CD2 . TYR A 1 43  ? -5.995  -2.792  -15.137 1.00 13.74 ? 23  TYR A CD2 1 
ATOM   140  C CE1 . TYR A 1 43  ? -4.719  -3.304  -17.535 1.00 20.02 ? 23  TYR A CE1 1 
ATOM   141  C CE2 . TYR A 1 43  ? -4.651  -2.486  -15.276 1.00 15.91 ? 23  TYR A CE2 1 
ATOM   142  C CZ  . TYR A 1 43  ? -4.019  -2.744  -16.481 1.00 26.34 ? 23  TYR A CZ  1 
ATOM   143  O OH  . TYR A 1 43  ? -2.683  -2.446  -16.636 1.00 25.35 ? 23  TYR A OH  1 
ATOM   144  N N   . TYR A 1 44  ? -8.849  -0.976  -14.957 1.00 10.97 ? 24  TYR A N   1 
ATOM   145  C CA  . TYR A 1 44  ? -8.618  0.371   -14.459 1.00 12.32 ? 24  TYR A CA  1 
ATOM   146  C C   . TYR A 1 44  ? -7.423  0.369   -13.521 1.00 13.48 ? 24  TYR A C   1 
ATOM   147  O O   . TYR A 1 44  ? -7.260  -0.543  -12.705 1.00 9.58  ? 24  TYR A O   1 
ATOM   148  C CB  . TYR A 1 44  ? -9.861  0.915   -13.762 1.00 12.83 ? 24  TYR A CB  1 
ATOM   149  C CG  . TYR A 1 44  ? -11.040 0.992   -14.704 1.00 17.32 ? 24  TYR A CG  1 
ATOM   150  C CD1 . TYR A 1 44  ? -11.832 -0.130  -14.960 1.00 16.16 ? 24  TYR A CD1 1 
ATOM   151  C CD2 . TYR A 1 44  ? -11.332 2.171   -15.377 1.00 20.10 ? 24  TYR A CD2 1 
ATOM   152  C CE1 . TYR A 1 44  ? -12.894 -0.066  -15.845 1.00 17.13 ? 24  TYR A CE1 1 
ATOM   153  C CE2 . TYR A 1 44  ? -12.392 2.247   -16.252 1.00 19.88 ? 24  TYR A CE2 1 
ATOM   154  C CZ  . TYR A 1 44  ? -13.168 1.129   -16.483 1.00 25.14 ? 24  TYR A CZ  1 
ATOM   155  O OH  . TYR A 1 44  ? -14.217 1.209   -17.361 1.00 23.95 ? 24  TYR A OH  1 
ATOM   156  N N   . PHE A 1 45  ? -6.591  1.399   -13.656 1.00 11.52 ? 25  PHE A N   1 
ATOM   157  C CA  . PHE A 1 45  ? -5.352  1.539   -12.908 1.00 12.53 ? 25  PHE A CA  1 
ATOM   158  C C   . PHE A 1 45  ? -5.314  2.960   -12.372 1.00 13.01 ? 25  PHE A C   1 
ATOM   159  O O   . PHE A 1 45  ? -5.867  3.879   -12.977 1.00 15.37 ? 25  PHE A O   1 
ATOM   160  C CB  . PHE A 1 45  ? -4.127  1.239   -13.809 1.00 15.33 ? 25  PHE A CB  1 
ATOM   161  C CG  . PHE A 1 45  ? -2.804  1.634   -13.212 1.00 22.25 ? 25  PHE A CG  1 
ATOM   162  C CD1 . PHE A 1 45  ? -2.248  0.899   -12.159 1.00 21.49 ? 25  PHE A CD1 1 
ATOM   163  C CD2 . PHE A 1 45  ? -2.100  2.732   -13.704 1.00 22.11 ? 25  PHE A CD2 1 
ATOM   164  C CE1 . PHE A 1 45  ? -1.008  1.255   -11.590 1.00 19.73 ? 25  PHE A CE1 1 
ATOM   165  C CE2 . PHE A 1 45  ? -0.864  3.092   -13.146 1.00 22.49 ? 25  PHE A CE2 1 
ATOM   166  C CZ  . PHE A 1 45  ? -0.323  2.351   -12.080 1.00 21.85 ? 25  PHE A CZ  1 
ATOM   167  N N   . ASN A 1 46  ? -4.699  3.130   -11.211 1.00 14.90 ? 26  ASN A N   1 
ATOM   168  C CA  . ASN A 1 46  ? -4.576  4.441   -10.591 1.00 15.45 ? 26  ASN A CA  1 
ATOM   169  C C   . ASN A 1 46  ? -3.094  4.733   -10.434 1.00 11.50 ? 26  ASN A C   1 
ATOM   170  O O   . ASN A 1 46  ? -2.390  4.011   -9.718  1.00 10.80 ? 26  ASN A O   1 
ATOM   171  C CB  . ASN A 1 46  ? -5.309  4.486   -9.247  1.00 12.42 ? 26  ASN A CB  1 
ATOM   172  C CG  . ASN A 1 46  ? -5.316  5.882   -8.635  1.00 12.19 ? 26  ASN A CG  1 
ATOM   173  O OD1 . ASN A 1 46  ? -4.264  6.474   -8.421  1.00 11.34 ? 26  ASN A OD1 1 
ATOM   174  N ND2 . ASN A 1 46  ? -6.494  6.396   -8.342  1.00 12.12 ? 26  ASN A ND2 1 
ATOM   175  N N   . HIS A 1 47  ? -2.603  5.765   -11.131 1.00 13.61 ? 27  HIS A N   1 
ATOM   176  C CA  . HIS A 1 47  ? -1.159  5.980   -11.099 1.00 12.13 ? 27  HIS A CA  1 
ATOM   177  C C   . HIS A 1 47  ? -0.696  6.660   -9.821  1.00 11.24 ? 27  HIS A C   1 
ATOM   178  O O   . HIS A 1 47  ? 0.518   6.787   -9.620  1.00 12.90 ? 27  HIS A O   1 
ATOM   179  C CB  . HIS A 1 47  ? -0.684  6.795   -12.315 1.00 11.92 ? 27  HIS A CB  1 
ATOM   180  C CG  . HIS A 1 47  ? -1.374  8.114   -12.482 1.00 13.75 ? 27  HIS A CG  1 
ATOM   181  N ND1 . HIS A 1 47  ? -0.926  9.274   -11.881 1.00 22.65 ? 27  HIS A ND1 1 
ATOM   182  C CD2 . HIS A 1 47  ? -2.464  8.464   -13.206 1.00 16.80 ? 27  HIS A CD2 1 
ATOM   183  C CE1 . HIS A 1 47  ? -1.726  10.274  -12.207 1.00 19.43 ? 27  HIS A CE1 1 
ATOM   184  N NE2 . HIS A 1 47  ? -2.666  9.811   -13.011 1.00 23.51 ? 27  HIS A NE2 1 
ATOM   185  N N   . ILE A 1 48  ? -1.617  7.081   -8.963  1.00 11.00 ? 28  ILE A N   1 
ATOM   186  C CA  . ILE A 1 48  ? -1.252  7.661   -7.670  1.00 12.65 ? 28  ILE A CA  1 
ATOM   187  C C   . ILE A 1 48  ? -1.161  6.594   -6.588  1.00 10.82 ? 28  ILE A C   1 
ATOM   188  O O   . ILE A 1 48  ? -0.247  6.622   -5.767  1.00 12.42 ? 28  ILE A O   1 
ATOM   189  C CB  . ILE A 1 48  ? -2.252  8.762   -7.265  1.00 13.46 ? 28  ILE A CB  1 
ATOM   190  C CG1 . ILE A 1 48  ? -2.422  9.787   -8.387  1.00 15.10 ? 28  ILE A CG1 1 
ATOM   191  C CG2 . ILE A 1 48  ? -1.798  9.422   -5.964  1.00 12.54 ? 28  ILE A CG2 1 
ATOM   192  C CD1 . ILE A 1 48  ? -3.524  10.796  -8.117  1.00 19.22 ? 28  ILE A CD1 1 
ATOM   193  N N   . THR A 1 49  ? -2.084  5.627   -6.579  1.00 10.89 ? 29  THR A N   1 
ATOM   194  C CA  . THR A 1 49  ? -2.113  4.601   -5.545  1.00 9.47  ? 29  THR A CA  1 
ATOM   195  C C   . THR A 1 49  ? -1.519  3.273   -5.997  1.00 8.47  ? 29  THR A C   1 
ATOM   196  O O   . THR A 1 49  ? -1.307  2.396   -5.152  1.00 8.93  ? 29  THR A O   1 
ATOM   197  C CB  . THR A 1 49  ? -3.557  4.356   -5.076  1.00 8.83  ? 29  THR A CB  1 
ATOM   198  O OG1 . THR A 1 49  ? -4.317  3.803   -6.165  1.00 10.67 ? 29  THR A OG1 1 
ATOM   199  C CG2 . THR A 1 49  ? -4.217  5.654   -4.599  1.00 8.72  ? 29  THR A CG2 1 
ATOM   200  N N   . ASN A 1 50  ? -1.264  3.108   -7.299  1.00 8.94  ? 30  ASN A N   1 
ATOM   201  C CA  . ASN A 1 50  ? -0.906  1.838   -7.941  1.00 9.57  ? 30  ASN A CA  1 
ATOM   202  C C   . ASN A 1 50  ? -1.987  0.762   -7.770  1.00 8.54  ? 30  ASN A C   1 
ATOM   203  O O   . ASN A 1 50  ? -1.700  -0.440  -7.878  1.00 10.82 ? 30  ASN A O   1 
ATOM   204  C CB  . ASN A 1 50  ? 0.457   1.320   -7.462  1.00 9.53  ? 30  ASN A CB  1 
ATOM   205  C CG  . ASN A 1 50  ? 1.619   2.082   -8.112  1.00 11.89 ? 30  ASN A CG  1 
ATOM   206  O OD1 . ASN A 1 50  ? 1.485   2.575   -9.227  1.00 10.87 ? 30  ASN A OD1 1 
ATOM   207  N ND2 . ASN A 1 50  ? 2.737   2.189   -7.416  1.00 9.66  ? 30  ASN A ND2 1 
ATOM   208  N N   . ALA A 1 51  ? -3.231  1.162   -7.535  1.00 7.62  ? 31  ALA A N   1 
ATOM   209  C CA  . ALA A 1 51  ? -4.316  0.195   -7.494  1.00 12.30 ? 31  ALA A CA  1 
ATOM   210  C C   . ALA A 1 51  ? -4.655  -0.231  -8.914  1.00 9.97  ? 31  ALA A C   1 
ATOM   211  O O   . ALA A 1 51  ? -4.454  0.518   -9.877  1.00 7.38  ? 31  ALA A O   1 
ATOM   212  C CB  . ALA A 1 51  ? -5.561  0.773   -6.815  1.00 10.98 ? 31  ALA A CB  1 
ATOM   213  N N   . SER A 1 52  ? -5.154  -1.456  -9.046  1.00 8.68  ? 32  SER A N   1 
ATOM   214  C CA  . SER A 1 52  ? -5.634  -1.897  -10.345 1.00 8.50  ? 32  SER A CA  1 
ATOM   215  C C   . SER A 1 52  ? -6.746  -2.915  -10.117 1.00 12.70 ? 32  SER A C   1 
ATOM   216  O O   . SER A 1 52  ? -6.659  -3.739  -9.201  1.00 8.84  ? 32  SER A O   1 
ATOM   217  C CB  . SER A 1 52  ? -4.504  -2.491  -11.193 1.00 10.85 ? 32  SER A CB  1 
ATOM   218  O OG  . SER A 1 52  ? -3.868  -3.570  -10.526 1.00 10.21 ? 32  SER A OG  1 
ATOM   219  N N   . GLN A 1 53  ? -7.780  -2.844  -10.952 1.00 10.51 ? 33  GLN A N   1 
ATOM   220  C CA  . GLN A 1 53  ? -8.966  -3.674  -10.778 1.00 10.53 ? 33  GLN A CA  1 
ATOM   221  C C   . GLN A 1 53  ? -9.694  -3.756  -12.110 1.00 10.34 ? 33  GLN A C   1 
ATOM   222  O O   . GLN A 1 53  ? -9.548  -2.876  -12.965 1.00 8.84  ? 33  GLN A O   1 
ATOM   223  C CB  . GLN A 1 53  ? -9.897  -3.100  -9.705  1.00 7.68  ? 33  GLN A CB  1 
ATOM   224  C CG  . GLN A 1 53  ? -10.420 -1.698  -10.049 1.00 11.27 ? 33  GLN A CG  1 
ATOM   225  C CD  . GLN A 1 53  ? -11.039 -0.994  -8.849  1.00 15.15 ? 33  GLN A CD  1 
ATOM   226  O OE1 . GLN A 1 53  ? -10.497 -1.039  -7.748  1.00 11.39 ? 33  GLN A OE1 1 
ATOM   227  N NE2 . GLN A 1 53  ? -12.174 -0.337  -9.063  1.00 13.03 ? 33  GLN A NE2 1 
ATOM   228  N N   . TRP A 1 54  ? -10.490 -4.824  -12.278 1.00 9.32  ? 34  TRP A N   1 
ATOM   229  C CA  . TRP A 1 54  ? -11.330 -4.928  -13.476 1.00 9.05  ? 34  TRP A CA  1 
ATOM   230  C C   . TRP A 1 54  ? -12.473 -3.926  -13.456 1.00 11.74 ? 34  TRP A C   1 
ATOM   231  O O   . TRP A 1 54  ? -12.901 -3.457  -14.523 1.00 10.44 ? 34  TRP A O   1 
ATOM   232  C CB  . TRP A 1 54  ? -11.916 -6.336  -13.619 1.00 8.77  ? 34  TRP A CB  1 
ATOM   233  C CG  . TRP A 1 54  ? -10.888 -7.383  -13.809 1.00 7.82  ? 34  TRP A CG  1 
ATOM   234  C CD1 . TRP A 1 54  ? -10.586 -8.377  -12.949 1.00 11.01 ? 34  TRP A CD1 1 
ATOM   235  C CD2 . TRP A 1 54  ? -10.015 -7.528  -14.920 1.00 11.22 ? 34  TRP A CD2 1 
ATOM   236  N NE1 . TRP A 1 54  ? -9.580  -9.154  -13.454 1.00 11.07 ? 34  TRP A NE1 1 
ATOM   237  C CE2 . TRP A 1 54  ? -9.202  -8.646  -14.665 1.00 12.82 ? 34  TRP A CE2 1 
ATOM   238  C CE3 . TRP A 1 54  ? -9.834  -6.817  -16.111 1.00 12.03 ? 34  TRP A CE3 1 
ATOM   239  C CZ2 . TRP A 1 54  ? -8.220  -9.073  -15.550 1.00 15.62 ? 34  TRP A CZ2 1 
ATOM   240  C CZ3 . TRP A 1 54  ? -8.860  -7.244  -16.991 1.00 14.01 ? 34  TRP A CZ3 1 
ATOM   241  C CH2 . TRP A 1 54  ? -8.066  -8.361  -16.706 1.00 14.05 ? 34  TRP A CH2 1 
ATOM   242  N N   . GLU A 1 55  ? -12.980 -3.596  -12.267 1.00 11.80 ? 35  GLU A N   1 
ATOM   243  C CA  . GLU A 1 55  ? -14.222 -2.842  -12.137 1.00 12.72 ? 35  GLU A CA  1 
ATOM   244  C C   . GLU A 1 55  ? -13.982 -1.342  -12.260 1.00 16.04 ? 35  GLU A C   1 
ATOM   245  O O   . GLU A 1 55  ? -12.982 -0.807  -11.774 1.00 13.84 ? 35  GLU A O   1 
ATOM   246  C CB  . GLU A 1 55  ? -14.898 -3.137  -10.791 1.00 15.07 ? 35  GLU A CB  1 
ATOM   247  C CG  . GLU A 1 55  ? -15.306 -4.600  -10.566 1.00 14.43 ? 35  GLU A CG  1 
ATOM   248  C CD  . GLU A 1 55  ? -14.137 -5.509  -10.196 1.00 18.51 ? 35  GLU A CD  1 
ATOM   249  O OE1 . GLU A 1 55  ? -13.052 -4.988  -9.858  1.00 13.80 ? 35  GLU A OE1 1 
ATOM   250  O OE2 . GLU A 1 55  ? -14.313 -6.754  -10.231 1.00 16.05 ? 35  GLU A OE2 1 
ATOM   251  N N   . ARG A 1 56  ? -14.926 -0.665  -12.882 1.00 14.80 ? 36  ARG A N   1 
ATOM   252  C CA  . ARG A 1 56  ? -14.833 0.780   -13.028 1.00 19.15 ? 36  ARG A CA  1 
ATOM   253  C C   . ARG A 1 56  ? -14.983 1.446   -11.665 1.00 21.79 ? 36  ARG A C   1 
ATOM   254  O O   . ARG A 1 56  ? -15.943 1.149   -10.942 1.00 21.93 ? 36  ARG A O   1 
ATOM   255  C CB  . ARG A 1 56  ? -15.910 1.264   -13.982 1.00 21.91 ? 36  ARG A CB  1 
ATOM   256  C CG  . ARG A 1 56  ? -15.727 2.687   -14.442 1.00 25.41 ? 36  ARG A CG  1 
ATOM   257  C CD  . ARG A 1 56  ? -16.783 3.038   -15.461 1.00 35.64 ? 36  ARG A CD  1 
ATOM   258  N NE  . ARG A 1 56  ? -16.292 4.031   -16.407 1.00 40.27 ? 36  ARG A NE  1 
ATOM   259  C CZ  . ARG A 1 56  ? -16.390 5.339   -16.216 1.00 43.21 ? 36  ARG A CZ  1 
ATOM   260  N NH1 . ARG A 1 56  ? -16.961 5.804   -15.108 1.00 41.76 ? 36  ARG A NH1 1 
ATOM   261  N NH2 . ARG A 1 56  ? -15.912 6.174   -17.132 1.00 44.57 ? 36  ARG A NH2 1 
ATOM   262  N N   . PRO A 1 57  ? -14.065 2.333   -11.274 1.00 20.12 ? 37  PRO A N   1 
ATOM   263  C CA  . PRO A 1 57  ? -14.064 2.829   -9.892  1.00 21.85 ? 37  PRO A CA  1 
ATOM   264  C C   . PRO A 1 57  ? -15.268 3.708   -9.578  1.00 28.56 ? 37  PRO A C   1 
ATOM   265  O O   . PRO A 1 57  ? -15.820 4.385   -10.447 1.00 26.85 ? 37  PRO A O   1 
ATOM   266  C CB  . PRO A 1 57  ? -12.753 3.623   -9.802  1.00 20.61 ? 37  PRO A CB  1 
ATOM   267  C CG  . PRO A 1 57  ? -12.403 3.957   -11.208 1.00 20.48 ? 37  PRO A CG  1 
ATOM   268  C CD  . PRO A 1 57  ? -12.887 2.793   -12.026 1.00 18.63 ? 37  PRO A CD  1 
ATOM   269  N N   . SER A 1 58  ? -15.669 3.677   -8.303  1.00 33.28 ? 38  SER A N   1 
ATOM   270  C CA  . SER A 1 58  ? -16.825 4.428   -7.798  1.00 37.97 ? 38  SER A CA  1 
ATOM   271  C C   . SER A 1 58  ? -16.762 5.912   -8.152  1.00 37.01 ? 38  SER A C   1 
ATOM   272  O O   . SER A 1 58  ? -15.806 6.597   -7.786  1.00 33.00 ? 38  SER A O   1 
ATOM   273  C CB  . SER A 1 58  ? -16.941 4.280   -6.272  1.00 37.85 ? 38  SER A CB  1 
ATOM   274  O OG  . SER A 1 58  ? -17.187 2.939   -5.883  1.00 38.51 ? 38  SER A OG  1 
ATOM   275  N N   . GLU A 1 71  ? -11.897 17.150  -1.336  1.00 47.88 ? 51  GLU A N   1 
ATOM   276  C CA  . GLU A 1 71  ? -10.911 16.364  -0.605  1.00 41.46 ? 51  GLU A CA  1 
ATOM   277  C C   . GLU A 1 71  ? -10.988 16.660  0.891   1.00 44.69 ? 51  GLU A C   1 
ATOM   278  O O   . GLU A 1 71  ? -11.008 17.826  1.297   1.00 45.03 ? 51  GLU A O   1 
ATOM   279  C CB  . GLU A 1 71  ? -9.498  16.641  -1.133  1.00 41.26 ? 51  GLU A CB  1 
ATOM   280  C CG  . GLU A 1 71  ? -8.379  16.065  -0.267  1.00 40.50 ? 51  GLU A CG  1 
ATOM   281  C CD  . GLU A 1 71  ? -7.003  16.138  -0.921  1.00 34.05 ? 51  GLU A CD  1 
ATOM   282  O OE1 . GLU A 1 71  ? -6.813  15.566  -2.019  1.00 32.60 ? 51  GLU A OE1 1 
ATOM   283  O OE2 . GLU A 1 71  ? -6.104  16.766  -0.323  1.00 33.41 ? 51  GLU A OE2 1 
ATOM   284  N N   . PRO A 1 72  ? -11.042 15.607  1.706   1.00 43.84 ? 52  PRO A N   1 
ATOM   285  C CA  . PRO A 1 72  ? -11.103 15.796  3.159   1.00 39.80 ? 52  PRO A CA  1 
ATOM   286  C C   . PRO A 1 72  ? -9.786  16.321  3.705   1.00 32.10 ? 52  PRO A C   1 
ATOM   287  O O   . PRO A 1 72  ? -8.720  16.146  3.112   1.00 37.13 ? 52  PRO A O   1 
ATOM   288  C CB  . PRO A 1 72  ? -11.392 14.387  3.686   1.00 40.00 ? 52  PRO A CB  1 
ATOM   289  C CG  . PRO A 1 72  ? -10.800 13.485  2.643   1.00 34.11 ? 52  PRO A CG  1 
ATOM   290  C CD  . PRO A 1 72  ? -11.053 14.182  1.331   1.00 37.27 ? 52  PRO A CD  1 
ATOM   291  N N   . ALA A 1 73  ? -9.875  16.972  4.866   1.00 33.27 ? 53  ALA A N   1 
ATOM   292  C CA  . ALA A 1 73  ? -8.688  17.527  5.506   1.00 31.98 ? 53  ALA A CA  1 
ATOM   293  C C   . ALA A 1 73  ? -7.830  16.449  6.151   1.00 30.90 ? 53  ALA A C   1 
ATOM   294  O O   . ALA A 1 73  ? -6.599  16.586  6.212   1.00 23.15 ? 53  ALA A O   1 
ATOM   295  C CB  . ALA A 1 73  ? -9.092  18.564  6.554   1.00 39.11 ? 53  ALA A CB  1 
ATOM   296  N N   . ARG A 1 74  ? -8.451  15.387  6.653   1.00 27.61 ? 54  ARG A N   1 
ATOM   297  C CA  . ARG A 1 74  ? -7.714  14.285  7.245   1.00 23.97 ? 54  ARG A CA  1 
ATOM   298  C C   . ARG A 1 74  ? -8.210  12.971  6.669   1.00 21.46 ? 54  ARG A C   1 
ATOM   299  O O   . ARG A 1 74  ? -9.362  12.850  6.241   1.00 20.67 ? 54  ARG A O   1 
ATOM   300  C CB  . ARG A 1 74  ? -7.855  14.244  8.774   1.00 28.89 ? 54  ARG A CB  1 
ATOM   301  C CG  . ARG A 1 74  ? -7.927  15.609  9.448   1.00 32.94 ? 54  ARG A CG  1 
ATOM   302  C CD  . ARG A 1 74  ? -6.715  15.838  10.332  1.00 32.79 ? 54  ARG A CD  1 
ATOM   303  N NE  . ARG A 1 74  ? -6.774  15.068  11.573  1.00 34.95 ? 54  ARG A NE  1 
ATOM   304  C CZ  . ARG A 1 74  ? -5.723  14.846  12.364  1.00 39.31 ? 54  ARG A CZ  1 
ATOM   305  N NH1 . ARG A 1 74  ? -4.526  15.335  12.041  1.00 36.45 ? 54  ARG A NH1 1 
ATOM   306  N NH2 . ARG A 1 74  ? -5.866  14.138  13.480  1.00 38.20 ? 54  ARG A NH2 1 
ATOM   307  N N   . VAL A 1 75  ? -7.311  11.991  6.653   1.00 19.80 ? 55  VAL A N   1 
ATOM   308  C CA  . VAL A 1 75  ? -7.662  10.605  6.388   1.00 19.72 ? 55  VAL A CA  1 
ATOM   309  C C   . VAL A 1 75  ? -7.003  9.762   7.463   1.00 15.25 ? 55  VAL A C   1 
ATOM   310  O O   . VAL A 1 75  ? -6.053  10.186  8.125   1.00 19.05 ? 55  VAL A O   1 
ATOM   311  C CB  . VAL A 1 75  ? -7.234  10.132  4.979   1.00 17.02 ? 55  VAL A CB  1 
ATOM   312  C CG1 . VAL A 1 75  ? -7.952  10.946  3.923   1.00 17.20 ? 55  VAL A CG1 1 
ATOM   313  C CG2 . VAL A 1 75  ? -5.729  10.240  4.810   1.00 16.82 ? 55  VAL A CG2 1 
ATOM   314  N N   . ARG A 1 76  ? -7.545  8.568   7.653   1.00 15.06 ? 56  ARG A N   1 
ATOM   315  C CA  . ARG A 1 76  ? -6.975  7.579   8.552   1.00 14.24 ? 56  ARG A CA  1 
ATOM   316  C C   . ARG A 1 76  ? -6.610  6.348   7.737   1.00 13.74 ? 56  ARG A C   1 
ATOM   317  O O   . ARG A 1 76  ? -7.429  5.863   6.949   1.00 13.81 ? 56  ARG A O   1 
ATOM   318  C CB  . ARG A 1 76  ? -7.962  7.212   9.661   1.00 14.07 ? 56  ARG A CB  1 
ATOM   319  C CG  . ARG A 1 76  ? -7.390  6.218   10.643  1.00 12.14 ? 56  ARG A CG  1 
ATOM   320  C CD  . ARG A 1 76  ? -8.399  5.806   11.695  1.00 18.48 ? 56  ARG A CD  1 
ATOM   321  N NE  . ARG A 1 76  ? -7.774  4.984   12.732  1.00 20.59 ? 56  ARG A NE  1 
ATOM   322  C CZ  . ARG A 1 76  ? -8.419  4.504   13.789  1.00 24.73 ? 56  ARG A CZ  1 
ATOM   323  N NH1 . ARG A 1 76  ? -9.712  4.765   13.945  1.00 21.36 ? 56  ARG A NH1 1 
ATOM   324  N NH2 . ARG A 1 76  ? -7.773  3.768   14.686  1.00 25.42 ? 56  ARG A NH2 1 
ATOM   325  N N   . CYS A 1 77  ? -5.396  5.839   7.930   1.00 10.41 ? 57  CYS A N   1 
ATOM   326  C CA  . CYS A 1 77  ? -4.918  4.733   7.112   1.00 10.37 ? 57  CYS A CA  1 
ATOM   327  C C   . CYS A 1 77  ? -4.164  3.750   7.982   1.00 11.98 ? 57  CYS A C   1 
ATOM   328  O O   . CYS A 1 77  ? -3.605  4.110   9.024   1.00 11.97 ? 57  CYS A O   1 
ATOM   329  C CB  . CYS A 1 77  ? -3.987  5.212   5.990   1.00 9.36  ? 57  CYS A CB  1 
ATOM   330  S SG  . CYS A 1 77  ? -4.824  6.140   4.701   1.00 10.07 ? 57  CYS A SG  1 
ATOM   331  N N   . SER A 1 78  ? -4.154  2.497   7.535   1.00 8.03  ? 58  SER A N   1 
ATOM   332  C CA  . SER A 1 78  ? -3.228  1.488   8.005   1.00 7.81  ? 58  SER A CA  1 
ATOM   333  C C   . SER A 1 78  ? -2.267  1.144   6.877   1.00 8.67  ? 58  SER A C   1 
ATOM   334  O O   . SER A 1 78  ? -2.532  1.419   5.704   1.00 9.70  ? 58  SER A O   1 
ATOM   335  C CB  . SER A 1 78  ? -3.963  0.226   8.471   1.00 8.00  ? 58  SER A CB  1 
ATOM   336  O OG  . SER A 1 78  ? -4.936  0.547   9.441   1.00 10.92 ? 58  SER A OG  1 
ATOM   337  N N   . HIS A 1 79  ? -1.134  0.555   7.233   1.00 9.29  ? 59  HIS A N   1 
ATOM   338  C CA  . HIS A 1 79  ? -0.210  0.157   6.188   1.00 10.33 ? 59  HIS A CA  1 
ATOM   339  C C   . HIS A 1 79  ? 0.489   -1.127  6.587   1.00 11.37 ? 59  HIS A C   1 
ATOM   340  O O   . HIS A 1 79  ? 0.470   -1.552  7.747   1.00 9.31  ? 59  HIS A O   1 
ATOM   341  C CB  . HIS A 1 79  ? 0.811   1.268   5.869   1.00 10.94 ? 59  HIS A CB  1 
ATOM   342  C CG  . HIS A 1 79  ? 1.883   1.416   6.902   1.00 10.67 ? 59  HIS A CG  1 
ATOM   343  N ND1 . HIS A 1 79  ? 3.213   1.578   6.576   1.00 14.06 ? 59  HIS A ND1 1 
ATOM   344  C CD2 . HIS A 1 79  ? 1.823   1.422   8.256   1.00 12.75 ? 59  HIS A CD2 1 
ATOM   345  C CE1 . HIS A 1 79  ? 3.926   1.677   7.685   1.00 18.21 ? 59  HIS A CE1 1 
ATOM   346  N NE2 . HIS A 1 79  ? 3.106   1.593   8.720   1.00 16.27 ? 59  HIS A NE2 1 
ATOM   347  N N   . LEU A 1 80  ? 1.076   -1.762  5.581   1.00 9.35  ? 60  LEU A N   1 
ATOM   348  C CA  . LEU A 1 80  ? 1.975   -2.891  5.760   1.00 9.24  ? 60  LEU A CA  1 
ATOM   349  C C   . LEU A 1 80  ? 3.249   -2.522  5.031   1.00 11.54 ? 60  LEU A C   1 
ATOM   350  O O   . LEU A 1 80  ? 3.219   -2.288  3.818   1.00 9.95  ? 60  LEU A O   1 
ATOM   351  C CB  . LEU A 1 80  ? 1.385   -4.183  5.188   1.00 8.61  ? 60  LEU A CB  1 
ATOM   352  C CG  . LEU A 1 80  ? 2.093   -5.527  5.401   1.00 7.09  ? 60  LEU A CG  1 
ATOM   353  C CD1 . LEU A 1 80  ? 1.126   -6.668  5.069   1.00 9.98  ? 60  LEU A CD1 1 
ATOM   354  C CD2 . LEU A 1 80  ? 3.369   -5.683  4.570   1.00 11.37 ? 60  LEU A CD2 1 
ATOM   355  N N   . LEU A 1 81  ? 4.358   -2.482  5.758   1.00 10.03 ? 61  LEU A N   1 
ATOM   356  C CA  . LEU A 1 81  ? 5.634   -2.040  5.213   1.00 10.51 ? 61  LEU A CA  1 
ATOM   357  C C   . LEU A 1 81  ? 6.594   -3.217  5.086   1.00 8.68  ? 61  LEU A C   1 
ATOM   358  O O   . LEU A 1 81  ? 6.769   -3.994  6.031   1.00 10.43 ? 61  LEU A O   1 
ATOM   359  C CB  . LEU A 1 81  ? 6.238   -0.949  6.106   1.00 14.50 ? 61  LEU A CB  1 
ATOM   360  C CG  . LEU A 1 81  ? 7.644   -0.457  5.772   1.00 16.84 ? 61  LEU A CG  1 
ATOM   361  C CD1 . LEU A 1 81  ? 7.681   0.029   4.337   1.00 10.98 ? 61  LEU A CD1 1 
ATOM   362  C CD2 . LEU A 1 81  ? 8.067   0.652   6.738   1.00 15.73 ? 61  LEU A CD2 1 
ATOM   363  N N   . VAL A 1 82  ? 7.222   -3.346  3.922   1.00 10.03 ? 62  VAL A N   1 
ATOM   364  C CA  . VAL A 1 82  ? 8.288   -4.319  3.717   1.00 9.27  ? 62  VAL A CA  1 
ATOM   365  C C   . VAL A 1 82  ? 9.542   -3.519  3.400   1.00 13.48 ? 62  VAL A C   1 
ATOM   366  O O   . VAL A 1 82  ? 9.598   -2.830  2.374   1.00 10.55 ? 62  VAL A O   1 
ATOM   367  C CB  . VAL A 1 82  ? 7.972   -5.328  2.603   1.00 11.92 ? 62  VAL A CB  1 
ATOM   368  C CG1 . VAL A 1 82  ? 9.095   -6.346  2.492   1.00 10.70 ? 62  VAL A CG1 1 
ATOM   369  C CG2 . VAL A 1 82  ? 6.664   -6.054  2.901   1.00 8.68  ? 62  VAL A CG2 1 
ATOM   370  N N   . LYS A 1 83  ? 10.522  -3.567  4.302   1.00 13.27 ? 63  LYS A N   1 
ATOM   371  C CA  . LYS A 1 83  ? 11.777  -2.857  4.104   1.00 17.48 ? 63  LYS A CA  1 
ATOM   372  C C   . LYS A 1 83  ? 12.729  -3.692  3.248   1.00 14.53 ? 63  LYS A C   1 
ATOM   373  O O   . LYS A 1 83  ? 12.505  -4.880  2.996   1.00 13.27 ? 63  LYS A O   1 
ATOM   374  C CB  . LYS A 1 83  ? 12.417  -2.517  5.457   1.00 13.97 ? 63  LYS A CB  1 
ATOM   375  C CG  . LYS A 1 83  ? 11.677  -1.422  6.219   1.00 13.90 ? 63  LYS A CG  1 
ATOM   376  C CD  . LYS A 1 83  ? 12.434  -0.945  7.489   1.00 16.21 ? 63  LYS A CD  1 
ATOM   377  C CE  . LYS A 1 83  ? 11.938  0.428   7.919   1.00 25.51 ? 63  LYS A CE  1 
ATOM   378  N NZ  . LYS A 1 83  ? 12.660  0.982   9.112   1.00 32.10 ? 63  LYS A NZ  1 
ATOM   379  N N   . HIS A 1 84  ? 13.807  -3.053  2.795   1.00 15.28 ? 64  HIS A N   1 
ATOM   380  C CA  . HIS A 1 84  ? 14.822  -3.731  2.002   1.00 17.23 ? 64  HIS A CA  1 
ATOM   381  C C   . HIS A 1 84  ? 16.180  -3.109  2.312   1.00 23.37 ? 64  HIS A C   1 
ATOM   382  O O   . HIS A 1 84  ? 16.305  -2.242  3.181   1.00 23.54 ? 64  HIS A O   1 
ATOM   383  C CB  . HIS A 1 84  ? 14.508  -3.661  0.503   1.00 17.99 ? 64  HIS A CB  1 
ATOM   384  C CG  . HIS A 1 84  ? 14.144  -2.291  0.016   1.00 18.20 ? 64  HIS A CG  1 
ATOM   385  N ND1 . HIS A 1 84  ? 15.076  -1.291  -0.169  1.00 22.23 ? 64  HIS A ND1 1 
ATOM   386  C CD2 . HIS A 1 84  ? 12.951  -1.764  -0.345  1.00 18.78 ? 64  HIS A CD2 1 
ATOM   387  C CE1 . HIS A 1 84  ? 14.471  -0.205  -0.614  1.00 22.82 ? 64  HIS A CE1 1 
ATOM   388  N NE2 . HIS A 1 84  ? 13.181  -0.465  -0.730  1.00 18.11 ? 64  HIS A NE2 1 
ATOM   389  N N   . SER A 1 85  ? 17.202  -3.564  1.586   1.00 25.59 ? 65  SER A N   1 
ATOM   390  C CA  . SER A 1 85  ? 18.574  -3.142  1.861   1.00 26.18 ? 65  SER A CA  1 
ATOM   391  C C   . SER A 1 85  ? 18.808  -1.658  1.594   1.00 30.47 ? 65  SER A C   1 
ATOM   392  O O   . SER A 1 85  ? 19.729  -1.078  2.176   1.00 37.30 ? 65  SER A O   1 
ATOM   393  C CB  . SER A 1 85  ? 19.552  -3.984  1.033   1.00 23.13 ? 65  SER A CB  1 
ATOM   394  O OG  . SER A 1 85  ? 19.489  -3.613  -0.331  1.00 28.77 ? 65  SER A OG  1 
ATOM   395  N N   . GLN A 1 86  ? 18.008  -1.025  0.737   1.00 26.62 ? 66  GLN A N   1 
ATOM   396  C CA  . GLN A 1 86  ? 18.157  0.398   0.463   1.00 24.72 ? 66  GLN A CA  1 
ATOM   397  C C   . GLN A 1 86  ? 17.135  1.257   1.200   1.00 24.28 ? 66  GLN A C   1 
ATOM   398  O O   . GLN A 1 86  ? 16.991  2.439   0.878   1.00 27.82 ? 66  GLN A O   1 
ATOM   399  C CB  . GLN A 1 86  ? 18.086  0.666   -1.045  1.00 29.91 ? 66  GLN A CB  1 
ATOM   400  C CG  . GLN A 1 86  ? 19.269  0.073   -1.814  1.00 32.58 ? 66  GLN A CG  1 
ATOM   401  C CD  . GLN A 1 86  ? 19.445  0.662   -3.222  1.00 46.30 ? 66  GLN A CD  1 
ATOM   402  O OE1 . GLN A 1 86  ? 20.375  0.288   -3.944  1.00 47.49 ? 66  GLN A OE1 1 
ATOM   403  N NE2 . GLN A 1 86  ? 18.561  1.585   -3.611  1.00 39.53 ? 66  GLN A NE2 1 
ATOM   404  N N   . SER A 1 87  ? 16.423  0.698   2.176   1.00 26.14 ? 67  SER A N   1 
ATOM   405  C CA  . SER A 1 87  ? 15.541  1.509   3.002   1.00 21.28 ? 67  SER A CA  1 
ATOM   406  C C   . SER A 1 87  ? 16.354  2.519   3.802   1.00 25.11 ? 67  SER A C   1 
ATOM   407  O O   . SER A 1 87  ? 17.503  2.268   4.171   1.00 29.00 ? 67  SER A O   1 
ATOM   408  C CB  . SER A 1 87  ? 14.735  0.631   3.958   1.00 23.58 ? 67  SER A CB  1 
ATOM   409  O OG  . SER A 1 87  ? 13.607  0.077   3.313   1.00 20.11 ? 67  SER A OG  1 
ATOM   410  N N   . ARG A 1 88  ? 15.744  3.669   4.037   1.00 24.76 ? 68  ARG A N   1 
ATOM   411  C CA  . ARG A 1 88  ? 16.345  4.798   4.794   1.00 34.19 ? 68  ARG A CA  1 
ATOM   412  C C   . ARG A 1 88  ? 16.844  4.209   6.088   1.00 32.79 ? 68  ARG A C   1 
ATOM   413  O O   . ARG A 1 88  ? 17.851  4.689   6.561   1.00 34.70 ? 68  ARG A O   1 
ATOM   414  C CB  . ARG A 1 88  ? 15.417  5.988   5.046   1.00 29.96 ? 68  ARG A CB  1 
ATOM   415  C CG  . ARG A 1 88  ? 14.799  6.100   6.437   1.00 39.73 ? 68  ARG A CG  1 
ATOM   416  C CD  . ARG A 1 88  ? 13.299  6.432   6.502   1.00 41.42 ? 68  ARG A CD  1 
ATOM   417  N NE  . ARG A 1 88  ? 12.561  5.722   7.543   1.00 46.09 ? 68  ARG A NE  1 
ATOM   418  C CZ  . ARG A 1 88  ? 12.565  4.427   7.689   1.00 31.33 ? 68  ARG A CZ  1 
ATOM   419  N NH1 . ARG A 1 88  ? 13.230  3.657   6.849   1.00 32.28 ? 68  ARG A NH1 1 
ATOM   420  N NH2 . ARG A 1 88  ? 11.958  3.921   8.730   1.00 35.74 ? 68  ARG A NH2 1 
ATOM   421  N N   . ARG A 1 89  ? 16.245  3.089   6.491   1.00 31.26 ? 69  ARG A N   1 
ATOM   422  C CA  . ARG A 1 89  ? 16.817  2.635   7.759   1.00 30.08 ? 69  ARG A CA  1 
ATOM   423  C C   . ARG A 1 89  ? 16.564  1.154   7.759   1.00 27.87 ? 69  ARG A C   1 
ATOM   424  O O   . ARG A 1 89  ? 15.506  0.711   8.205   1.00 27.28 ? 69  ARG A O   1 
ATOM   425  C CB  . ARG A 1 89  ? 15.992  3.211   8.896   1.00 35.22 ? 69  ARG A CB  1 
ATOM   426  C CG  . ARG A 1 89  ? 16.491  2.867   10.283  1.00 40.34 ? 69  ARG A CG  1 
ATOM   427  C CD  . ARG A 1 89  ? 15.745  3.690   11.302  1.00 42.45 ? 69  ARG A CD  1 
ATOM   428  N NE  . ARG A 1 89  ? 16.103  5.076   11.102  1.00 51.06 ? 69  ARG A NE  1 
ATOM   429  C CZ  . ARG A 1 89  ? 15.308  5.975   10.575  1.00 50.19 ? 69  ARG A CZ  1 
ATOM   430  N NH1 . ARG A 1 89  ? 14.105  5.618   10.165  1.00 52.24 ? 69  ARG A NH1 1 
ATOM   431  N NH2 . ARG A 1 89  ? 15.723  7.218   10.442  1.00 49.58 ? 69  ARG A NH2 1 
ATOM   432  N N   . PRO A 1 90  ? 17.460  0.288   7.341   1.00 28.06 ? 70  PRO A N   1 
ATOM   433  C CA  . PRO A 1 90  ? 17.270  -1.143  7.044   1.00 25.94 ? 70  PRO A CA  1 
ATOM   434  C C   . PRO A 1 90  ? 17.177  -2.028  8.277   1.00 23.85 ? 70  PRO A C   1 
ATOM   435  O O   . PRO A 1 90  ? 17.941  -2.991  8.418   1.00 23.02 ? 70  PRO A O   1 
ATOM   436  C CB  . PRO A 1 90  ? 18.513  -1.497  6.210   1.00 31.26 ? 70  PRO A CB  1 
ATOM   437  C CG  . PRO A 1 90  ? 19.159  -0.177  5.855   1.00 33.68 ? 70  PRO A CG  1 
ATOM   438  C CD  . PRO A 1 90  ? 18.805  0.748   6.972   1.00 31.59 ? 70  PRO A CD  1 
ATOM   439  N N   . SER A 1 91  ? 16.228  -1.738  9.162   1.00 21.83 ? 71  SER A N   1 
ATOM   440  C CA  . SER A 1 91  ? 16.043  -2.557  10.351  1.00 21.57 ? 71  SER A CA  1 
ATOM   441  C C   . SER A 1 91  ? 14.617  -2.387  10.837  1.00 16.09 ? 71  SER A C   1 
ATOM   442  O O   . SER A 1 91  ? 13.978  -1.367  10.582  1.00 23.45 ? 71  SER A O   1 
ATOM   443  C CB  . SER A 1 91  ? 17.018  -2.170  11.467  1.00 28.20 ? 71  SER A CB  1 
ATOM   444  O OG  . SER A 1 91  ? 16.589  -0.977  12.085  1.00 29.24 ? 71  SER A OG  1 
ATOM   445  N N   . SER A 1 92  ? 14.136  -3.390  11.558  1.00 20.12 ? 72  SER A N   1 
ATOM   446  C CA  . SER A 1 92  ? 12.777  -3.352  12.083  1.00 24.60 ? 72  SER A CA  1 
ATOM   447  C C   . SER A 1 92  ? 12.686  -4.270  13.289  1.00 21.40 ? 72  SER A C   1 
ATOM   448  O O   . SER A 1 92  ? 13.604  -5.043  13.578  1.00 27.91 ? 72  SER A O   1 
ATOM   449  C CB  . SER A 1 92  ? 11.760  -3.764  11.010  1.00 17.80 ? 72  SER A CB  1 
ATOM   450  O OG  . SER A 1 92  ? 11.740  -5.170  10.893  1.00 17.07 ? 72  SER A OG  1 
ATOM   451  N N   . TRP A 1 93  ? 11.535  -4.211  13.969  1.00 24.96 ? 73  TRP A N   1 
ATOM   452  C CA  . TRP A 1 93  ? 11.276  -5.151  15.053  1.00 21.74 ? 73  TRP A CA  1 
ATOM   453  C C   . TRP A 1 93  ? 11.380  -6.601  14.600  1.00 23.69 ? 73  TRP A C   1 
ATOM   454  O O   . TRP A 1 93  ? 11.609  -7.481  15.436  1.00 22.33 ? 73  TRP A O   1 
ATOM   455  C CB  . TRP A 1 93  ? 9.899   -4.885  15.679  1.00 25.08 ? 73  TRP A CB  1 
ATOM   456  C CG  . TRP A 1 93  ? 8.716   -5.298  14.836  1.00 20.18 ? 73  TRP A CG  1 
ATOM   457  C CD1 . TRP A 1 93  ? 8.000   -4.508  13.984  1.00 21.69 ? 73  TRP A CD1 1 
ATOM   458  C CD2 . TRP A 1 93  ? 8.103   -6.592  14.790  1.00 26.57 ? 73  TRP A CD2 1 
ATOM   459  N NE1 . TRP A 1 93  ? 6.978   -5.234  13.405  1.00 23.45 ? 73  TRP A NE1 1 
ATOM   460  C CE2 . TRP A 1 93  ? 7.023   -6.515  13.882  1.00 19.44 ? 73  TRP A CE2 1 
ATOM   461  C CE3 . TRP A 1 93  ? 8.364   -7.810  15.422  1.00 23.71 ? 73  TRP A CE3 1 
ATOM   462  C CZ2 . TRP A 1 93  ? 6.215   -7.612  13.588  1.00 23.19 ? 73  TRP A CZ2 1 
ATOM   463  C CZ3 . TRP A 1 93  ? 7.558   -8.897  15.133  1.00 28.28 ? 73  TRP A CZ3 1 
ATOM   464  C CH2 . TRP A 1 93  ? 6.499   -8.791  14.220  1.00 22.69 ? 73  TRP A CH2 1 
ATOM   465  N N   . ARG A 1 94  ? 11.243  -6.870  13.294  1.00 20.51 ? 74  ARG A N   1 
ATOM   466  C CA  . ARG A 1 94  ? 11.252  -8.243  12.800  1.00 20.75 ? 74  ARG A CA  1 
ATOM   467  C C   . ARG A 1 94  ? 12.667  -8.788  12.645  1.00 21.13 ? 74  ARG A C   1 
ATOM   468  O O   . ARG A 1 94  ? 12.897  -9.981  12.854  1.00 25.13 ? 74  ARG A O   1 
ATOM   469  C CB  . ARG A 1 94  ? 10.517  -8.338  11.455  1.00 21.27 ? 74  ARG A CB  1 
ATOM   470  C CG  . ARG A 1 94  ? 9.057   -7.854  11.472  1.00 18.83 ? 74  ARG A CG  1 
ATOM   471  C CD  . ARG A 1 94  ? 8.271   -8.403  10.269  1.00 17.28 ? 74  ARG A CD  1 
ATOM   472  N NE  . ARG A 1 94  ? 8.289   -9.865  10.263  1.00 16.34 ? 74  ARG A NE  1 
ATOM   473  C CZ  . ARG A 1 94  ? 8.562   -10.614 9.198   1.00 20.65 ? 74  ARG A CZ  1 
ATOM   474  N NH1 . ARG A 1 94  ? 8.837   -10.051 8.032   1.00 20.07 ? 74  ARG A NH1 1 
ATOM   475  N NH2 . ARG A 1 94  ? 8.561   -11.937 9.308   1.00 21.56 ? 74  ARG A NH2 1 
ATOM   476  N N   . GLN A 1 95  ? 13.618  -7.951  12.240  1.00 23.26 ? 75  GLN A N   1 
ATOM   477  C CA  . GLN A 1 95  ? 14.988  -8.428  12.109  1.00 26.65 ? 75  GLN A CA  1 
ATOM   478  C C   . GLN A 1 95  ? 15.938  -7.241  12.174  1.00 28.42 ? 75  GLN A C   1 
ATOM   479  O O   . GLN A 1 95  ? 15.666  -6.182  11.604  1.00 24.52 ? 75  GLN A O   1 
ATOM   480  C CB  . GLN A 1 95  ? 15.198  -9.239  10.820  1.00 27.63 ? 75  GLN A CB  1 
ATOM   481  C CG  . GLN A 1 95  ? 14.934  -8.490  9.552   1.00 31.65 ? 75  GLN A CG  1 
ATOM   482  C CD  . GLN A 1 95  ? 15.109  -9.356  8.318   1.00 31.64 ? 75  GLN A CD  1 
ATOM   483  O OE1 . GLN A 1 95  ? 14.720  -8.967  7.223   1.00 27.87 ? 75  GLN A OE1 1 
ATOM   484  N NE2 . GLN A 1 95  ? 15.691  -10.535 8.493   1.00 37.70 ? 75  GLN A NE2 1 
ATOM   485  N N   . GLU A 1 96  ? 17.044  -7.436  12.896  1.00 27.94 ? 76  GLU A N   1 
ATOM   486  C CA  . GLU A 1 96  ? 17.952  -6.335  13.191  1.00 25.15 ? 76  GLU A CA  1 
ATOM   487  C C   . GLU A 1 96  ? 18.620  -5.808  11.925  1.00 20.39 ? 76  GLU A C   1 
ATOM   488  O O   . GLU A 1 96  ? 18.760  -4.592  11.749  1.00 22.56 ? 76  GLU A O   1 
ATOM   489  C CB  . GLU A 1 96  ? 18.991  -6.796  14.211  1.00 24.50 ? 76  GLU A CB  1 
ATOM   490  C CG  . GLU A 1 96  ? 19.852  -5.679  14.768  1.00 29.16 ? 76  GLU A CG  1 
ATOM   491  C CD  . GLU A 1 96  ? 20.563  -6.080  16.049  1.00 22.26 ? 76  GLU A CD  1 
ATOM   492  O OE1 . GLU A 1 96  ? 20.540  -7.281  16.392  1.00 23.22 ? 76  GLU A OE1 1 
ATOM   493  O OE2 . GLU A 1 96  ? 21.128  -5.182  16.707  1.00 27.23 ? 76  GLU A OE2 1 
ATOM   494  N N   . LYS A 1 97  ? 19.037  -6.706  11.035  1.00 20.39 ? 77  LYS A N   1 
ATOM   495  C CA  . LYS A 1 97  ? 19.655  -6.347  9.762   1.00 24.92 ? 77  LYS A CA  1 
ATOM   496  C C   . LYS A 1 97  ? 18.769  -6.857  8.634   1.00 20.80 ? 77  LYS A C   1 
ATOM   497  O O   . LYS A 1 97  ? 18.721  -8.063  8.372   1.00 20.18 ? 77  LYS A O   1 
ATOM   498  C CB  . LYS A 1 97  ? 21.057  -6.939  9.645   1.00 24.87 ? 77  LYS A CB  1 
ATOM   499  C CG  . LYS A 1 97  ? 21.762  -6.601  8.333   1.00 27.34 ? 77  LYS A CG  1 
ATOM   500  C CD  . LYS A 1 97  ? 23.150  -7.251  8.285   1.00 30.60 ? 77  LYS A CD  1 
ATOM   501  C CE  . LYS A 1 97  ? 24.008  -6.688  7.156   1.00 30.96 ? 77  LYS A CE  1 
ATOM   502  N NZ  . LYS A 1 97  ? 23.843  -5.204  7.046   1.00 31.03 ? 77  LYS A NZ  1 
ATOM   503  N N   . ILE A 1 98  ? 18.084  -5.944  7.959   1.00 22.32 ? 78  ILE A N   1 
ATOM   504  C CA  . ILE A 1 98  ? 17.242  -6.317  6.827   1.00 22.38 ? 78  ILE A CA  1 
ATOM   505  C C   . ILE A 1 98  ? 18.123  -6.384  5.585   1.00 22.07 ? 78  ILE A C   1 
ATOM   506  O O   . ILE A 1 98  ? 18.749  -5.394  5.196   1.00 20.46 ? 78  ILE A O   1 
ATOM   507  C CB  . ILE A 1 98  ? 16.083  -5.326  6.656   1.00 21.67 ? 78  ILE A CB  1 
ATOM   508  C CG1 . ILE A 1 98  ? 15.135  -5.456  7.860   1.00 22.65 ? 78  ILE A CG1 1 
ATOM   509  C CG2 . ILE A 1 98  ? 15.353  -5.574  5.328   1.00 17.84 ? 78  ILE A CG2 1 
ATOM   510  C CD1 . ILE A 1 98  ? 14.046  -4.435  7.919   1.00 19.77 ? 78  ILE A CD1 1 
ATOM   511  N N   . THR A 1 99  ? 18.180  -7.558  4.964   1.00 22.35 ? 79  THR A N   1 
ATOM   512  C CA  . THR A 1 99  ? 19.112  -7.817  3.880   1.00 29.28 ? 79  THR A CA  1 
ATOM   513  C C   . THR A 1 99  ? 18.452  -8.008  2.520   1.00 29.89 ? 79  THR A C   1 
ATOM   514  O O   . THR A 1 99  ? 19.160  -8.011  1.505   1.00 23.87 ? 79  THR A O   1 
ATOM   515  C CB  . THR A 1 99  ? 19.942  -9.060  4.214   1.00 26.27 ? 79  THR A CB  1 
ATOM   516  O OG1 . THR A 1 99  ? 19.064  -10.165 4.455   1.00 29.03 ? 79  THR A OG1 1 
ATOM   517  C CG2 . THR A 1 99  ? 20.760  -8.807  5.469   1.00 28.80 ? 79  THR A CG2 1 
ATOM   518  N N   . ARG A 1 100 ? 17.131  -8.160  2.465   1.00 27.25 ? 80  ARG A N   1 
ATOM   519  C CA  . ARG A 1 100 ? 16.464  -8.429  1.196   1.00 20.52 ? 80  ARG A CA  1 
ATOM   520  C C   . ARG A 1 100 ? 16.627  -7.255  0.231   1.00 18.04 ? 80  ARG A C   1 
ATOM   521  O O   . ARG A 1 100 ? 16.737  -6.091  0.634   1.00 20.60 ? 80  ARG A O   1 
ATOM   522  C CB  . ARG A 1 100 ? 14.974  -8.735  1.429   1.00 16.53 ? 80  ARG A CB  1 
ATOM   523  C CG  . ARG A 1 100 ? 14.110  -7.530  1.834   1.00 17.74 ? 80  ARG A CG  1 
ATOM   524  C CD  . ARG A 1 100 ? 12.615  -7.913  1.881   1.00 13.36 ? 80  ARG A CD  1 
ATOM   525  N NE  . ARG A 1 100 ? 12.305  -8.792  3.009   1.00 13.22 ? 80  ARG A NE  1 
ATOM   526  C CZ  . ARG A 1 100 ? 12.053  -8.365  4.243   1.00 15.12 ? 80  ARG A CZ  1 
ATOM   527  N NH1 . ARG A 1 100 ? 12.063  -7.067  4.504   1.00 17.23 ? 80  ARG A NH1 1 
ATOM   528  N NH2 . ARG A 1 100 ? 11.767  -9.236  5.211   1.00 15.83 ? 80  ARG A NH2 1 
ATOM   529  N N   . THR A 1 101 ? 16.644  -7.578  -1.063  1.00 18.78 ? 81  THR A N   1 
ATOM   530  C CA  . THR A 1 101 ? 16.734  -6.555  -2.090  1.00 19.02 ? 81  THR A CA  1 
ATOM   531  C C   . THR A 1 101 ? 15.400  -5.832  -2.265  1.00 18.57 ? 81  THR A C   1 
ATOM   532  O O   . THR A 1 101 ? 14.335  -6.320  -1.877  1.00 16.07 ? 81  THR A O   1 
ATOM   533  C CB  . THR A 1 101 ? 17.156  -7.157  -3.431  1.00 22.16 ? 81  THR A CB  1 
ATOM   534  O OG1 . THR A 1 101 ? 16.110  -8.004  -3.934  1.00 21.16 ? 81  THR A OG1 1 
ATOM   535  C CG2 . THR A 1 101 ? 18.441  -7.967  -3.272  1.00 23.57 ? 81  THR A CG2 1 
ATOM   536  N N   . LYS A 1 102 ? 15.493  -4.634  -2.845  1.00 16.73 ? 82  LYS A N   1 
ATOM   537  C CA  . LYS A 1 102 ? 14.328  -3.878  -3.293  1.00 21.40 ? 82  LYS A CA  1 
ATOM   538  C C   . LYS A 1 102 ? 13.402  -4.743  -4.146  1.00 24.53 ? 82  LYS A C   1 
ATOM   539  O O   . LYS A 1 102 ? 12.172  -4.652  -4.037  1.00 20.08 ? 82  LYS A O   1 
ATOM   540  C CB  . LYS A 1 102 ? 14.816  -2.647  -4.071  1.00 26.95 ? 82  LYS A CB  1 
ATOM   541  C CG  . LYS A 1 102 ? 13.745  -1.799  -4.729  1.00 34.95 ? 82  LYS A CG  1 
ATOM   542  C CD  . LYS A 1 102 ? 13.869  -0.302  -4.381  1.00 39.82 ? 82  LYS A CD  1 
ATOM   543  C CE  . LYS A 1 102 ? 14.833  0.460   -5.311  1.00 37.40 ? 82  LYS A CE  1 
ATOM   544  N NZ  . LYS A 1 102 ? 14.315  1.832   -5.665  1.00 31.84 ? 82  LYS A NZ  1 
ATOM   545  N N   . GLU A 1 103 ? 13.978  -5.602  -4.990  1.00 21.50 ? 83  GLU A N   1 
ATOM   546  C CA  . GLU A 1 103 ? 13.166  -6.442  -5.860  1.00 22.04 ? 83  GLU A CA  1 
ATOM   547  C C   . GLU A 1 103 ? 12.468  -7.538  -5.064  1.00 20.75 ? 83  GLU A C   1 
ATOM   548  O O   . GLU A 1 103 ? 11.296  -7.843  -5.312  1.00 16.74 ? 83  GLU A O   1 
ATOM   549  C CB  . GLU A 1 103 ? 14.037  -7.036  -6.968  1.00 20.44 ? 83  GLU A CB  1 
ATOM   550  C CG  . GLU A 1 103 ? 14.549  -6.010  -7.989  1.00 30.48 ? 83  GLU A CG  1 
ATOM   551  C CD  . GLU A 1 103 ? 15.676  -5.123  -7.450  1.00 34.16 ? 83  GLU A CD  1 
ATOM   552  O OE1 . GLU A 1 103 ? 16.343  -5.510  -6.460  1.00 27.73 ? 83  GLU A OE1 1 
ATOM   553  O OE2 . GLU A 1 103 ? 15.887  -4.030  -8.018  1.00 40.39 ? 83  GLU A OE2 1 
ATOM   554  N N   . GLU A 1 104 ? 13.173  -8.134  -4.095  1.00 17.24 ? 84  GLU A N   1 
ATOM   555  C CA  . GLU A 1 104 ? 12.562  -9.158  -3.254  1.00 17.65 ? 84  GLU A CA  1 
ATOM   556  C C   . GLU A 1 104 ? 11.484  -8.576  -2.353  1.00 18.42 ? 84  GLU A C   1 
ATOM   557  O O   . GLU A 1 104 ? 10.501  -9.258  -2.045  1.00 11.93 ? 84  GLU A O   1 
ATOM   558  C CB  . GLU A 1 104 ? 13.614  -9.854  -2.392  1.00 16.43 ? 84  GLU A CB  1 
ATOM   559  C CG  . GLU A 1 104 ? 14.531  -10.826 -3.122  1.00 23.41 ? 84  GLU A CG  1 
ATOM   560  C CD  . GLU A 1 104 ? 15.761  -11.186 -2.292  1.00 26.45 ? 84  GLU A CD  1 
ATOM   561  O OE1 . GLU A 1 104 ? 16.102  -10.403 -1.378  1.00 22.70 ? 84  GLU A OE1 1 
ATOM   562  O OE2 . GLU A 1 104 ? 16.386  -12.237 -2.558  1.00 27.56 ? 84  GLU A OE2 1 
ATOM   563  N N   . ALA A 1 105 ? 11.660  -7.334  -1.900  1.00 14.59 ? 85  ALA A N   1 
ATOM   564  C CA  . ALA A 1 105 ? 10.614  -6.699  -1.107  1.00 15.88 ? 85  ALA A CA  1 
ATOM   565  C C   . ALA A 1 105 ? 9.338   -6.530  -1.924  1.00 16.53 ? 85  ALA A C   1 
ATOM   566  O O   . ALA A 1 105 ? 8.230   -6.779  -1.427  1.00 14.13 ? 85  ALA A O   1 
ATOM   567  C CB  . ALA A 1 105 ? 11.105  -5.349  -0.583  1.00 14.78 ? 85  ALA A CB  1 
ATOM   568  N N   . LEU A 1 106 ? 9.475   -6.102  -3.184  1.00 11.85 ? 86  LEU A N   1 
ATOM   569  C CA  . LEU A 1 106 ? 8.304   -5.897  -4.027  1.00 13.46 ? 86  LEU A CA  1 
ATOM   570  C C   . LEU A 1 106 ? 7.573   -7.210  -4.279  1.00 11.36 ? 86  LEU A C   1 
ATOM   571  O O   . LEU A 1 106 ? 6.337   -7.238  -4.323  1.00 11.44 ? 86  LEU A O   1 
ATOM   572  C CB  . LEU A 1 106 ? 8.720   -5.239  -5.343  1.00 13.46 ? 86  LEU A CB  1 
ATOM   573  C CG  . LEU A 1 106 ? 7.613   -5.046  -6.383  1.00 10.66 ? 86  LEU A CG  1 
ATOM   574  C CD1 . LEU A 1 106 ? 6.475   -4.236  -5.767  1.00 12.60 ? 86  LEU A CD1 1 
ATOM   575  C CD2 . LEU A 1 106 ? 8.173   -4.354  -7.618  1.00 16.75 ? 86  LEU A CD2 1 
ATOM   576  N N   . GLU A 1 107 ? 8.317   -8.310  -4.437  1.00 12.96 ? 87  GLU A N   1 
ATOM   577  C CA  . GLU A 1 107 ? 7.680   -9.612  -4.611  1.00 15.56 ? 87  GLU A CA  1 
ATOM   578  C C   . GLU A 1 107 ? 6.886   -10.003 -3.370  1.00 15.56 ? 87  GLU A C   1 
ATOM   579  O O   . GLU A 1 107 ? 5.809   -10.606 -3.476  1.00 13.26 ? 87  GLU A O   1 
ATOM   580  C CB  . GLU A 1 107 ? 8.732   -10.679 -4.932  1.00 17.04 ? 87  GLU A CB  1 
ATOM   581  C CG  . GLU A 1 107 ? 9.424   -10.467 -6.272  1.00 25.53 ? 87  GLU A CG  1 
ATOM   582  C CD  . GLU A 1 107 ? 10.523  -11.487 -6.534  1.00 42.79 ? 87  GLU A CD  1 
ATOM   583  O OE1 . GLU A 1 107 ? 10.870  -12.251 -5.598  1.00 38.44 ? 87  GLU A OE1 1 
ATOM   584  O OE2 . GLU A 1 107 ? 11.047  -11.518 -7.673  1.00 46.60 ? 87  GLU A OE2 1 
ATOM   585  N N   . LEU A 1 108 ? 7.416   -9.696  -2.184  1.00 10.03 ? 88  LEU A N   1 
ATOM   586  C CA  . LEU A 1 108 ? 6.683   -9.968  -0.954  1.00 12.16 ? 88  LEU A CA  1 
ATOM   587  C C   . LEU A 1 108 ? 5.405   -9.149  -0.905  1.00 9.93  ? 88  LEU A C   1 
ATOM   588  O O   . LEU A 1 108 ? 4.331   -9.675  -0.591  1.00 11.83 ? 88  LEU A O   1 
ATOM   589  C CB  . LEU A 1 108 ? 7.557   -9.670  0.267   1.00 10.19 ? 88  LEU A CB  1 
ATOM   590  C CG  . LEU A 1 108 ? 8.673   -10.676 0.569   1.00 16.27 ? 88  LEU A CG  1 
ATOM   591  C CD1 . LEU A 1 108 ? 9.732   -10.104 1.532   1.00 14.74 ? 88  LEU A CD1 1 
ATOM   592  C CD2 . LEU A 1 108 ? 8.092   -11.974 1.109   1.00 16.93 ? 88  LEU A CD2 1 
ATOM   593  N N   . ILE A 1 109 ? 5.512   -7.850  -1.200  1.00 8.28  ? 89  ILE A N   1 
ATOM   594  C CA  . ILE A 1 109 ? 4.345   -6.977  -1.237  1.00 9.62  ? 89  ILE A CA  1 
ATOM   595  C C   . ILE A 1 109 ? 3.310   -7.519  -2.220  1.00 11.80 ? 89  ILE A C   1 
ATOM   596  O O   . ILE A 1 109 ? 2.111   -7.568  -1.924  1.00 11.03 ? 89  ILE A O   1 
ATOM   597  C CB  . ILE A 1 109 ? 4.770   -5.547  -1.605  1.00 9.60  ? 89  ILE A CB  1 
ATOM   598  C CG1 . ILE A 1 109 ? 5.465   -4.857  -0.409  1.00 9.80  ? 89  ILE A CG1 1 
ATOM   599  C CG2 . ILE A 1 109 ? 3.572   -4.761  -2.134  1.00 8.57  ? 89  ILE A CG2 1 
ATOM   600  C CD1 . ILE A 1 109 ? 4.523   -4.192  0.588   1.00 7.01  ? 89  ILE A CD1 1 
ATOM   601  N N   . ASN A 1 110 ? 3.763   -7.909  -3.414  1.00 9.47  ? 90  ASN A N   1 
ATOM   602  C CA  . ASN A 1 110 ? 2.852   -8.441  -4.427  1.00 12.26 ? 90  ASN A CA  1 
ATOM   603  C C   . ASN A 1 110 ? 2.119   -9.676  -3.916  1.00 10.40 ? 90  ASN A C   1 
ATOM   604  O O   . ASN A 1 110 ? 0.912   -9.827  -4.137  1.00 10.29 ? 90  ASN A O   1 
ATOM   605  C CB  . ASN A 1 110 ? 3.626   -8.784  -5.700  1.00 11.54 ? 90  ASN A CB  1 
ATOM   606  C CG  . ASN A 1 110 ? 4.007   -7.572  -6.505  1.00 14.44 ? 90  ASN A CG  1 
ATOM   607  O OD1 . ASN A 1 110 ? 3.451   -6.478  -6.338  1.00 15.30 ? 90  ASN A OD1 1 
ATOM   608  N ND2 . ASN A 1 110 ? 4.966   -7.758  -7.405  1.00 20.42 ? 90  ASN A ND2 1 
ATOM   609  N N   . GLY A 1 111 ? 2.830   -10.567 -3.223  1.00 10.41 ? 91  GLY A N   1 
ATOM   610  C CA  . GLY A 1 111 ? 2.189   -11.754 -2.679  1.00 12.60 ? 91  GLY A CA  1 
ATOM   611  C C   . GLY A 1 111 ? 1.166   -11.450 -1.597  1.00 11.64 ? 91  GLY A C   1 
ATOM   612  O O   . GLY A 1 111 ? 0.114   -12.098 -1.524  1.00 11.52 ? 91  GLY A O   1 
ATOM   613  N N   . TYR A 1 112 ? 1.462   -10.478 -0.729  1.00 10.85 ? 92  TYR A N   1 
ATOM   614  C CA  . TYR A 1 112 ? 0.492   -10.088 0.296   1.00 9.26  ? 92  TYR A CA  1 
ATOM   615  C C   . TYR A 1 112 ? -0.761  -9.497  -0.337  1.00 7.32  ? 92  TYR A C   1 
ATOM   616  O O   . TYR A 1 112 ? -1.881  -9.781  0.099   1.00 6.84  ? 92  TYR A O   1 
ATOM   617  C CB  . TYR A 1 112 ? 1.113   -9.078  1.263   1.00 8.26  ? 92  TYR A CB  1 
ATOM   618  C CG  . TYR A 1 112 ? 2.282   -9.600  2.067   1.00 11.13 ? 92  TYR A CG  1 
ATOM   619  C CD1 . TYR A 1 112 ? 2.280   -10.891 2.578   1.00 12.14 ? 92  TYR A CD1 1 
ATOM   620  C CD2 . TYR A 1 112 ? 3.376   -8.782  2.344   1.00 11.73 ? 92  TYR A CD2 1 
ATOM   621  C CE1 . TYR A 1 112 ? 3.352   -11.367 3.320   1.00 15.49 ? 92  TYR A CE1 1 
ATOM   622  C CE2 . TYR A 1 112 ? 4.444   -9.250  3.090   1.00 12.94 ? 92  TYR A CE2 1 
ATOM   623  C CZ  . TYR A 1 112 ? 4.428   -10.532 3.573   1.00 17.60 ? 92  TYR A CZ  1 
ATOM   624  O OH  . TYR A 1 112 ? 5.498   -10.977 4.308   1.00 15.46 ? 92  TYR A OH  1 
ATOM   625  N N   . ILE A 1 113 ? -0.588  -8.664  -1.361  1.00 8.39  ? 93  ILE A N   1 
ATOM   626  C CA  . ILE A 1 113 ? -1.743  -8.123  -2.069  1.00 7.84  ? 93  ILE A CA  1 
ATOM   627  C C   . ILE A 1 113 ? -2.567  -9.264  -2.660  1.00 9.28  ? 93  ILE A C   1 
ATOM   628  O O   . ILE A 1 113 ? -3.800  -9.263  -2.584  1.00 8.62  ? 93  ILE A O   1 
ATOM   629  C CB  . ILE A 1 113 ? -1.285  -7.116  -3.145  1.00 8.08  ? 93  ILE A CB  1 
ATOM   630  C CG1 . ILE A 1 113 ? -0.721  -5.860  -2.483  1.00 8.21  ? 93  ILE A CG1 1 
ATOM   631  C CG2 . ILE A 1 113 ? -2.439  -6.734  -4.081  1.00 6.60  ? 93  ILE A CG2 1 
ATOM   632  C CD1 . ILE A 1 113 ? -0.200  -4.834  -3.486  1.00 8.79  ? 93  ILE A CD1 1 
ATOM   633  N N   . GLN A 1 114 ? -1.897  -10.268 -3.230  1.00 9.14  ? 94  GLN A N   1 
ATOM   634  C CA  . GLN A 1 114 ? -2.623  -11.418 -3.766  1.00 12.37 ? 94  GLN A CA  1 
ATOM   635  C C   . GLN A 1 114 ? -3.424  -12.109 -2.672  1.00 11.66 ? 94  GLN A C   1 
ATOM   636  O O   . GLN A 1 114 ? -4.607  -12.424 -2.861  1.00 11.30 ? 94  GLN A O   1 
ATOM   637  C CB  . GLN A 1 114 ? -1.655  -12.397 -4.421  1.00 9.37  ? 94  GLN A CB  1 
ATOM   638  C CG  . GLN A 1 114 ? -1.032  -11.894 -5.710  1.00 11.30 ? 94  GLN A CG  1 
ATOM   639  C CD  . GLN A 1 114 ? -0.060  -12.909 -6.290  1.00 24.76 ? 94  GLN A CD  1 
ATOM   640  O OE1 . GLN A 1 114 ? 0.059   -14.026 -5.783  1.00 29.72 ? 94  GLN A OE1 1 
ATOM   641  N NE2 . GLN A 1 114 ? 0.646   -12.524 -7.349  1.00 34.91 ? 94  GLN A NE2 1 
ATOM   642  N N   . LYS A 1 115 ? -2.801  -12.327 -1.505  1.00 9.75  ? 95  LYS A N   1 
ATOM   643  C CA  . LYS A 1 115 ? -3.489  -12.984 -0.396  1.00 11.46 ? 95  LYS A CA  1 
ATOM   644  C C   . LYS A 1 115 ? -4.659  -12.158 0.100   1.00 10.80 ? 95  LYS A C   1 
ATOM   645  O O   . LYS A 1 115 ? -5.704  -12.705 0.465   1.00 10.14 ? 95  LYS A O   1 
ATOM   646  C CB  . LYS A 1 115 ? -2.527  -13.237 0.765   1.00 13.73 ? 95  LYS A CB  1 
ATOM   647  C CG  . LYS A 1 115 ? -1.440  -14.245 0.468   1.00 22.27 ? 95  LYS A CG  1 
ATOM   648  C CD  . LYS A 1 115 ? -2.016  -15.622 0.277   1.00 26.34 ? 95  LYS A CD  1 
ATOM   649  C CE  . LYS A 1 115 ? -0.914  -16.671 0.333   1.00 40.39 ? 95  LYS A CE  1 
ATOM   650  N NZ  . LYS A 1 115 ? -0.149  -16.604 1.615   1.00 40.10 ? 95  LYS A NZ  1 
ATOM   651  N N   . ILE A 1 116 ? -4.490  -10.840 0.165   1.00 5.95  ? 96  ILE A N   1 
ATOM   652  C CA  . ILE A 1 116 ? -5.578  -9.999  0.646   1.00 7.41  ? 96  ILE A CA  1 
ATOM   653  C C   . ILE A 1 116 ? -6.733  -10.022 -0.346  1.00 9.06  ? 96  ILE A C   1 
ATOM   654  O O   . ILE A 1 116 ? -7.902  -10.169 0.039   1.00 8.46  ? 96  ILE A O   1 
ATOM   655  C CB  . ILE A 1 116 ? -5.064  -8.568  0.895   1.00 6.81  ? 96  ILE A CB  1 
ATOM   656  C CG1 . ILE A 1 116 ? -4.105  -8.534  2.100   1.00 9.46  ? 96  ILE A CG1 1 
ATOM   657  C CG2 . ILE A 1 116 ? -6.217  -7.607  1.108   1.00 8.40  ? 96  ILE A CG2 1 
ATOM   658  C CD1 . ILE A 1 116 ? -3.231  -7.277  2.129   1.00 10.53 ? 96  ILE A CD1 1 
ATOM   659  N N   . LYS A 1 117 ? -6.423  -9.908  -1.641  1.00 7.90  ? 97  LYS A N   1 
ATOM   660  C CA  . LYS A 1 117 ? -7.479  -9.793  -2.646  1.00 8.72  ? 97  LYS A CA  1 
ATOM   661  C C   . LYS A 1 117 ? -8.250  -11.093 -2.829  1.00 10.68 ? 97  LYS A C   1 
ATOM   662  O O   . LYS A 1 117 ? -9.432  -11.058 -3.198  1.00 7.90  ? 97  LYS A O   1 
ATOM   663  C CB  . LYS A 1 117 ? -6.889  -9.353  -3.980  1.00 7.78  ? 97  LYS A CB  1 
ATOM   664  C CG  . LYS A 1 117 ? -6.479  -7.892  -4.001  1.00 8.61  ? 97  LYS A CG  1 
ATOM   665  C CD  . LYS A 1 117 ? -6.128  -7.484  -5.427  1.00 12.38 ? 97  LYS A CD  1 
ATOM   666  C CE  . LYS A 1 117 ? -6.194  -5.989  -5.603  1.00 13.08 ? 97  LYS A CE  1 
ATOM   667  N NZ  . LYS A 1 117 ? -6.222  -5.565  -7.044  1.00 10.07 ? 97  LYS A NZ  1 
ATOM   668  N N   . SER A 1 118 ? -7.596  -12.235 -2.617  1.00 7.76  ? 98  SER A N   1 
ATOM   669  C CA  . SER A 1 118 ? -8.253  -13.534 -2.655  1.00 12.32 ? 98  SER A CA  1 
ATOM   670  C C   . SER A 1 118 ? -9.051  -13.823 -1.390  1.00 12.72 ? 98  SER A C   1 
ATOM   671  O O   . SER A 1 118 ? -9.806  -14.802 -1.353  1.00 11.07 ? 98  SER A O   1 
ATOM   672  C CB  . SER A 1 118 ? -7.210  -14.631 -2.869  1.00 14.33 ? 98  SER A CB  1 
ATOM   673  O OG  . SER A 1 118 ? -6.398  -14.784 -1.716  1.00 14.91 ? 98  SER A OG  1 
ATOM   674  N N   . GLY A 1 119 ? -8.910  -13.003 -0.353  1.00 12.00 ? 99  GLY A N   1 
ATOM   675  C CA  . GLY A 1 119 ? -9.547  -13.294 0.910   1.00 9.21  ? 99  GLY A CA  1 
ATOM   676  C C   . GLY A 1 119 ? -8.888  -14.399 1.704   1.00 13.59 ? 99  GLY A C   1 
ATOM   677  O O   . GLY A 1 119 ? -9.412  -14.774 2.760   1.00 15.46 ? 99  GLY A O   1 
ATOM   678  N N   . GLU A 1 120 ? -7.770  -14.951 1.220   1.00 12.97 ? 100 GLU A N   1 
ATOM   679  C CA  . GLU A 1 120 ? -7.052  -15.960 1.990   1.00 14.79 ? 100 GLU A CA  1 
ATOM   680  C C   . GLU A 1 120 ? -6.541  -15.398 3.314   1.00 18.15 ? 100 GLU A C   1 
ATOM   681  O O   . GLU A 1 120 ? -6.471  -16.129 4.307   1.00 16.06 ? 100 GLU A O   1 
ATOM   682  C CB  . GLU A 1 120 ? -5.882  -16.520 1.183   1.00 16.71 ? 100 GLU A CB  1 
ATOM   683  C CG  . GLU A 1 120 ? -6.260  -17.361 -0.032  1.00 29.45 ? 100 GLU A CG  1 
ATOM   684  C CD  . GLU A 1 120 ? -5.069  -17.585 -0.964  1.00 34.78 ? 100 GLU A CD  1 
ATOM   685  O OE1 . GLU A 1 120 ? -4.891  -16.803 -1.929  1.00 34.15 ? 100 GLU A OE1 1 
ATOM   686  O OE2 . GLU A 1 120 ? -4.299  -18.540 -0.723  1.00 41.86 ? 100 GLU A OE2 1 
ATOM   687  N N   . GLU A 1 121 ? -6.193  -14.108 3.351   1.00 13.70 ? 101 GLU A N   1 
ATOM   688  C CA  . GLU A 1 121 ? -5.693  -13.448 4.552   1.00 15.66 ? 101 GLU A CA  1 
ATOM   689  C C   . GLU A 1 121 ? -6.247  -12.032 4.619   1.00 19.80 ? 101 GLU A C   1 
ATOM   690  O O   . GLU A 1 121 ? -6.442  -11.386 3.587   1.00 17.42 ? 101 GLU A O   1 
ATOM   691  C CB  . GLU A 1 121 ? -4.154  -13.378 4.573   1.00 20.47 ? 101 GLU A CB  1 
ATOM   692  C CG  . GLU A 1 121 ? -3.467  -14.711 4.583   1.00 24.44 ? 101 GLU A CG  1 
ATOM   693  C CD  . GLU A 1 121 ? -3.328  -15.258 5.984   1.00 33.69 ? 101 GLU A CD  1 
ATOM   694  O OE1 . GLU A 1 121 ? -3.998  -14.728 6.901   1.00 35.79 ? 101 GLU A OE1 1 
ATOM   695  O OE2 . GLU A 1 121 ? -2.531  -16.200 6.166   1.00 40.43 ? 101 GLU A OE2 1 
ATOM   696  N N   . ASP A 1 122 ? -6.498  -11.559 5.841   1.00 12.96 ? 102 ASP A N   1 
ATOM   697  C CA  . ASP A 1 122 ? -6.923  -10.182 6.080   1.00 13.15 ? 102 ASP A CA  1 
ATOM   698  C C   . ASP A 1 122 ? -5.716  -9.249  6.071   1.00 14.89 ? 102 ASP A C   1 
ATOM   699  O O   . ASP A 1 122 ? -4.620  -9.627  6.486   1.00 10.73 ? 102 ASP A O   1 
ATOM   700  C CB  . ASP A 1 122 ? -7.602  -10.036 7.448   1.00 18.17 ? 102 ASP A CB  1 
ATOM   701  C CG  . ASP A 1 122 ? -9.011  -10.591 7.484   1.00 33.11 ? 102 ASP A CG  1 
ATOM   702  O OD1 . ASP A 1 122 ? -9.611  -10.833 6.405   1.00 29.00 ? 102 ASP A OD1 1 
ATOM   703  O OD2 . ASP A 1 122 ? -9.519  -10.769 8.621   1.00 25.34 ? 102 ASP A OD2 1 
ATOM   704  N N   . PHE A 1 123 ? -5.943  -8.010  5.630   1.00 11.85 ? 103 PHE A N   1 
ATOM   705  C CA  . PHE A 1 123 ? -4.902  -6.987  5.694   1.00 13.60 ? 103 PHE A CA  1 
ATOM   706  C C   . PHE A 1 123 ? -4.306  -6.894  7.099   1.00 12.98 ? 103 PHE A C   1 
ATOM   707  O O   . PHE A 1 123 ? -3.081  -6.921  7.276   1.00 7.49  ? 103 PHE A O   1 
ATOM   708  C CB  . PHE A 1 123 ? -5.485  -5.635  5.270   1.00 12.27 ? 103 PHE A CB  1 
ATOM   709  C CG  . PHE A 1 123 ? -4.510  -4.487  5.370   1.00 13.33 ? 103 PHE A CG  1 
ATOM   710  C CD1 . PHE A 1 123 ? -4.307  -3.825  6.578   1.00 14.77 ? 103 PHE A CD1 1 
ATOM   711  C CD2 . PHE A 1 123 ? -3.808  -4.063  4.255   1.00 17.16 ? 103 PHE A CD2 1 
ATOM   712  C CE1 . PHE A 1 123 ? -3.404  -2.769  6.669   1.00 14.26 ? 103 PHE A CE1 1 
ATOM   713  C CE2 . PHE A 1 123 ? -2.908  -3.001  4.341   1.00 15.66 ? 103 PHE A CE2 1 
ATOM   714  C CZ  . PHE A 1 123 ? -2.711  -2.361  5.549   1.00 13.34 ? 103 PHE A CZ  1 
ATOM   715  N N   . GLU A 1 124 ? -5.174  -6.788  8.107   1.00 13.04 ? 104 GLU A N   1 
ATOM   716  C CA  . GLU A 1 124 ? -4.728  -6.573  9.481   1.00 15.76 ? 104 GLU A CA  1 
ATOM   717  C C   . GLU A 1 124 ? -3.850  -7.713  9.961   1.00 14.03 ? 104 GLU A C   1 
ATOM   718  O O   . GLU A 1 124 ? -2.879  -7.497  10.702  1.00 13.47 ? 104 GLU A O   1 
ATOM   719  C CB  . GLU A 1 124 ? -5.943  -6.438  10.399  1.00 17.01 ? 104 GLU A CB  1 
ATOM   720  C CG  . GLU A 1 124 ? -6.777  -5.213  10.146  1.00 22.50 ? 104 GLU A CG  1 
ATOM   721  C CD  . GLU A 1 124 ? -7.894  -5.460  9.154   1.00 19.38 ? 104 GLU A CD  1 
ATOM   722  O OE1 . GLU A 1 124 ? -7.793  -6.404  8.333   1.00 12.67 ? 104 GLU A OE1 1 
ATOM   723  O OE2 . GLU A 1 124 ? -8.874  -4.699  9.211   1.00 23.49 ? 104 GLU A OE2 1 
ATOM   724  N N   . SER A 1 125 ? -4.198  -8.942  9.570   1.00 10.42 ? 105 SER A N   1 
ATOM   725  C CA  . SER A 1 125 ? -3.460  -10.103 10.036  1.00 15.37 ? 105 SER A CA  1 
ATOM   726  C C   . SER A 1 125 ? -2.069  -10.159 9.415   1.00 13.42 ? 105 SER A C   1 
ATOM   727  O O   . SER A 1 125 ? -1.095  -10.497 10.093  1.00 11.79 ? 105 SER A O   1 
ATOM   728  C CB  . SER A 1 125 ? -4.252  -11.372 9.734   1.00 19.61 ? 105 SER A CB  1 
ATOM   729  O OG  . SER A 1 125 ? -3.405  -12.493 9.649   1.00 19.24 ? 105 SER A OG  1 
ATOM   730  N N   . LEU A 1 126 ? -1.951  -9.813  8.132   1.00 10.89 ? 106 LEU A N   1 
ATOM   731  C CA  . LEU A 1 126 ? -0.630  -9.750  7.516   1.00 8.96  ? 106 LEU A CA  1 
ATOM   732  C C   . LEU A 1 126 ? 0.176   -8.575  8.056   1.00 8.35  ? 106 LEU A C   1 
ATOM   733  O O   . LEU A 1 126 ? 1.389   -8.690  8.247   1.00 11.33 ? 106 LEU A O   1 
ATOM   734  C CB  . LEU A 1 126 ? -0.766  -9.656  5.996   1.00 10.30 ? 106 LEU A CB  1 
ATOM   735  C CG  . LEU A 1 126 ? -1.389  -10.885 5.317   1.00 9.83  ? 106 LEU A CG  1 
ATOM   736  C CD1 . LEU A 1 126 ? -1.457  -10.664 3.801   1.00 9.38  ? 106 LEU A CD1 1 
ATOM   737  C CD2 . LEU A 1 126 ? -0.596  -12.138 5.656   1.00 10.69 ? 106 LEU A CD2 1 
ATOM   738  N N   . ALA A 1 127 ? -0.464  -7.425  8.275   1.00 9.31  ? 107 ALA A N   1 
ATOM   739  C CA  . ALA A 1 127 ? 0.272   -6.282  8.802   1.00 9.65  ? 107 ALA A CA  1 
ATOM   740  C C   . ALA A 1 127 ? 0.825   -6.594  10.186  1.00 13.49 ? 107 ALA A C   1 
ATOM   741  O O   . ALA A 1 127 ? 1.979   -6.275  10.494  1.00 8.78  ? 107 ALA A O   1 
ATOM   742  C CB  . ALA A 1 127 ? -0.627  -5.044  8.846   1.00 9.61  ? 107 ALA A CB  1 
ATOM   743  N N   . SER A 1 128 ? 0.022   -7.263  11.016  1.00 8.24  ? 108 SER A N   1 
ATOM   744  C CA  . SER A 1 128 ? 0.439   -7.596  12.373  1.00 10.13 ? 108 SER A CA  1 
ATOM   745  C C   . SER A 1 128 ? 1.610   -8.574  12.370  1.00 14.30 ? 108 SER A C   1 
ATOM   746  O O   . SER A 1 128 ? 2.512   -8.485  13.217  1.00 11.76 ? 108 SER A O   1 
ATOM   747  C CB  . SER A 1 128 ? -0.745  -8.199  13.125  1.00 11.10 ? 108 SER A CB  1 
ATOM   748  O OG  . SER A 1 128 ? -1.675  -7.180  13.454  1.00 14.93 ? 108 SER A OG  1 
ATOM   749  N N   . GLN A 1 129 ? 1.618   -9.506  11.413  1.00 10.31 ? 109 GLN A N   1 
ATOM   750  C CA  . GLN A 1 129 ? 2.648   -10.535 11.381  1.00 14.56 ? 109 GLN A CA  1 
ATOM   751  C C   . GLN A 1 129 ? 3.914   -10.079 10.658  1.00 17.27 ? 109 GLN A C   1 
ATOM   752  O O   . GLN A 1 129 ? 5.015   -10.477 11.041  1.00 19.97 ? 109 GLN A O   1 
ATOM   753  C CB  . GLN A 1 129 ? 2.104   -11.795 10.717  1.00 16.44 ? 109 GLN A CB  1 
ATOM   754  C CG  . GLN A 1 129 ? 1.013   -12.494 11.500  1.00 16.87 ? 109 GLN A CG  1 
ATOM   755  C CD  . GLN A 1 129 ? 0.425   -13.652 10.732  1.00 20.46 ? 109 GLN A CD  1 
ATOM   756  O OE1 . GLN A 1 129 ? -0.664  -13.546 10.156  1.00 23.49 ? 109 GLN A OE1 1 
ATOM   757  N NE2 . GLN A 1 129 ? 1.146   -14.754 10.698  1.00 17.69 ? 109 GLN A NE2 1 
ATOM   758  N N   . PHE A 1 130 ? 3.794   -9.277  9.600   1.00 14.34 ? 110 PHE A N   1 
ATOM   759  C CA  . PHE A 1 130 ? 4.916   -9.145  8.680   1.00 15.26 ? 110 PHE A CA  1 
ATOM   760  C C   . PHE A 1 130 ? 5.362   -7.719  8.388   1.00 13.93 ? 110 PHE A C   1 
ATOM   761  O O   . PHE A 1 130 ? 6.371   -7.546  7.697   1.00 15.43 ? 110 PHE A O   1 
ATOM   762  C CB  . PHE A 1 130 ? 4.596   -9.842  7.344   1.00 12.84 ? 110 PHE A CB  1 
ATOM   763  C CG  . PHE A 1 130 ? 4.262   -11.308 7.483   1.00 14.98 ? 110 PHE A CG  1 
ATOM   764  C CD1 . PHE A 1 130 ? 5.157   -12.190 8.072   1.00 15.81 ? 110 PHE A CD1 1 
ATOM   765  C CD2 . PHE A 1 130 ? 3.041   -11.810 7.025   1.00 18.75 ? 110 PHE A CD2 1 
ATOM   766  C CE1 . PHE A 1 130 ? 4.844   -13.540 8.213   1.00 20.53 ? 110 PHE A CE1 1 
ATOM   767  C CE2 . PHE A 1 130 ? 2.729   -13.163 7.153   1.00 18.90 ? 110 PHE A CE2 1 
ATOM   768  C CZ  . PHE A 1 130 ? 3.629   -14.027 7.746   1.00 19.47 ? 110 PHE A CZ  1 
ATOM   769  N N   . SER A 1 131 ? 4.681   -6.704  8.894   1.00 10.62 ? 111 SER A N   1 
ATOM   770  C CA  . SER A 1 131 ? 5.051   -5.337  8.560   1.00 10.33 ? 111 SER A CA  1 
ATOM   771  C C   . SER A 1 131 ? 6.314   -4.927  9.323   1.00 18.69 ? 111 SER A C   1 
ATOM   772  O O   . SER A 1 131 ? 6.441   -5.201  10.522  1.00 16.23 ? 111 SER A O   1 
ATOM   773  C CB  . SER A 1 131 ? 3.900   -4.395  8.879   1.00 9.37  ? 111 SER A CB  1 
ATOM   774  O OG  . SER A 1 131 ? 4.298   -3.041  8.797   1.00 11.67 ? 111 SER A OG  1 
ATOM   775  N N   . ASP A 1 132 ? 7.255   -4.292  8.617   1.00 15.39 ? 112 ASP A N   1 
ATOM   776  C CA  . ASP A 1 132 ? 8.545   -3.879  9.178   1.00 17.96 ? 112 ASP A CA  1 
ATOM   777  C C   . ASP A 1 132 ? 8.451   -2.538  9.879   1.00 18.93 ? 112 ASP A C   1 
ATOM   778  O O   . ASP A 1 132 ? 9.337   -1.688  9.767   1.00 17.97 ? 112 ASP A O   1 
ATOM   779  C CB  . ASP A 1 132 ? 9.599   -3.835  8.076   1.00 15.31 ? 112 ASP A CB  1 
ATOM   780  C CG  . ASP A 1 132 ? 10.189  -5.202  7.767   1.00 14.74 ? 112 ASP A CG  1 
ATOM   781  O OD1 . ASP A 1 132 ? 10.501  -5.963  8.701   1.00 16.70 ? 112 ASP A OD1 1 
ATOM   782  O OD2 . ASP A 1 132 ? 10.347  -5.522  6.568   1.00 13.96 ? 112 ASP A OD2 1 
ATOM   783  N N   . CYS A 1 133 ? 7.360   -2.309  10.592  1.00 18.84 ? 113 CYS A N   1 
ATOM   784  C CA  . CYS A 1 133 ? 7.121   -1.063  11.288  1.00 16.84 ? 113 CYS A CA  1 
ATOM   785  C C   . CYS A 1 133 ? 6.436   -1.371  12.611  1.00 20.55 ? 113 CYS A C   1 
ATOM   786  O O   . CYS A 1 133 ? 5.654   -2.324  12.713  1.00 15.43 ? 113 CYS A O   1 
ATOM   787  C CB  . CYS A 1 133 ? 6.258   -0.127  10.443  1.00 17.53 ? 113 CYS A CB  1 
ATOM   788  S SG  . CYS A 1 133 ? 5.838   1.420   11.234  1.00 22.62 ? 113 CYS A SG  1 
ATOM   789  N N   . SER A 1 134 ? 6.740   -0.558  13.631  1.00 21.84 ? 114 SER A N   1 
ATOM   790  C CA  . SER A 1 134 ? 6.111   -0.770  14.929  1.00 19.06 ? 114 SER A CA  1 
ATOM   791  C C   . SER A 1 134 ? 4.596   -0.601  14.868  1.00 18.51 ? 114 SER A C   1 
ATOM   792  O O   . SER A 1 134 ? 3.902   -1.040  15.794  1.00 18.70 ? 114 SER A O   1 
ATOM   793  C CB  . SER A 1 134 ? 6.698   0.178   15.982  1.00 21.57 ? 114 SER A CB  1 
ATOM   794  O OG  . SER A 1 134 ? 6.477   1.538   15.639  1.00 24.48 ? 114 SER A OG  1 
ATOM   795  N N   . SER A 1 135 ? 4.059   0.005   13.799  1.00 15.34 ? 115 SER A N   1 
ATOM   796  C CA  . SER A 1 135 ? 2.608   0.045   13.625  1.00 16.47 ? 115 SER A CA  1 
ATOM   797  C C   . SER A 1 135 ? 1.999   -1.338  13.456  1.00 14.46 ? 115 SER A C   1 
ATOM   798  O O   . SER A 1 135 ? 0.770   -1.462  13.567  1.00 14.16 ? 115 SER A O   1 
ATOM   799  C CB  . SER A 1 135 ? 2.212   0.904   12.412  1.00 15.91 ? 115 SER A CB  1 
ATOM   800  O OG  . SER A 1 135 ? 2.893   0.471   11.252  1.00 14.27 ? 115 SER A OG  1 
ATOM   801  N N   . ALA A 1 136 ? 2.818   -2.366  13.192  1.00 10.76 ? 116 ALA A N   1 
ATOM   802  C CA  . ALA A 1 136 ? 2.312   -3.733  13.153  1.00 12.67 ? 116 ALA A CA  1 
ATOM   803  C C   . ALA A 1 136 ? 1.560   -4.089  14.430  1.00 15.41 ? 116 ALA A C   1 
ATOM   804  O O   . ALA A 1 136 ? 0.569   -4.826  14.389  1.00 9.93  ? 116 ALA A O   1 
ATOM   805  C CB  . ALA A 1 136 ? 3.460   -4.722  12.937  1.00 10.47 ? 116 ALA A CB  1 
ATOM   806  N N   . LYS A 1 137 ? 2.004   -3.564  15.573  1.00 13.51 ? 117 LYS A N   1 
ATOM   807  C CA  . LYS A 1 137 ? 1.369   -3.916  16.838  1.00 12.85 ? 117 LYS A CA  1 
ATOM   808  C C   . LYS A 1 137 ? -0.044  -3.368  16.952  1.00 10.54 ? 117 LYS A C   1 
ATOM   809  O O   . LYS A 1 137 ? -0.796  -3.820  17.818  1.00 11.00 ? 117 LYS A O   1 
ATOM   810  C CB  . LYS A 1 137 ? 2.205   -3.414  18.021  1.00 14.46 ? 117 LYS A CB  1 
ATOM   811  C CG  . LYS A 1 137 ? 3.665   -3.745  17.933  1.00 21.30 ? 117 LYS A CG  1 
ATOM   812  C CD  . LYS A 1 137 ? 3.918   -5.234  17.960  1.00 25.19 ? 117 LYS A CD  1 
ATOM   813  C CE  . LYS A 1 137 ? 5.274   -5.537  17.325  1.00 25.18 ? 117 LYS A CE  1 
ATOM   814  N NZ  . LYS A 1 137 ? 5.348   -6.923  16.819  1.00 24.19 ? 117 LYS A NZ  1 
ATOM   815  N N   . ALA A 1 138 ? -0.405  -2.398  16.117  1.00 10.59 ? 118 ALA A N   1 
ATOM   816  C CA  . ALA A 1 138 ? -1.745  -1.845  16.051  1.00 13.34 ? 118 ALA A CA  1 
ATOM   817  C C   . ALA A 1 138 ? -2.440  -2.212  14.741  1.00 11.03 ? 118 ALA A C   1 
ATOM   818  O O   . ALA A 1 138 ? -3.211  -1.415  14.202  1.00 13.35 ? 118 ALA A O   1 
ATOM   819  C CB  . ALA A 1 138 ? -1.701  -0.327  16.233  1.00 14.36 ? 118 ALA A CB  1 
ATOM   820  N N   . ARG A 1 139 ? -2.154  -3.404  14.219  1.00 10.79 ? 119 ARG A N   1 
ATOM   821  C CA  . ARG A 1 139 ? -2.744  -3.903  12.969  1.00 14.19 ? 119 ARG A CA  1 
ATOM   822  C C   . ARG A 1 139 ? -2.463  -2.961  11.809  1.00 13.71 ? 119 ARG A C   1 
ATOM   823  O O   . ARG A 1 139 ? -3.252  -2.872  10.866  1.00 11.10 ? 119 ARG A O   1 
ATOM   824  C CB  . ARG A 1 139 ? -4.253  -4.139  13.112  1.00 13.97 ? 119 ARG A CB  1 
ATOM   825  C CG  . ARG A 1 139 ? -4.597  -5.188  14.139  1.00 13.10 ? 119 ARG A CG  1 
ATOM   826  C CD  . ARG A 1 139 ? -6.104  -5.331  14.377  1.00 19.91 ? 119 ARG A CD  1 
ATOM   827  N NE  . ARG A 1 139 ? -6.329  -6.469  15.261  1.00 22.39 ? 119 ARG A NE  1 
ATOM   828  C CZ  . ARG A 1 139 ? -7.400  -7.256  15.242  1.00 25.04 ? 119 ARG A CZ  1 
ATOM   829  N NH1 . ARG A 1 139 ? -8.387  -7.029  14.382  1.00 24.50 ? 119 ARG A NH1 1 
ATOM   830  N NH2 . ARG A 1 139 ? -7.475  -8.278  16.088  1.00 23.26 ? 119 ARG A NH2 1 
ATOM   831  N N   . GLY A 1 140 ? -1.335  -2.249  11.883  1.00 12.39 ? 120 GLY A N   1 
ATOM   832  C CA  . GLY A 1 140 ? -0.907  -1.344  10.837  1.00 12.77 ? 120 GLY A CA  1 
ATOM   833  C C   . GLY A 1 140 ? -1.495  0.043   10.905  1.00 10.56 ? 120 GLY A C   1 
ATOM   834  O O   . GLY A 1 140 ? -1.140  0.886   10.069  1.00 11.95 ? 120 GLY A O   1 
ATOM   835  N N   . ASP A 1 141 ? -2.359  0.319   11.880  1.00 8.28  ? 121 ASP A N   1 
ATOM   836  C CA  . ASP A 1 141 ? -3.026  1.612   11.964  1.00 9.62  ? 121 ASP A CA  1 
ATOM   837  C C   . ASP A 1 141 ? -2.021  2.711   12.287  1.00 14.03 ? 121 ASP A C   1 
ATOM   838  O O   . ASP A 1 141 ? -1.235  2.589   13.233  1.00 16.07 ? 121 ASP A O   1 
ATOM   839  C CB  . ASP A 1 141 ? -4.118  1.575   13.036  1.00 13.49 ? 121 ASP A CB  1 
ATOM   840  C CG  . ASP A 1 141 ? -4.819  2.913   13.209  1.00 16.00 ? 121 ASP A CG  1 
ATOM   841  O OD1 . ASP A 1 141 ? -5.037  3.614   12.203  1.00 14.49 ? 121 ASP A OD1 1 
ATOM   842  O OD2 . ASP A 1 141 ? -5.161  3.270   14.356  1.00 18.08 ? 121 ASP A OD2 1 
ATOM   843  N N   . LEU A 1 142 ? -2.053  3.783   11.499  1.00 14.21 ? 122 LEU A N   1 
ATOM   844  C CA  . LEU A 1 142 ? -1.256  4.974   11.750  1.00 19.62 ? 122 LEU A CA  1 
ATOM   845  C C   . LEU A 1 142 ? -2.071  6.127   12.311  1.00 19.08 ? 122 LEU A C   1 
ATOM   846  O O   . LEU A 1 142 ? -1.498  7.175   12.608  1.00 20.69 ? 122 LEU A O   1 
ATOM   847  C CB  . LEU A 1 142 ? -0.554  5.428   10.465  1.00 14.21 ? 122 LEU A CB  1 
ATOM   848  C CG  . LEU A 1 142 ? 0.389   4.395   9.841   1.00 9.77  ? 122 LEU A CG  1 
ATOM   849  C CD1 . LEU A 1 142 ? 0.813   4.859   8.465   1.00 14.44 ? 122 LEU A CD1 1 
ATOM   850  C CD2 . LEU A 1 142 ? 1.601   4.152   10.705  1.00 17.33 ? 122 LEU A CD2 1 
ATOM   851  N N   . GLY A 1 143 ? -3.383  5.973   12.453  1.00 17.23 ? 123 GLY A N   1 
ATOM   852  C CA  . GLY A 1 143 ? -4.218  7.077   12.882  1.00 19.07 ? 123 GLY A CA  1 
ATOM   853  C C   . GLY A 1 143 ? -4.535  8.053   11.766  1.00 22.76 ? 123 GLY A C   1 
ATOM   854  O O   . GLY A 1 143 ? -4.251  7.828   10.583  1.00 20.18 ? 123 GLY A O   1 
ATOM   855  N N   . ALA A 1 144 ? -5.146  9.165   12.158  1.00 17.63 ? 124 ALA A N   1 
ATOM   856  C CA  . ALA A 1 144 ? -5.511  10.192  11.197  1.00 19.19 ? 124 ALA A CA  1 
ATOM   857  C C   . ALA A 1 144 ? -4.349  11.150  10.973  1.00 21.38 ? 124 ALA A C   1 
ATOM   858  O O   . ALA A 1 144 ? -3.524  11.382  11.862  1.00 24.79 ? 124 ALA A O   1 
ATOM   859  C CB  . ALA A 1 144 ? -6.741  10.972  11.664  1.00 22.63 ? 124 ALA A CB  1 
ATOM   860  N N   . PHE A 1 145 ? -4.281  11.686  9.760   1.00 18.16 ? 125 PHE A N   1 
ATOM   861  C CA  . PHE A 1 145 ? -3.268  12.672  9.420   1.00 22.45 ? 125 PHE A CA  1 
ATOM   862  C C   . PHE A 1 145 ? -3.801  13.565  8.312   1.00 23.85 ? 125 PHE A C   1 
ATOM   863  O O   . PHE A 1 145 ? -4.767  13.235  7.623   1.00 25.19 ? 125 PHE A O   1 
ATOM   864  C CB  . PHE A 1 145 ? -1.930  12.023  9.021   1.00 23.47 ? 125 PHE A CB  1 
ATOM   865  C CG  . PHE A 1 145 ? -2.045  10.963  7.942   1.00 22.88 ? 125 PHE A CG  1 
ATOM   866  C CD1 . PHE A 1 145 ? -1.981  11.305  6.602   1.00 22.86 ? 125 PHE A CD1 1 
ATOM   867  C CD2 . PHE A 1 145 ? -2.190  9.629   8.278   1.00 24.93 ? 125 PHE A CD2 1 
ATOM   868  C CE1 . PHE A 1 145 ? -2.078  10.336  5.610   1.00 21.83 ? 125 PHE A CE1 1 
ATOM   869  C CE2 . PHE A 1 145 ? -2.283  8.650   7.293   1.00 23.41 ? 125 PHE A CE2 1 
ATOM   870  C CZ  . PHE A 1 145 ? -2.226  9.006   5.955   1.00 18.28 ? 125 PHE A CZ  1 
ATOM   871  N N   . SER A 1 146 ? -3.184  14.729  8.183   1.00 20.54 ? 126 SER A N   1 
ATOM   872  C CA  . SER A 1 146 ? -3.497  15.693  7.148   1.00 21.32 ? 126 SER A CA  1 
ATOM   873  C C   . SER A 1 146 ? -2.347  15.722  6.149   1.00 18.46 ? 126 SER A C   1 
ATOM   874  O O   . SER A 1 146 ? -1.281  15.142  6.374   1.00 25.17 ? 126 SER A O   1 
ATOM   875  C CB  . SER A 1 146 ? -3.727  17.086  7.754   1.00 29.14 ? 126 SER A CB  1 
ATOM   876  O OG  . SER A 1 146 ? -2.492  17.690  8.067   1.00 26.97 ? 126 SER A OG  1 
ATOM   877  N N   . ARG A 1 147 ? -2.571  16.407  5.032   1.00 20.42 ? 127 ARG A N   1 
ATOM   878  C CA  . ARG A 1 147 ? -1.475  16.656  4.105   1.00 20.35 ? 127 ARG A CA  1 
ATOM   879  C C   . ARG A 1 147 ? -0.407  17.493  4.794   1.00 26.12 ? 127 ARG A C   1 
ATOM   880  O O   . ARG A 1 147 ? -0.705  18.354  5.626   1.00 28.75 ? 127 ARG A O   1 
ATOM   881  C CB  . ARG A 1 147 ? -1.972  17.362  2.847   1.00 22.91 ? 127 ARG A CB  1 
ATOM   882  C CG  . ARG A 1 147 ? -2.684  16.443  1.886   1.00 20.47 ? 127 ARG A CG  1 
ATOM   883  C CD  . ARG A 1 147 ? -2.703  17.057  0.514   1.00 22.64 ? 127 ARG A CD  1 
ATOM   884  N NE  . ARG A 1 147 ? -3.521  16.314  -0.442  1.00 29.97 ? 127 ARG A NE  1 
ATOM   885  C CZ  . ARG A 1 147 ? -3.066  15.353  -1.244  1.00 21.06 ? 127 ARG A CZ  1 
ATOM   886  N NH1 . ARG A 1 147 ? -1.792  14.993  -1.204  1.00 19.63 ? 127 ARG A NH1 1 
ATOM   887  N NH2 . ARG A 1 147 ? -3.893  14.763  -2.097  1.00 21.45 ? 127 ARG A NH2 1 
ATOM   888  N N   . GLY A 1 148 ? 0.847   17.207  4.468   1.00 24.86 ? 128 GLY A N   1 
ATOM   889  C CA  . GLY A 1 148 ? 1.966   17.869  5.099   1.00 25.19 ? 128 GLY A CA  1 
ATOM   890  C C   . GLY A 1 148 ? 2.540   17.184  6.319   1.00 30.79 ? 128 GLY A C   1 
ATOM   891  O O   . GLY A 1 148 ? 3.328   17.813  7.036   1.00 31.72 ? 128 GLY A O   1 
ATOM   892  N N   . GLN A 1 149 ? 2.180   15.922  6.587   1.00 20.95 ? 129 GLN A N   1 
ATOM   893  C CA  . GLN A 1 149 ? 2.745   15.178  7.714   1.00 20.03 ? 129 GLN A CA  1 
ATOM   894  C C   . GLN A 1 149 ? 3.566   13.973  7.296   1.00 25.16 ? 129 GLN A C   1 
ATOM   895  O O   . GLN A 1 149 ? 4.634   13.730  7.868   1.00 21.21 ? 129 GLN A O   1 
ATOM   896  C CB  . GLN A 1 149 ? 1.641   14.680  8.662   1.00 23.93 ? 129 GLN A CB  1 
ATOM   897  C CG  . GLN A 1 149 ? 0.750   15.744  9.248   1.00 28.87 ? 129 GLN A CG  1 
ATOM   898  C CD  . GLN A 1 149 ? -0.276  15.159  10.213  1.00 23.61 ? 129 GLN A CD  1 
ATOM   899  O OE1 . GLN A 1 149 ? -1.455  15.516  10.184  1.00 25.64 ? 129 GLN A OE1 1 
ATOM   900  N NE2 . GLN A 1 149 ? 0.176   14.250  11.071  1.00 35.80 ? 129 GLN A NE2 1 
ATOM   901  N N   . MET A 1 150 ? 3.073   13.183  6.345   1.00 18.85 ? 130 MET A N   1 
ATOM   902  C CA  . MET A 1 150 ? 3.717   11.938  5.962   1.00 18.28 ? 130 MET A CA  1 
ATOM   903  C C   . MET A 1 150 ? 4.646   12.150  4.767   1.00 18.43 ? 130 MET A C   1 
ATOM   904  O O   . MET A 1 150 ? 4.632   13.194  4.109   1.00 18.29 ? 130 MET A O   1 
ATOM   905  C CB  . MET A 1 150 ? 2.665   10.875  5.618   1.00 22.52 ? 130 MET A CB  1 
ATOM   906  C CG  . MET A 1 150 ? 1.536   10.727  6.631   1.00 23.64 ? 130 MET A CG  1 
ATOM   907  S SD  . MET A 1 150 ? 2.077   10.281  8.297   1.00 30.31 ? 130 MET A SD  1 
ATOM   908  C CE  . MET A 1 150 ? 2.431   8.542   8.150   1.00 28.59 ? 130 MET A CE  1 
ATOM   909  N N   . GLN A 1 151 ? 5.456   11.132  4.491   1.00 12.01 ? 131 GLN A N   1 
ATOM   910  C CA  . GLN A 1 151 ? 6.230   11.100  3.260   1.00 20.62 ? 131 GLN A CA  1 
ATOM   911  C C   . GLN A 1 151 ? 5.306   11.313  2.066   1.00 21.36 ? 131 GLN A C   1 
ATOM   912  O O   . GLN A 1 151 ? 4.193   10.781  2.024   1.00 18.40 ? 131 GLN A O   1 
ATOM   913  C CB  . GLN A 1 151 ? 6.964   9.768   3.146   1.00 18.55 ? 131 GLN A CB  1 
ATOM   914  C CG  . GLN A 1 151 ? 8.002   9.546   4.239   1.00 20.76 ? 131 GLN A CG  1 
ATOM   915  C CD  . GLN A 1 151 ? 8.436   8.094   4.351   1.00 19.88 ? 131 GLN A CD  1 
ATOM   916  O OE1 . GLN A 1 151 ? 7.608   7.181   4.316   1.00 21.80 ? 131 GLN A OE1 1 
ATOM   917  N NE2 . GLN A 1 151 ? 9.735   7.874   4.487   1.00 21.82 ? 131 GLN A NE2 1 
ATOM   918  N N   . LYS A 1 152 ? 5.763   12.122  1.106   1.00 18.31 ? 132 LYS A N   1 
ATOM   919  C CA  . LYS A 1 152 ? 4.866   12.575  0.044   1.00 18.91 ? 132 LYS A CA  1 
ATOM   920  C C   . LYS A 1 152 ? 4.205   11.449  -0.747  1.00 14.28 ? 132 LYS A C   1 
ATOM   921  O O   . LYS A 1 152 ? 2.996   11.554  -1.007  1.00 15.33 ? 132 LYS A O   1 
ATOM   922  C CB  . LYS A 1 152 ? 5.596   13.511  -0.928  1.00 22.05 ? 132 LYS A CB  1 
ATOM   923  C CG  . LYS A 1 152 ? 4.624   14.465  -1.615  1.00 20.90 ? 132 LYS A CG  1 
ATOM   924  C CD  . LYS A 1 152 ? 4.009   15.353  -0.546  1.00 28.00 ? 132 LYS A CD  1 
ATOM   925  C CE  . LYS A 1 152 ? 2.926   16.265  -1.063  1.00 31.27 ? 132 LYS A CE  1 
ATOM   926  N NZ  . LYS A 1 152 ? 2.631   17.349  -0.042  1.00 21.75 ? 132 LYS A NZ  1 
ATOM   927  N N   . PRO A 1 153 ? 4.903   10.399  -1.186  1.00 17.44 ? 133 PRO A N   1 
ATOM   928  C CA  . PRO A 1 153 ? 4.187   9.343   -1.921  1.00 15.75 ? 133 PRO A CA  1 
ATOM   929  C C   . PRO A 1 153 ? 3.115   8.676   -1.072  1.00 16.88 ? 133 PRO A C   1 
ATOM   930  O O   . PRO A 1 153 ? 2.016   8.379   -1.570  1.00 12.60 ? 133 PRO A O   1 
ATOM   931  C CB  . PRO A 1 153 ? 5.302   8.365   -2.311  1.00 14.27 ? 133 PRO A CB  1 
ATOM   932  C CG  . PRO A 1 153 ? 6.583   9.145   -2.178  1.00 21.77 ? 133 PRO A CG  1 
ATOM   933  C CD  . PRO A 1 153 ? 6.337   10.092  -1.052  1.00 16.38 ? 133 PRO A CD  1 
ATOM   934  N N   . PHE A 1 154 ? 3.416   8.442   0.209   1.00 18.51 ? 134 PHE A N   1 
ATOM   935  C CA  . PHE A 1 154 ? 2.429   7.881   1.130   1.00 15.29 ? 134 PHE A CA  1 
ATOM   936  C C   . PHE A 1 154 ? 1.224   8.798   1.256   1.00 13.21 ? 134 PHE A C   1 
ATOM   937  O O   . PHE A 1 154 ? 0.071   8.354   1.178   1.00 12.25 ? 134 PHE A O   1 
ATOM   938  C CB  . PHE A 1 154 ? 3.076   7.640   2.495   1.00 11.82 ? 134 PHE A CB  1 
ATOM   939  C CG  . PHE A 1 154 ? 2.280   6.734   3.395   1.00 12.30 ? 134 PHE A CG  1 
ATOM   940  C CD1 . PHE A 1 154 ? 1.200   7.219   4.112   1.00 14.88 ? 134 PHE A CD1 1 
ATOM   941  C CD2 . PHE A 1 154 ? 2.613   5.384   3.516   1.00 12.84 ? 134 PHE A CD2 1 
ATOM   942  C CE1 . PHE A 1 154 ? 0.455   6.378   4.935   1.00 12.16 ? 134 PHE A CE1 1 
ATOM   943  C CE2 . PHE A 1 154 ? 1.869   4.536   4.347   1.00 15.08 ? 134 PHE A CE2 1 
ATOM   944  C CZ  . PHE A 1 154 ? 0.791   5.040   5.039   1.00 10.05 ? 134 PHE A CZ  1 
ATOM   945  N N   . GLU A 1 155 ? 1.470   10.097  1.437   1.00 12.73 ? 135 GLU A N   1 
ATOM   946  C CA  . GLU A 1 155 ? 0.376   11.049  1.554   1.00 9.96  ? 135 GLU A CA  1 
ATOM   947  C C   . GLU A 1 155 ? -0.487  11.059  0.304   1.00 13.03 ? 135 GLU A C   1 
ATOM   948  O O   . GLU A 1 155 ? -1.723  11.047  0.387   1.00 10.95 ? 135 GLU A O   1 
ATOM   949  C CB  . GLU A 1 155 ? 0.930   12.452  1.818   1.00 14.15 ? 135 GLU A CB  1 
ATOM   950  C CG  . GLU A 1 155 ? -0.100  13.524  1.666   1.00 15.57 ? 135 GLU A CG  1 
ATOM   951  C CD  . GLU A 1 155 ? 0.539   14.903  1.606   1.00 20.15 ? 135 GLU A CD  1 
ATOM   952  O OE1 . GLU A 1 155 ? 1.342   15.208  2.508   1.00 16.54 ? 135 GLU A OE1 1 
ATOM   953  O OE2 . GLU A 1 155 ? 0.248   15.649  0.652   1.00 20.09 ? 135 GLU A OE2 1 
ATOM   954  N N   . ASP A 1 156 ? 0.143   11.105  -0.873  1.00 12.22 ? 136 ASP A N   1 
ATOM   955  C CA  . ASP A 1 156 ? -0.637  11.208  -2.105  1.00 14.07 ? 136 ASP A CA  1 
ATOM   956  C C   . ASP A 1 156 ? -1.490  9.966   -2.324  1.00 10.64 ? 136 ASP A C   1 
ATOM   957  O O   . ASP A 1 156 ? -2.667  10.067  -2.692  1.00 12.57 ? 136 ASP A O   1 
ATOM   958  C CB  . ASP A 1 156 ? 0.279   11.425  -3.308  1.00 14.48 ? 136 ASP A CB  1 
ATOM   959  C CG  . ASP A 1 156 ? 0.777   12.855  -3.409  1.00 24.14 ? 136 ASP A CG  1 
ATOM   960  O OD1 . ASP A 1 156 ? 0.110   13.766  -2.856  1.00 18.33 ? 136 ASP A OD1 1 
ATOM   961  O OD2 . ASP A 1 156 ? 1.829   13.053  -4.052  1.00 17.92 ? 136 ASP A OD2 1 
ATOM   962  N N   . ALA A 1 157 ? -0.906  8.786   -2.113  1.00 13.79 ? 137 ALA A N   1 
ATOM   963  C CA  . ALA A 1 157 ? -1.683  7.557   -2.250  1.00 13.20 ? 137 ALA A CA  1 
ATOM   964  C C   . ALA A 1 157 ? -2.825  7.533   -1.239  1.00 10.92 ? 137 ALA A C   1 
ATOM   965  O O   . ALA A 1 157 ? -3.965  7.201   -1.576  1.00 10.66 ? 137 ALA A O   1 
ATOM   966  C CB  . ALA A 1 157 ? -0.768  6.346   -2.073  1.00 9.96  ? 137 ALA A CB  1 
ATOM   967  N N   . SER A 1 158 ? -2.543  7.946   -0.003  1.00 11.04 ? 138 SER A N   1 
ATOM   968  C CA  . SER A 1 158 ? -3.533  7.872   1.067   1.00 10.91 ? 138 SER A CA  1 
ATOM   969  C C   . SER A 1 158 ? -4.736  8.754   0.771   1.00 12.94 ? 138 SER A C   1 
ATOM   970  O O   . SER A 1 158 ? -5.886  8.347   0.982   1.00 14.69 ? 138 SER A O   1 
ATOM   971  C CB  . SER A 1 158 ? -2.894  8.293   2.388   1.00 9.16  ? 138 SER A CB  1 
ATOM   972  O OG  . SER A 1 158 ? -2.040  7.298   2.903   1.00 10.73 ? 138 SER A OG  1 
ATOM   973  N N   . PHE A 1 159 ? -4.492  9.968   0.267   1.00 14.44 ? 139 PHE A N   1 
ATOM   974  C CA  . PHE A 1 159 ? -5.577  10.889  -0.033  1.00 13.96 ? 139 PHE A CA  1 
ATOM   975  C C   . PHE A 1 159 ? -6.273  10.589  -1.359  1.00 16.38 ? 139 PHE A C   1 
ATOM   976  O O   . PHE A 1 159 ? -7.395  11.063  -1.577  1.00 15.37 ? 139 PHE A O   1 
ATOM   977  C CB  . PHE A 1 159 ? -5.050  12.330  -0.023  1.00 19.65 ? 139 PHE A CB  1 
ATOM   978  C CG  . PHE A 1 159 ? -5.043  12.942  1.350   1.00 18.85 ? 139 PHE A CG  1 
ATOM   979  C CD1 . PHE A 1 159 ? -3.948  12.787  2.175   1.00 18.00 ? 139 PHE A CD1 1 
ATOM   980  C CD2 . PHE A 1 159 ? -6.162  13.599  1.841   1.00 22.70 ? 139 PHE A CD2 1 
ATOM   981  C CE1 . PHE A 1 159 ? -3.949  13.313  3.451   1.00 19.27 ? 139 PHE A CE1 1 
ATOM   982  C CE2 . PHE A 1 159 ? -6.161  14.124  3.116   1.00 20.46 ? 139 PHE A CE2 1 
ATOM   983  C CZ  . PHE A 1 159 ? -5.046  13.980  3.915   1.00 16.79 ? 139 PHE A CZ  1 
ATOM   984  N N   . ALA A 1 160 ? -5.654  9.816   -2.242  1.00 10.64 ? 140 ALA A N   1 
ATOM   985  C CA  . ALA A 1 160 ? -6.329  9.392   -3.461  1.00 12.34 ? 140 ALA A CA  1 
ATOM   986  C C   . ALA A 1 160 ? -7.163  8.132   -3.276  1.00 13.20 ? 140 ALA A C   1 
ATOM   987  O O   . ALA A 1 160 ? -7.949  7.792   -4.166  1.00 14.95 ? 140 ALA A O   1 
ATOM   988  C CB  . ALA A 1 160 ? -5.314  9.165   -4.578  1.00 13.94 ? 140 ALA A CB  1 
ATOM   989  N N   . LEU A 1 161 ? -7.005  7.423   -2.164  1.00 12.75 ? 141 LEU A N   1 
ATOM   990  C CA  . LEU A 1 161 ? -7.907  6.325   -1.842  1.00 13.12 ? 141 LEU A CA  1 
ATOM   991  C C   . LEU A 1 161 ? -9.237  6.864   -1.335  1.00 15.08 ? 141 LEU A C   1 
ATOM   992  O O   . LEU A 1 161 ? -9.294  7.909   -0.678  1.00 16.78 ? 141 LEU A O   1 
ATOM   993  C CB  . LEU A 1 161 ? -7.294  5.416   -0.770  1.00 9.91  ? 141 LEU A CB  1 
ATOM   994  C CG  . LEU A 1 161 ? -6.009  4.685   -1.145  1.00 8.31  ? 141 LEU A CG  1 
ATOM   995  C CD1 . LEU A 1 161 ? -5.397  4.059   0.106   1.00 6.48  ? 141 LEU A CD1 1 
ATOM   996  C CD2 . LEU A 1 161 ? -6.293  3.631   -2.210  1.00 10.63 ? 141 LEU A CD2 1 
ATOM   997  N N   . ARG A 1 162 ? -10.314 6.141   -1.634  1.00 12.76 ? 142 ARG A N   1 
ATOM   998  C CA  . ARG A 1 162 ? -11.556 6.403   -0.921  1.00 16.12 ? 142 ARG A CA  1 
ATOM   999  C C   . ARG A 1 162 ? -11.625 5.501   0.300   1.00 13.74 ? 142 ARG A C   1 
ATOM   1000 O O   . ARG A 1 162 ? -10.911 4.504   0.398   1.00 11.42 ? 142 ARG A O   1 
ATOM   1001 C CB  . ARG A 1 162 ? -12.776 6.185   -1.813  1.00 17.49 ? 142 ARG A CB  1 
ATOM   1002 C CG  . ARG A 1 162 ? -13.159 7.417   -2.628  1.00 23.47 ? 142 ARG A CG  1 
ATOM   1003 C CD  . ARG A 1 162 ? -12.245 7.582   -3.826  1.00 25.13 ? 142 ARG A CD  1 
ATOM   1004 N NE  . ARG A 1 162 ? -12.210 6.366   -4.637  1.00 26.59 ? 142 ARG A NE  1 
ATOM   1005 C CZ  . ARG A 1 162 ? -13.087 6.092   -5.604  1.00 32.92 ? 142 ARG A CZ  1 
ATOM   1006 N NH1 . ARG A 1 162 ? -14.067 6.950   -5.878  1.00 30.36 ? 142 ARG A NH1 1 
ATOM   1007 N NH2 . ARG A 1 162 ? -12.982 4.967   -6.302  1.00 23.49 ? 142 ARG A NH2 1 
ATOM   1008 N N   . THR A 1 163 ? -12.469 5.883   1.254   1.00 14.64 ? 143 THR A N   1 
ATOM   1009 C CA  . THR A 1 163 ? -12.611 5.096   2.468   1.00 12.76 ? 143 THR A CA  1 
ATOM   1010 C C   . THR A 1 163 ? -12.925 3.647   2.123   1.00 13.10 ? 143 THR A C   1 
ATOM   1011 O O   . THR A 1 163 ? -13.831 3.364   1.336   1.00 12.85 ? 143 THR A O   1 
ATOM   1012 C CB  . THR A 1 163 ? -13.710 5.688   3.355   1.00 17.69 ? 143 THR A CB  1 
ATOM   1013 O OG1 . THR A 1 163 ? -13.225 6.900   3.947   1.00 22.34 ? 143 THR A OG1 1 
ATOM   1014 C CG2 . THR A 1 163 ? -14.059 4.727   4.463   1.00 19.61 ? 143 THR A CG2 1 
ATOM   1015 N N   . GLY A 1 164 ? -12.135 2.735   2.677   1.00 12.24 ? 144 GLY A N   1 
ATOM   1016 C CA  . GLY A 1 164 ? -12.289 1.326   2.419   1.00 13.05 ? 144 GLY A CA  1 
ATOM   1017 C C   . GLY A 1 164 ? -11.398 0.773   1.326   1.00 13.64 ? 144 GLY A C   1 
ATOM   1018 O O   . GLY A 1 164 ? -11.265 -0.451  1.230   1.00 12.87 ? 144 GLY A O   1 
ATOM   1019 N N   . GLU A 1 165 ? -10.772 1.627   0.514   1.00 11.66 ? 145 GLU A N   1 
ATOM   1020 C CA  . GLU A 1 165 ? -9.970  1.178   -0.617  1.00 12.29 ? 145 GLU A CA  1 
ATOM   1021 C C   . GLU A 1 165 ? -8.540  0.888   -0.189  1.00 10.63 ? 145 GLU A C   1 
ATOM   1022 O O   . GLU A 1 165 ? -8.049  1.390   0.825   1.00 9.98  ? 145 GLU A O   1 
ATOM   1023 C CB  . GLU A 1 165 ? -9.965  2.220   -1.738  1.00 12.43 ? 145 GLU A CB  1 
ATOM   1024 C CG  . GLU A 1 165 ? -11.233 2.250   -2.572  1.00 11.02 ? 145 GLU A CG  1 
ATOM   1025 C CD  . GLU A 1 165 ? -11.130 3.222   -3.740  1.00 15.88 ? 145 GLU A CD  1 
ATOM   1026 O OE1 . GLU A 1 165 ? -10.309 4.168   -3.670  1.00 14.48 ? 145 GLU A OE1 1 
ATOM   1027 O OE2 . GLU A 1 165 ? -11.851 3.029   -4.739  1.00 20.16 ? 145 GLU A OE2 1 
ATOM   1028 N N   . MET A 1 166 ? -7.866  0.081   -0.997  1.00 7.01  ? 146 MET A N   1 
ATOM   1029 C CA  . MET A 1 166 ? -6.498  -0.339  -0.743  1.00 8.52  ? 146 MET A CA  1 
ATOM   1030 C C   . MET A 1 166 ? -5.621  0.044   -1.926  1.00 7.65  ? 146 MET A C   1 
ATOM   1031 O O   . MET A 1 166 ? -6.050  0.003   -3.089  1.00 6.39  ? 146 MET A O   1 
ATOM   1032 C CB  . MET A 1 166 ? -6.415  -1.847  -0.505  1.00 6.30  ? 146 MET A CB  1 
ATOM   1033 C CG  . MET A 1 166 ? -5.042  -2.355  -0.005  1.00 6.57  ? 146 MET A CG  1 
ATOM   1034 S SD  . MET A 1 166 ? -5.075  -4.149  0.263   1.00 9.57  ? 146 MET A SD  1 
ATOM   1035 C CE  . MET A 1 166 ? -5.063  -4.731  -1.428  1.00 9.66  ? 146 MET A CE  1 
ATOM   1036 N N   . SER A 1 167 ? -4.384  0.409   -1.617  1.00 5.69  ? 147 SER A N   1 
ATOM   1037 C CA  . SER A 1 167 ? -3.423  0.792   -2.641  1.00 5.27  ? 147 SER A CA  1 
ATOM   1038 C C   . SER A 1 167 ? -2.744  -0.441  -3.234  1.00 8.10  ? 147 SER A C   1 
ATOM   1039 O O   . SER A 1 167 ? -2.833  -1.553  -2.703  1.00 7.81  ? 147 SER A O   1 
ATOM   1040 C CB  . SER A 1 167 ? -2.358  1.710   -2.039  1.00 6.16  ? 147 SER A CB  1 
ATOM   1041 O OG  . SER A 1 167 ? -1.454  0.921   -1.281  1.00 5.13  ? 147 SER A OG  1 
ATOM   1042 N N   . GLY A 1 168 ? -2.021  -0.234  -4.336  1.00 6.83  ? 148 GLY A N   1 
ATOM   1043 C CA  . GLY A 1 168 ? -0.984  -1.171  -4.729  1.00 7.88  ? 148 GLY A CA  1 
ATOM   1044 C C   . GLY A 1 168 ? 0.324   -0.877  -4.002  1.00 10.19 ? 148 GLY A C   1 
ATOM   1045 O O   . GLY A 1 168 ? 0.329   -0.262  -2.930  1.00 11.56 ? 148 GLY A O   1 
ATOM   1046 N N   . PRO A 1 169 ? 1.452   -1.324  -4.556  1.00 13.00 ? 149 PRO A N   1 
ATOM   1047 C CA  . PRO A 1 169 ? 2.751   -0.976  -3.960  1.00 11.64 ? 149 PRO A CA  1 
ATOM   1048 C C   . PRO A 1 169 ? 2.956   0.531   -3.959  1.00 11.36 ? 149 PRO A C   1 
ATOM   1049 O O   . PRO A 1 169 ? 2.738   1.202   -4.972  1.00 10.96 ? 149 PRO A O   1 
ATOM   1050 C CB  . PRO A 1 169 ? 3.769   -1.679  -4.868  1.00 15.13 ? 149 PRO A CB  1 
ATOM   1051 C CG  . PRO A 1 169 ? 2.998   -2.723  -5.599  1.00 16.94 ? 149 PRO A CG  1 
ATOM   1052 C CD  . PRO A 1 169 ? 1.598   -2.192  -5.737  1.00 13.91 ? 149 PRO A CD  1 
ATOM   1053 N N   . VAL A 1 170 ? 3.370   1.063   -2.809  1.00 10.37 ? 150 VAL A N   1 
ATOM   1054 C CA  . VAL A 1 170 ? 3.650   2.489   -2.657  1.00 8.17  ? 150 VAL A CA  1 
ATOM   1055 C C   . VAL A 1 170 ? 5.071   2.624   -2.119  1.00 10.05 ? 150 VAL A C   1 
ATOM   1056 O O   . VAL A 1 170 ? 5.401   2.049   -1.076  1.00 11.76 ? 150 VAL A O   1 
ATOM   1057 C CB  . VAL A 1 170 ? 2.636   3.185   -1.736  1.00 11.18 ? 150 VAL A CB  1 
ATOM   1058 C CG1 . VAL A 1 170 ? 3.072   4.633   -1.456  1.00 9.98  ? 150 VAL A CG1 1 
ATOM   1059 C CG2 . VAL A 1 170 ? 1.248   3.149   -2.366  1.00 7.58  ? 150 VAL A CG2 1 
ATOM   1060 N N   . PHE A 1 171 ? 5.912   3.359   -2.846  1.00 11.37 ? 151 PHE A N   1 
ATOM   1061 C CA  . PHE A 1 171 ? 7.344   3.417   -2.594  1.00 12.08 ? 151 PHE A CA  1 
ATOM   1062 C C   . PHE A 1 171 ? 7.677   4.711   -1.856  1.00 10.41 ? 151 PHE A C   1 
ATOM   1063 O O   . PHE A 1 171 ? 7.296   5.800   -2.298  1.00 13.68 ? 151 PHE A O   1 
ATOM   1064 C CB  . PHE A 1 171 ? 8.123   3.332   -3.913  1.00 12.32 ? 151 PHE A CB  1 
ATOM   1065 C CG  . PHE A 1 171 ? 7.830   2.083   -4.718  1.00 12.74 ? 151 PHE A CG  1 
ATOM   1066 C CD1 . PHE A 1 171 ? 6.689   2.003   -5.513  1.00 12.35 ? 151 PHE A CD1 1 
ATOM   1067 C CD2 . PHE A 1 171 ? 8.688   0.997   -4.671  1.00 10.66 ? 151 PHE A CD2 1 
ATOM   1068 C CE1 . PHE A 1 171 ? 6.409   0.853   -6.247  1.00 10.70 ? 151 PHE A CE1 1 
ATOM   1069 C CE2 . PHE A 1 171 ? 8.421   -0.164  -5.403  1.00 13.04 ? 151 PHE A CE2 1 
ATOM   1070 C CZ  . PHE A 1 171 ? 7.271   -0.230  -6.195  1.00 11.70 ? 151 PHE A CZ  1 
ATOM   1071 N N   . THR A 1 172 ? 8.349   4.581   -0.713  1.00 17.35 ? 152 THR A N   1 
ATOM   1072 C CA  . THR A 1 172 ? 8.938   5.700   0.014   1.00 16.08 ? 152 THR A CA  1 
ATOM   1073 C C   . THR A 1 172 ? 10.357  5.307   0.413   1.00 11.53 ? 152 THR A C   1 
ATOM   1074 O O   . THR A 1 172 ? 10.785  4.169   0.220   1.00 13.08 ? 152 THR A O   1 
ATOM   1075 C CB  . THR A 1 172 ? 8.126   6.078   1.265   1.00 15.98 ? 152 THR A CB  1 
ATOM   1076 O OG1 . THR A 1 172 ? 8.322   5.076   2.266   1.00 15.49 ? 152 THR A OG1 1 
ATOM   1077 C CG2 . THR A 1 172 ? 6.640   6.204   0.956   1.00 13.86 ? 152 THR A CG2 1 
ATOM   1078 N N   . ASP A 1 173 ? 11.097  6.255   0.999   1.00 17.03 ? 153 ASP A N   1 
ATOM   1079 C CA  . ASP A 1 173 ? 12.441  5.922   1.454   1.00 15.73 ? 153 ASP A CA  1 
ATOM   1080 C C   . ASP A 1 173 ? 12.422  4.891   2.577   1.00 19.21 ? 153 ASP A C   1 
ATOM   1081 O O   . ASP A 1 173 ? 13.426  4.210   2.807   1.00 21.13 ? 153 ASP A O   1 
ATOM   1082 C CB  . ASP A 1 173 ? 13.167  7.198   1.882   1.00 23.08 ? 153 ASP A CB  1 
ATOM   1083 C CG  . ASP A 1 173 ? 13.711  7.971   0.693   1.00 31.35 ? 153 ASP A CG  1 
ATOM   1084 O OD1 . ASP A 1 173 ? 13.673  7.426   -0.436  1.00 27.87 ? 153 ASP A OD1 1 
ATOM   1085 O OD2 . ASP A 1 173 ? 14.161  9.121   0.875   1.00 41.66 ? 153 ASP A OD2 1 
ATOM   1086 N N   . SER A 1 174 ? 11.284  4.731   3.250   1.00 17.28 ? 154 SER A N   1 
ATOM   1087 C CA  . SER A 1 174 ? 11.182  3.722   4.289   1.00 18.79 ? 154 SER A CA  1 
ATOM   1088 C C   . SER A 1 174 ? 11.156  2.321   3.702   1.00 13.90 ? 154 SER A C   1 
ATOM   1089 O O   . SER A 1 174 ? 11.637  1.376   4.331   1.00 15.19 ? 154 SER A O   1 
ATOM   1090 C CB  . SER A 1 174 ? 9.925   3.970   5.115   1.00 17.83 ? 154 SER A CB  1 
ATOM   1091 O OG  . SER A 1 174 ? 10.081  5.140   5.878   1.00 18.41 ? 154 SER A OG  1 
ATOM   1092 N N   . GLY A 1 175 ? 10.603  2.166   2.513   1.00 15.76 ? 155 GLY A N   1 
ATOM   1093 C CA  . GLY A 1 175 ? 10.403  0.860   1.915   1.00 14.03 ? 155 GLY A CA  1 
ATOM   1094 C C   . GLY A 1 175 ? 9.158   0.888   1.037   1.00 9.72  ? 155 GLY A C   1 
ATOM   1095 O O   . GLY A 1 175 ? 8.774   1.938   0.534   1.00 14.88 ? 155 GLY A O   1 
ATOM   1096 N N   . ILE A 1 176 ? 8.526   -0.276  0.895   1.00 12.96 ? 156 ILE A N   1 
ATOM   1097 C CA  . ILE A 1 176 ? 7.341   -0.444  0.049   1.00 9.92  ? 156 ILE A CA  1 
ATOM   1098 C C   . ILE A 1 176 ? 6.138   -0.731  0.938   1.00 9.37  ? 156 ILE A C   1 
ATOM   1099 O O   . ILE A 1 176 ? 6.187   -1.636  1.784   1.00 9.22  ? 156 ILE A O   1 
ATOM   1100 C CB  . ILE A 1 176 ? 7.532   -1.576  -0.973  1.00 8.04  ? 156 ILE A CB  1 
ATOM   1101 C CG1 . ILE A 1 176 ? 8.880   -1.454  -1.696  1.00 9.97  ? 156 ILE A CG1 1 
ATOM   1102 C CG2 . ILE A 1 176 ? 6.356   -1.597  -1.984  1.00 9.90  ? 156 ILE A CG2 1 
ATOM   1103 C CD1 . ILE A 1 176 ? 9.222   -2.681  -2.544  1.00 12.19 ? 156 ILE A CD1 1 
ATOM   1104 N N   . HIS A 1 177 ? 5.055   0.018   0.730   1.00 6.22  ? 157 HIS A N   1 
ATOM   1105 C CA  . HIS A 1 177 ? 3.865   -0.078  1.562   1.00 9.07  ? 157 HIS A CA  1 
ATOM   1106 C C   . HIS A 1 177 ? 2.680   -0.629  0.772   1.00 9.91  ? 157 HIS A C   1 
ATOM   1107 O O   . HIS A 1 177 ? 2.571   -0.430  -0.440  1.00 8.86  ? 157 HIS A O   1 
ATOM   1108 C CB  . HIS A 1 177 ? 3.446   1.289   2.116   1.00 8.76  ? 157 HIS A CB  1 
ATOM   1109 C CG  . HIS A 1 177 ? 4.557   2.086   2.730   1.00 11.65 ? 157 HIS A CG  1 
ATOM   1110 N ND1 . HIS A 1 177 ? 4.671   2.264   4.093   1.00 13.53 ? 157 HIS A ND1 1 
ATOM   1111 C CD2 . HIS A 1 177 ? 5.570   2.792   2.172   1.00 14.66 ? 157 HIS A CD2 1 
ATOM   1112 C CE1 . HIS A 1 177 ? 5.715   3.037   4.349   1.00 18.28 ? 157 HIS A CE1 1 
ATOM   1113 N NE2 . HIS A 1 177 ? 6.282   3.368   3.200   1.00 12.54 ? 157 HIS A NE2 1 
ATOM   1114 N N   . ILE A 1 178 ? 1.783   -1.305  1.488   1.00 6.40  ? 158 ILE A N   1 
ATOM   1115 C CA  . ILE A 1 178 ? 0.384   -1.445  1.102   1.00 7.80  ? 158 ILE A CA  1 
ATOM   1116 C C   . ILE A 1 178 ? -0.396  -0.570  2.066   1.00 8.38  ? 158 ILE A C   1 
ATOM   1117 O O   . ILE A 1 178 ? -0.173  -0.656  3.275   1.00 8.26  ? 158 ILE A O   1 
ATOM   1118 C CB  . ILE A 1 178 ? -0.106  -2.902  1.187   1.00 7.64  ? 158 ILE A CB  1 
ATOM   1119 C CG1 . ILE A 1 178 ? 0.813   -3.832  0.407   1.00 10.19 ? 158 ILE A CG1 1 
ATOM   1120 C CG2 . ILE A 1 178 ? -1.555  -2.995  0.701   1.00 10.01 ? 158 ILE A CG2 1 
ATOM   1121 C CD1 . ILE A 1 178 ? 0.740   -5.291  0.868   1.00 9.46  ? 158 ILE A CD1 1 
ATOM   1122 N N   . ILE A 1 179 ? -1.278  0.283   1.543   1.00 4.99  ? 159 ILE A N   1 
ATOM   1123 C CA  . ILE A 1 179 ? -2.007  1.258   2.352   1.00 8.43  ? 159 ILE A CA  1 
ATOM   1124 C C   . ILE A 1 179 ? -3.491  0.935   2.274   1.00 9.00  ? 159 ILE A C   1 
ATOM   1125 O O   . ILE A 1 179 ? -4.021  0.709   1.180   1.00 7.41  ? 159 ILE A O   1 
ATOM   1126 C CB  . ILE A 1 179 ? -1.766  2.708   1.887   1.00 6.48  ? 159 ILE A CB  1 
ATOM   1127 C CG1 . ILE A 1 179 ? -0.272  3.053   1.925   1.00 9.75  ? 159 ILE A CG1 1 
ATOM   1128 C CG2 . ILE A 1 179 ? -2.582  3.687   2.759   1.00 6.68  ? 159 ILE A CG2 1 
ATOM   1129 C CD1 . ILE A 1 179 ? 0.079   4.407   1.280   1.00 7.84  ? 159 ILE A CD1 1 
ATOM   1130 N N   . LEU A 1 180 ? -4.155  0.934   3.428   1.00 6.93  ? 160 LEU A N   1 
ATOM   1131 C CA  . LEU A 1 180 ? -5.600  0.751   3.509   1.00 8.60  ? 160 LEU A CA  1 
ATOM   1132 C C   . LEU A 1 180 ? -6.201  1.994   4.146   1.00 8.75  ? 160 LEU A C   1 
ATOM   1133 O O   . LEU A 1 180 ? -5.851  2.343   5.278   1.00 8.75  ? 160 LEU A O   1 
ATOM   1134 C CB  . LEU A 1 180 ? -5.951  -0.492  4.329   1.00 7.51  ? 160 LEU A CB  1 
ATOM   1135 C CG  . LEU A 1 180 ? -7.447  -0.765  4.549   1.00 11.01 ? 160 LEU A CG  1 
ATOM   1136 C CD1 . LEU A 1 180 ? -8.096  -1.246  3.251   1.00 8.80  ? 160 LEU A CD1 1 
ATOM   1137 C CD2 . LEU A 1 180 ? -7.646  -1.789  5.638   1.00 14.77 ? 160 LEU A CD2 1 
ATOM   1138 N N   . ARG A 1 181 ? -7.094  2.666   3.432   1.00 10.34 ? 161 ARG A N   1 
ATOM   1139 C CA  . ARG A 1 181 ? -7.752  3.837   3.989   1.00 8.91  ? 161 ARG A CA  1 
ATOM   1140 C C   . ARG A 1 181 ? -8.965  3.375   4.790   1.00 12.24 ? 161 ARG A C   1 
ATOM   1141 O O   . ARG A 1 181 ? -9.854  2.703   4.255   1.00 11.36 ? 161 ARG A O   1 
ATOM   1142 C CB  . ARG A 1 181 ? -8.162  4.846   2.915   1.00 7.55  ? 161 ARG A CB  1 
ATOM   1143 C CG  . ARG A 1 181 ? -8.862  6.048   3.575   1.00 9.91  ? 161 ARG A CG  1 
ATOM   1144 C CD  . ARG A 1 181 ? -9.200  7.179   2.630   1.00 13.65 ? 161 ARG A CD  1 
ATOM   1145 N NE  . ARG A 1 181 ? -10.072 8.145   3.300   1.00 12.34 ? 161 ARG A NE  1 
ATOM   1146 C CZ  . ARG A 1 181 ? -10.801 9.057   2.674   1.00 18.82 ? 161 ARG A CZ  1 
ATOM   1147 N NH1 . ARG A 1 181 ? -10.755 9.147   1.353   1.00 17.80 ? 161 ARG A NH1 1 
ATOM   1148 N NH2 . ARG A 1 181 ? -11.579 9.885   3.366   1.00 17.53 ? 161 ARG A NH2 1 
ATOM   1149 N N   . THR A 1 182 ? -8.994  3.719   6.079   1.00 8.77  ? 162 THR A N   1 
ATOM   1150 C CA  . THR A 1 182 ? -10.080 3.278   6.937   1.00 11.08 ? 162 THR A CA  1 
ATOM   1151 C C   . THR A 1 182 ? -11.063 4.381   7.298   1.00 16.13 ? 162 THR A C   1 
ATOM   1152 O O   . THR A 1 182 ? -12.190 4.070   7.685   1.00 14.45 ? 162 THR A O   1 
ATOM   1153 C CB  . THR A 1 182 ? -9.527  2.665   8.229   1.00 14.58 ? 162 THR A CB  1 
ATOM   1154 O OG1 . THR A 1 182 ? -8.713  3.635   8.897   1.00 17.23 ? 162 THR A OG1 1 
ATOM   1155 C CG2 . THR A 1 182 ? -8.685  1.435   7.908   1.00 12.49 ? 162 THR A CG2 1 
ATOM   1156 N N   . GLU A 1 183 ? -10.668 5.647   7.185   1.00 13.01 ? 163 GLU A N   1 
ATOM   1157 C CA  . GLU A 1 183 ? -11.550 6.780   7.466   1.00 17.25 ? 163 GLU A CA  1 
ATOM   1158 C C   . GLU A 1 183 ? -11.178 7.942   6.548   1.00 19.05 ? 163 GLU A C   1 
ATOM   1159 O O   . GLU A 1 183 ? -10.015 8.050   6.139   1.00 15.59 ? 163 GLU A O   1 
ATOM   1160 C CB  . GLU A 1 183 ? -11.437 7.223   8.935   1.00 19.31 ? 163 GLU A CB  1 
ATOM   1161 C CG  . GLU A 1 183 ? -11.888 6.186   9.962   1.00 16.76 ? 163 GLU A CG  1 
ATOM   1162 C CD  . GLU A 1 183 ? -11.867 6.720   11.383  1.00 21.21 ? 163 GLU A CD  1 
ATOM   1163 O OE1 . GLU A 1 183 ? -11.632 7.934   11.569  1.00 30.58 ? 163 GLU A OE1 1 
ATOM   1164 O OE2 . GLU A 1 183 ? -12.088 5.920   12.314  1.00 25.85 ? 163 GLU A OE2 1 
ATOM   1165 O OXT . GLU A 1 183 ? -11.999 8.798   6.207   1.00 15.29 ? 163 GLU A OXT 1 
HETATM 1166 C C17 . J50 B 2 .   ? 3.281   9.906   11.633  1.00 47.93 ? 201 J50 A C17 1 
HETATM 1167 C C12 . J50 B 2 .   ? 6.212   9.604   9.389   1.00 37.83 ? 201 J50 A C12 1 
HETATM 1168 C C14 . J50 B 2 .   ? 4.531   10.116  10.753  1.00 45.49 ? 201 J50 A C14 1 
HETATM 1169 C C15 . J50 B 2 .   ? 5.198   11.296  10.449  1.00 40.30 ? 201 J50 A C15 1 
HETATM 1170 C C16 . J50 B 2 .   ? 6.240   10.979  9.607   1.00 38.48 ? 201 J50 A C16 1 
HETATM 1171 C C19 . J50 B 2 .   ? 1.753   8.235   13.035  1.00 35.40 ? 201 J50 A C19 1 
HETATM 1172 C C20 . J50 B 2 .   ? 0.796   9.395   13.341  1.00 43.93 ? 201 J50 A C20 1 
HETATM 1173 C C21 . J50 B 2 .   ? 1.067   10.807  12.793  1.00 42.08 ? 201 J50 A C21 1 
HETATM 1174 C C22 . J50 B 2 .   ? 2.310   11.064  11.929  1.00 45.87 ? 201 J50 A C22 1 
HETATM 1175 C C23 . J50 B 2 .   ? 7.693   2.595   10.166  1.00 19.42 ? 201 J50 A C23 1 
HETATM 1176 C C24 . J50 B 2 .   ? 7.237   2.305   11.613  1.00 24.14 ? 201 J50 A C24 1 
HETATM 1177 C C11 . J50 B 2 .   ? 7.156   8.747   8.516   1.00 31.40 ? 201 J50 A C11 1 
HETATM 1178 C C18 . J50 B 2 .   ? 2.997   8.494   12.177  1.00 42.15 ? 201 J50 A C18 1 
HETATM 1179 C C01 . J50 B 2 .   ? 7.564   4.147   8.057   1.00 22.59 ? 201 J50 A C01 1 
HETATM 1180 C C03 . J50 B 2 .   ? 5.975   4.546   9.973   1.00 22.32 ? 201 J50 A C03 1 
HETATM 1181 C C04 . J50 B 2 .   ? 5.840   6.008   9.562   1.00 21.97 ? 201 J50 A C04 1 
HETATM 1182 C C05 . J50 B 2 .   ? 6.187   6.286   8.192   1.00 27.63 ? 201 J50 A C05 1 
HETATM 1183 C C06 . J50 B 2 .   ? 7.504   5.664   7.884   1.00 24.59 ? 201 J50 A C06 1 
HETATM 1184 C C08 . J50 B 2 .   ? 4.789   6.657   5.973   1.00 22.69 ? 201 J50 A C08 1 
HETATM 1185 C C09 . J50 B 2 .   ? 5.443   7.999   6.439   1.00 22.42 ? 201 J50 A C09 1 
HETATM 1186 N N02 . J50 B 2 .   ? 7.121   3.719   9.430   1.00 16.72 ? 201 J50 A N02 1 
HETATM 1187 N N10 . J50 B 2 .   ? 6.310   7.743   7.821   1.00 25.91 ? 201 J50 A N10 1 
HETATM 1188 O O13 . J50 B 2 .   ? 5.160   9.090   10.090  1.00 45.83 ? 201 J50 A O13 1 
HETATM 1189 O O25 . J50 B 2 .   ? 8.507   1.909   9.645   1.00 23.96 ? 201 J50 A O25 1 
HETATM 1190 O O26 . J50 B 2 .   ? 5.360   9.062   5.926   1.00 26.00 ? 201 J50 A O26 1 
HETATM 1191 S S07 . J50 B 2 .   ? 4.988   5.531   7.197   1.00 22.81 ? 201 J50 A S07 1 
HETATM 1192 O O1  . PE8 C 3 .   ? -11.765 -3.477  -6.059  1.00 29.33 ? 202 PE8 A O1  1 
HETATM 1193 C C2  . PE8 C 3 .   ? -10.428 -3.808  -6.363  1.00 22.23 ? 202 PE8 A C2  1 
HETATM 1194 C C3  . PE8 C 3 .   ? -9.458  -3.274  -5.307  1.00 26.02 ? 202 PE8 A C3  1 
HETATM 1195 O O4  . PE8 C 3 .   ? -8.084  -3.466  -5.588  1.00 18.61 ? 202 PE8 A O4  1 
HETATM 1196 C C5  . PE8 C 3 .   ? -7.367  -2.246  -5.509  1.00 15.94 ? 202 PE8 A C5  1 
HETATM 1197 C C6  . PE8 C 3 .   ? -5.924  -2.451  -5.051  1.00 10.87 ? 202 PE8 A C6  1 
HETATM 1198 O O7  . PE8 C 3 .   ? -5.157  -2.963  -6.109  1.00 10.66 ? 202 PE8 A O7  1 
HETATM 1199 C C8  . PE8 C 3 .   ? -3.812  -3.175  -5.782  1.00 11.97 ? 202 PE8 A C8  1 
HETATM 1200 C C9  . PE8 C 3 .   ? -3.098  -3.806  -6.972  1.00 12.46 ? 202 PE8 A C9  1 
HETATM 1201 O O10 . PE8 C 3 .   ? -3.366  -5.181  -7.010  1.00 8.30  ? 202 PE8 A O10 1 
HETATM 1202 C C11 . PE8 C 3 .   ? -2.606  -5.851  -7.978  1.00 9.32  ? 202 PE8 A C11 1 
HETATM 1203 C C12 . PE8 C 3 .   ? -3.034  -7.327  -8.032  1.00 9.84  ? 202 PE8 A C12 1 
HETATM 1204 O O13 . PE8 C 3 .   ? -4.373  -7.413  -8.435  1.00 10.85 ? 202 PE8 A O13 1 
HETATM 1205 C C14 . PE8 C 3 .   ? -4.729  -8.687  -8.916  1.00 12.13 ? 202 PE8 A C14 1 
HETATM 1206 C C15 . PE8 C 3 .   ? -6.192  -8.649  -9.347  1.00 9.16  ? 202 PE8 A C15 1 
HETATM 1207 O O16 . PE8 C 3 .   ? -6.318  -7.804  -10.460 1.00 13.83 ? 202 PE8 A O16 1 
HETATM 1208 C C17 . PE8 C 3 .   ? -7.614  -7.738  -10.998 1.00 12.67 ? 202 PE8 A C17 1 
HETATM 1209 C C18 . PE8 C 3 .   ? -7.617  -6.764  -12.169 1.00 11.70 ? 202 PE8 A C18 1 
HETATM 1210 O O19 . PE8 C 3 .   ? -6.544  -7.056  -13.032 1.00 13.40 ? 202 PE8 A O19 1 
HETATM 1211 C C20 . PE8 C 3 .   ? -6.551  -6.243  -14.174 1.00 15.29 ? 202 PE8 A C20 1 
HETATM 1212 C C21 . PE8 C 3 .   ? -5.277  -6.432  -14.989 1.00 17.07 ? 202 PE8 A C21 1 
HETATM 1213 O O22 . PE8 C 3 .   ? -4.166  -6.144  -14.183 1.00 22.76 ? 202 PE8 A O22 1 
HETATM 1214 C C23 . PE8 C 3 .   ? -3.005  -5.780  -14.892 1.00 24.17 ? 202 PE8 A C23 1 
HETATM 1215 C C24 . PE8 C 3 .   ? -1.754  -6.351  -14.221 1.00 33.31 ? 202 PE8 A C24 1 
HETATM 1216 O O25 . PE8 C 3 .   ? -1.367  -5.560  -13.135 1.00 25.19 ? 202 PE8 A O25 1 
HETATM 1217 O O   . HOH D 4 .   ? -3.149  -18.429 1.153   1.00 40.63 ? 301 HOH A O   1 
HETATM 1218 O O   . HOH D 4 .   ? -5.181  -10.404 -18.426 1.00 31.85 ? 302 HOH A O   1 
HETATM 1219 O O   . HOH D 4 .   ? -14.851 4.053   -18.132 1.00 35.59 ? 303 HOH A O   1 
HETATM 1220 O O   . HOH D 4 .   ? 15.725  -9.288  4.982   1.00 22.81 ? 304 HOH A O   1 
HETATM 1221 O O   . HOH D 4 .   ? -8.086  -2.718  10.481  1.00 35.99 ? 305 HOH A O   1 
HETATM 1222 O O   . HOH D 4 .   ? -6.806  3.749   -6.002  1.00 11.76 ? 306 HOH A O   1 
HETATM 1223 O O   . HOH D 4 .   ? -8.927  -11.663 -17.473 1.00 30.23 ? 307 HOH A O   1 
HETATM 1224 O O   . HOH D 4 .   ? -13.608 12.896  -15.846 1.00 44.47 ? 308 HOH A O   1 
HETATM 1225 O O   . HOH D 4 .   ? 2.372   -1.837  9.872   1.00 9.02  ? 309 HOH A O   1 
HETATM 1226 O O   . HOH D 4 .   ? 16.923  -8.961  -6.112  1.00 27.99 ? 310 HOH A O   1 
HETATM 1227 O O   . HOH D 4 .   ? -8.998  5.543   -5.339  1.00 7.77  ? 311 HOH A O   1 
HETATM 1228 O O   . HOH D 4 .   ? 21.888  -1.399  3.463   1.00 37.49 ? 312 HOH A O   1 
HETATM 1229 O O   . HOH D 4 .   ? -9.223  -5.362  12.645  1.00 28.49 ? 313 HOH A O   1 
HETATM 1230 O O   . HOH D 4 .   ? -9.864  -11.536 3.963   1.00 23.12 ? 314 HOH A O   1 
HETATM 1231 O O   . HOH D 4 .   ? -1.702  -16.012 8.603   1.00 37.64 ? 315 HOH A O   1 
HETATM 1232 O O   . HOH D 4 .   ? -13.148 -4.632  -16.998 1.00 18.47 ? 316 HOH A O   1 
HETATM 1233 O O   . HOH D 4 .   ? 18.281  -4.011  -5.594  1.00 39.84 ? 317 HOH A O   1 
HETATM 1234 O O   . HOH D 4 .   ? -2.695  -16.321 -3.249  1.00 30.16 ? 318 HOH A O   1 
HETATM 1235 O O   . HOH D 4 .   ? 17.933  -11.353 2.427   1.00 42.92 ? 319 HOH A O   1 
HETATM 1236 O O   . HOH D 4 .   ? -10.820 -6.349  -9.906  1.00 11.72 ? 320 HOH A O   1 
HETATM 1237 O O   . HOH D 4 .   ? -10.471 -8.821  -4.125  1.00 11.65 ? 321 HOH A O   1 
HETATM 1238 O O   . HOH D 4 .   ? -1.819  -5.975  15.793  1.00 16.22 ? 322 HOH A O   1 
HETATM 1239 O O   . HOH D 4 .   ? -10.134 9.909   -2.180  1.00 25.03 ? 323 HOH A O   1 
HETATM 1240 O O   . HOH D 4 .   ? 1.851   7.984   -4.925  1.00 17.59 ? 324 HOH A O   1 
HETATM 1241 O O   . HOH D 4 .   ? -11.636 11.578  6.738   1.00 26.69 ? 325 HOH A O   1 
HETATM 1242 O O   . HOH D 4 .   ? 2.331   4.939   -10.208 1.00 13.04 ? 326 HOH A O   1 
HETATM 1243 O O   . HOH D 4 .   ? 8.605   -7.695  6.270   1.00 16.68 ? 327 HOH A O   1 
HETATM 1244 O O   . HOH D 4 .   ? 3.668   -15.005 11.496  1.00 29.38 ? 328 HOH A O   1 
HETATM 1245 O O   . HOH D 4 .   ? -12.115 -11.654 6.038   1.00 44.52 ? 329 HOH A O   1 
HETATM 1246 O O   . HOH D 4 .   ? -6.521  2.687   10.194  1.00 13.24 ? 330 HOH A O   1 
HETATM 1247 O O   . HOH D 4 .   ? 0.889   13.909  5.004   1.00 21.47 ? 331 HOH A O   1 
HETATM 1248 O O   . HOH D 4 .   ? -14.593 8.841   6.824   1.00 33.32 ? 332 HOH A O   1 
HETATM 1249 O O   . HOH D 4 .   ? 6.001   -13.587 4.579   1.00 24.39 ? 333 HOH A O   1 
HETATM 1250 O O   . HOH D 4 .   ? -5.703  -1.697  10.691  1.00 17.73 ? 334 HOH A O   1 
HETATM 1251 O O   . HOH D 4 .   ? -12.543 9.559   -17.839 1.00 36.04 ? 335 HOH A O   1 
HETATM 1252 O O   . HOH D 4 .   ? 10.825  0.130   11.065  1.00 27.16 ? 336 HOH A O   1 
HETATM 1253 O O   . HOH D 4 .   ? -7.735  1.552   -4.503  1.00 12.80 ? 337 HOH A O   1 
HETATM 1254 O O   . HOH D 4 .   ? 20.720  -2.618  15.996  1.00 34.10 ? 338 HOH A O   1 
HETATM 1255 O O   . HOH D 4 .   ? -4.775  1.910   16.656  1.00 26.21 ? 339 HOH A O   1 
HETATM 1256 O O   . HOH D 4 .   ? 2.824   -7.198  15.584  1.00 14.98 ? 340 HOH A O   1 
HETATM 1257 O O   . HOH D 4 .   ? -14.427 -8.340  -12.435 1.00 13.42 ? 341 HOH A O   1 
HETATM 1258 O O   . HOH D 4 .   ? 3.962   15.708  3.031   1.00 24.72 ? 342 HOH A O   1 
HETATM 1259 O O   . HOH D 4 .   ? -8.113  -11.848 10.682  1.00 34.71 ? 343 HOH A O   1 
HETATM 1260 O O   . HOH D 4 .   ? 2.545   14.218  -6.403  1.00 34.01 ? 344 HOH A O   1 
HETATM 1261 O O   . HOH D 4 .   ? 18.895  -11.900 6.543   1.00 48.08 ? 345 HOH A O   1 
HETATM 1262 O O   . HOH D 4 .   ? -4.053  -6.123  -11.445 1.00 10.13 ? 346 HOH A O   1 
HETATM 1263 O O   . HOH D 4 .   ? 0.659   16.312  -3.644  1.00 28.43 ? 347 HOH A O   1 
HETATM 1264 O O   . HOH D 4 .   ? 11.201  -2.602  -5.544  1.00 28.13 ? 348 HOH A O   1 
HETATM 1265 O O   . HOH D 4 .   ? -15.854 -0.923  -17.841 1.00 29.51 ? 349 HOH A O   1 
HETATM 1266 O O   . HOH D 4 .   ? -16.874 -7.427  -9.534  1.00 11.86 ? 350 HOH A O   1 
HETATM 1267 O O   . HOH D 4 .   ? -2.933  -0.546  -21.559 1.00 40.98 ? 351 HOH A O   1 
HETATM 1268 O O   . HOH D 4 .   ? -3.382  12.522  -3.690  1.00 18.93 ? 352 HOH A O   1 
HETATM 1269 O O   . HOH D 4 .   ? 7.903   -9.699  4.669   1.00 15.99 ? 353 HOH A O   1 
HETATM 1270 O O   . HOH D 4 .   ? 18.096  -11.714 -0.016  1.00 32.68 ? 354 HOH A O   1 
HETATM 1271 O O   . HOH D 4 .   ? 6.853   6.727   -4.850  1.00 18.37 ? 355 HOH A O   1 
HETATM 1272 O O   . HOH D 4 .   ? -14.834 1.821   -0.724  1.00 22.22 ? 356 HOH A O   1 
HETATM 1273 O O   . HOH D 4 .   ? 0.051   -6.816  -11.122 1.00 36.05 ? 357 HOH A O   1 
HETATM 1274 O O   . HOH D 4 .   ? 5.295   -12.810 12.507  1.00 29.43 ? 358 HOH A O   1 
HETATM 1275 O O   . HOH D 4 .   ? -14.112 -7.079  -16.350 1.00 15.21 ? 359 HOH A O   1 
HETATM 1276 O O   . HOH D 4 .   ? -9.123  -9.461  2.424   1.00 7.70  ? 360 HOH A O   1 
HETATM 1277 O O   . HOH D 4 .   ? 11.886  -8.239  7.934   1.00 18.59 ? 361 HOH A O   1 
HETATM 1278 O O   . HOH D 4 .   ? -5.056  17.962  4.363   1.00 25.41 ? 362 HOH A O   1 
HETATM 1279 O O   . HOH D 4 .   ? -5.142  -9.449  -13.086 1.00 18.06 ? 363 HOH A O   1 
HETATM 1280 O O   . HOH D 4 .   ? -8.201  6.599   -19.070 1.00 28.52 ? 364 HOH A O   1 
HETATM 1281 O O   . HOH D 4 .   ? 21.206  -7.126  -0.153  1.00 40.82 ? 365 HOH A O   1 
HETATM 1282 O O   . HOH D 4 .   ? 4.303   -12.398 -0.042  1.00 14.92 ? 366 HOH A O   1 
HETATM 1283 O O   . HOH D 4 .   ? 0.808   -5.718  -6.735  1.00 17.79 ? 367 HOH A O   1 
HETATM 1284 O O   . HOH D 4 .   ? -5.384  10.687  -14.204 1.00 33.78 ? 368 HOH A O   1 
HETATM 1285 O O   . HOH D 4 .   ? -6.873  18.031  2.214   1.00 34.10 ? 369 HOH A O   1 
HETATM 1286 O O   . HOH D 4 .   ? 10.254  -7.498  -7.876  1.00 28.87 ? 370 HOH A O   1 
HETATM 1287 O O   . HOH D 4 .   ? -10.417 0.431   -5.374  1.00 12.26 ? 371 HOH A O   1 
HETATM 1288 O O   . HOH D 4 .   ? 19.311  -9.749  15.911  1.00 28.50 ? 372 HOH A O   1 
HETATM 1289 O O   . HOH D 4 .   ? -9.194  8.949   -6.436  1.00 22.54 ? 373 HOH A O   1 
HETATM 1290 O O   . HOH D 4 .   ? 8.264   -11.571 12.496  1.00 27.92 ? 374 HOH A O   1 
HETATM 1291 O O   . HOH D 4 .   ? -8.198  -6.348  -26.519 1.00 32.56 ? 375 HOH A O   1 
HETATM 1292 O O   . HOH D 4 .   ? -1.329  -2.535  -9.796  1.00 12.56 ? 376 HOH A O   1 
HETATM 1293 O O   . HOH D 4 .   ? -5.720  -1.087  15.496  1.00 33.90 ? 377 HOH A O   1 
HETATM 1294 O O   . HOH D 4 .   ? -12.283 -11.263 -14.737 1.00 34.24 ? 378 HOH A O   1 
HETATM 1295 O O   . HOH D 4 .   ? 11.197  1.447   -1.475  1.00 20.71 ? 379 HOH A O   1 
HETATM 1296 O O   . HOH D 4 .   ? 21.520  -4.301  19.408  1.00 27.58 ? 380 HOH A O   1 
HETATM 1297 O O   . HOH D 4 .   ? -9.036  10.395  -13.795 1.00 31.02 ? 381 HOH A O   1 
HETATM 1298 O O   . HOH D 4 .   ? 3.586   -0.138  18.526  1.00 30.21 ? 382 HOH A O   1 
HETATM 1299 O O   . HOH D 4 .   ? 8.380   13.314  1.520   1.00 25.15 ? 383 HOH A O   1 
HETATM 1300 O O   . HOH D 4 .   ? 10.003  8.949   0.914   1.00 24.11 ? 384 HOH A O   1 
HETATM 1301 O O   . HOH D 4 .   ? -0.215  -8.395  -6.415  1.00 13.92 ? 385 HOH A O   1 
HETATM 1302 O O   . HOH D 4 .   ? -4.168  -6.447  17.223  1.00 22.26 ? 386 HOH A O   1 
HETATM 1303 O O   . HOH D 4 .   ? 17.879  -2.950  -2.719  1.00 32.10 ? 387 HOH A O   1 
HETATM 1304 O O   . HOH D 4 .   ? -6.378  -13.507 8.088   1.00 25.47 ? 388 HOH A O   1 
HETATM 1305 O O   . HOH D 4 .   ? -9.048  -6.000  -7.754  1.00 12.76 ? 389 HOH A O   1 
HETATM 1306 O O   . HOH D 4 .   ? -13.122 -5.012  -22.103 1.00 29.18 ? 390 HOH A O   1 
HETATM 1307 O O   . HOH D 4 .   ? 10.480  -10.005 16.460  1.00 35.63 ? 391 HOH A O   1 
HETATM 1308 O O   . HOH D 4 .   ? -10.884 0.309   5.638   1.00 20.08 ? 392 HOH A O   1 
HETATM 1309 O O   . HOH D 4 .   ? 20.282  1.701   3.274   1.00 50.75 ? 393 HOH A O   1 
HETATM 1310 O O   . HOH D 4 .   ? -8.888  -4.797  -3.051  1.00 22.45 ? 394 HOH A O   1 
HETATM 1311 O O   . HOH D 4 .   ? -8.347  -7.318  4.017   1.00 14.04 ? 395 HOH A O   1 
HETATM 1312 O O   . HOH D 4 .   ? -15.480 8.806   3.535   1.00 34.22 ? 396 HOH A O   1 
HETATM 1313 O O   . HOH D 4 .   ? 2.021   9.104   -8.478  1.00 22.84 ? 397 HOH A O   1 
HETATM 1314 O O   . HOH D 4 .   ? 0.770   -16.608 8.373   1.00 34.85 ? 398 HOH A O   1 
HETATM 1315 O O   . HOH D 4 .   ? 10.675  -12.252 -1.840  1.00 23.77 ? 399 HOH A O   1 
HETATM 1316 O O   . HOH D 4 .   ? -11.102 13.171  -11.655 1.00 34.02 ? 400 HOH A O   1 
HETATM 1317 O O   . HOH D 4 .   ? 6.500   -6.609  -9.768  1.00 27.48 ? 401 HOH A O   1 
HETATM 1318 O O   . HOH D 4 .   ? 2.886   -5.323  -18.774 1.00 43.14 ? 402 HOH A O   1 
HETATM 1319 O O   . HOH D 4 .   ? -4.437  -8.474  13.458  1.00 23.04 ? 403 HOH A O   1 
HETATM 1320 O O   . HOH D 4 .   ? -1.095  -2.798  -21.907 1.00 41.06 ? 404 HOH A O   1 
HETATM 1321 O O   . HOH D 4 .   ? 16.354  3.713   -3.531  1.00 42.82 ? 405 HOH A O   1 
HETATM 1322 O O   . HOH D 4 .   ? 11.637  -11.123 8.681   1.00 31.27 ? 406 HOH A O   1 
HETATM 1323 O O   . HOH D 4 .   ? 21.412  -3.908  4.816   1.00 34.92 ? 407 HOH A O   1 
HETATM 1324 O O   . HOH D 4 .   ? 1.183   3.306   15.020  1.00 30.22 ? 408 HOH A O   1 
HETATM 1325 O O   . HOH D 4 .   ? -11.675 -16.082 0.754   1.00 24.88 ? 409 HOH A O   1 
HETATM 1326 O O   . HOH D 4 .   ? 19.457  -9.650  11.890  1.00 28.52 ? 410 HOH A O   1 
HETATM 1327 O O   . HOH D 4 .   ? -18.216 -0.938  -11.286 1.00 24.80 ? 411 HOH A O   1 
HETATM 1328 O O   . HOH D 4 .   ? 11.897  10.083  4.801   1.00 37.23 ? 412 HOH A O   1 
HETATM 1329 O O   . HOH D 4 .   ? 19.698  -10.981 8.820   1.00 35.91 ? 413 HOH A O   1 
HETATM 1330 O O   . HOH D 4 .   ? 4.347   -4.646  -8.686  1.00 17.70 ? 414 HOH A O   1 
HETATM 1331 O O   . HOH D 4 .   ? -3.567  12.623  -12.019 1.00 50.85 ? 415 HOH A O   1 
HETATM 1332 O O   . HOH D 4 .   ? 9.652   0.488   14.015  1.00 24.16 ? 416 HOH A O   1 
HETATM 1333 O O   . HOH D 4 .   ? 0.377   -9.686  -8.625  1.00 25.75 ? 417 HOH A O   1 
HETATM 1334 O O   . HOH D 4 .   ? 12.298  3.813   -2.528  1.00 26.97 ? 418 HOH A O   1 
HETATM 1335 O O   . HOH D 4 .   ? -6.963  12.547  -12.515 1.00 31.87 ? 419 HOH A O   1 
HETATM 1336 O O   . HOH D 4 .   ? -14.591 9.050   11.226  1.00 36.97 ? 420 HOH A O   1 
HETATM 1337 O O   . HOH D 4 .   ? 11.308  6.754   -2.463  1.00 24.97 ? 421 HOH A O   1 
HETATM 1338 O O   . HOH D 4 .   ? 4.650   5.059   -5.233  1.00 15.19 ? 422 HOH A O   1 
HETATM 1339 O O   . HOH D 4 .   ? 17.323  -10.347 14.355  1.00 31.86 ? 423 HOH A O   1 
HETATM 1340 O O   . HOH D 4 .   ? -10.975 -17.648 2.803   1.00 44.08 ? 424 HOH A O   1 
HETATM 1341 O O   . HOH D 4 .   ? -0.416  -1.153  -14.662 1.00 34.49 ? 425 HOH A O   1 
HETATM 1342 O O   . HOH D 4 .   ? -12.920 10.920  -0.359  1.00 31.44 ? 426 HOH A O   1 
HETATM 1343 O O   . HOH D 4 .   ? -1.565  13.674  -5.799  1.00 26.66 ? 427 HOH A O   1 
HETATM 1344 O O   . HOH D 4 .   ? -14.561 8.497   0.665   1.00 23.32 ? 428 HOH A O   1 
HETATM 1345 O O   . HOH D 4 .   ? 2.048   -14.169 0.708   1.00 25.50 ? 429 HOH A O   1 
HETATM 1346 O O   . HOH D 4 .   ? 14.599  2.766   -1.536  1.00 30.99 ? 430 HOH A O   1 
HETATM 1347 O O   . HOH D 4 .   ? 9.429   -12.125 5.379   1.00 26.18 ? 431 HOH A O   1 
HETATM 1348 O O   . HOH D 4 .   ? 5.738   -13.688 -1.968  1.00 22.25 ? 432 HOH A O   1 
HETATM 1349 O O   . HOH D 4 .   ? -7.257  -19.505 4.128   1.00 35.85 ? 433 HOH A O   1 
HETATM 1350 O O   . HOH D 4 .   ? 1.000   -14.919 -9.866  1.00 32.78 ? 434 HOH A O   1 
HETATM 1351 O O   . HOH D 4 .   ? 2.101   -15.283 3.936   1.00 33.89 ? 435 HOH A O   1 
HETATM 1352 O O   . HOH D 4 .   ? 18.847  -2.341  -7.243  1.00 45.91 ? 436 HOH A O   1 
HETATM 1353 O O   . HOH D 4 .   ? -6.312  -10.039 12.166  1.00 29.87 ? 437 HOH A O   1 
HETATM 1354 O O   . HOH D 4 .   ? 9.202   3.450   14.313  1.00 38.97 ? 438 HOH A O   1 
HETATM 1355 O O   . HOH D 4 .   ? -8.633  1.387   11.697  1.00 20.63 ? 439 HOH A O   1 
HETATM 1356 O O   . HOH D 4 .   ? 3.943   2.588   18.016  1.00 34.35 ? 440 HOH A O   1 
HETATM 1357 O O   . HOH D 4 .   ? -12.994 -14.303 2.282   1.00 27.02 ? 441 HOH A O   1 
HETATM 1358 O O   . HOH D 4 .   ? 22.451  0.603   0.390   1.00 41.86 ? 442 HOH A O   1 
HETATM 1359 O O   . HOH D 4 .   ? 22.989  -2.299  1.022   1.00 37.89 ? 443 HOH A O   1 
HETATM 1360 O O   . HOH D 4 .   ? -1.704  -8.714  -17.463 1.00 32.92 ? 444 HOH A O   1 
HETATM 1361 O O   . HOH D 4 .   ? 15.585  -11.680 4.636   1.00 32.47 ? 445 HOH A O   1 
HETATM 1362 O O   . HOH D 4 .   ? -10.313 10.863  -4.753  1.00 29.86 ? 446 HOH A O   1 
HETATM 1363 O O   . HOH D 4 .   ? 5.483   -14.298 2.223   1.00 32.02 ? 447 HOH A O   1 
HETATM 1364 O O   . HOH D 4 .   ? -0.357  -1.862  -12.132 1.00 29.50 ? 448 HOH A O   1 
HETATM 1365 O O   . HOH D 4 .   ? -11.295 -9.256  -9.406  1.00 19.81 ? 449 HOH A O   1 
HETATM 1366 O O   . HOH D 4 .   ? -8.878  20.760  3.848   1.00 43.74 ? 450 HOH A O   1 
HETATM 1367 O O   . HOH D 4 .   ? -15.205 1.005   4.678   1.00 27.59 ? 451 HOH A O   1 
HETATM 1368 O O   . HOH D 4 .   ? 11.882  -3.091  -7.959  1.00 31.30 ? 452 HOH A O   1 
HETATM 1369 O O   . HOH D 4 .   ? -13.200 -10.921 -12.502 1.00 14.06 ? 453 HOH A O   1 
HETATM 1370 O O   . HOH D 4 .   ? 10.338  9.290   -2.046  1.00 31.96 ? 454 HOH A O   1 
HETATM 1371 O O   . HOH D 4 .   ? 10.606  11.348  2.342   1.00 30.93 ? 455 HOH A O   1 
HETATM 1372 O O   . HOH D 4 .   ? -4.472  13.776  -9.906  1.00 41.43 ? 456 HOH A O   1 
HETATM 1373 O O   . HOH D 4 .   ? -6.038  12.773  -5.179  1.00 30.60 ? 457 HOH A O   1 
HETATM 1374 O O   . HOH D 4 .   ? 6.326   16.910  1.903   1.00 26.87 ? 458 HOH A O   1 
HETATM 1375 O O   . HOH D 4 .   ? 9.598   12.058  -0.757  1.00 30.39 ? 459 HOH A O   1 
HETATM 1376 O O   . HOH D 4 .   ? -16.133 5.162   -2.350  1.00 33.23 ? 460 HOH A O   1 
HETATM 1377 O O   . HOH D 4 .   ? 0.782   -3.888  -8.693  1.00 22.50 ? 461 HOH A O   1 
HETATM 1378 O O   . HOH D 4 .   ? 8.598   -13.965 -2.164  1.00 31.02 ? 462 HOH A O   1 
HETATM 1379 O O   . HOH D 4 .   ? -14.637 -9.936  -22.770 1.00 24.59 ? 463 HOH A O   1 
HETATM 1380 O O   . HOH D 4 .   ? 12.323  -12.836 -0.031  1.00 31.46 ? 464 HOH A O   1 
HETATM 1381 O O   . HOH D 4 .   ? 1.887   -2.883  -14.866 1.00 39.00 ? 465 HOH A O   1 
HETATM 1382 O O   . HOH D 4 .   ? 1.221   2.370   17.513  1.00 33.39 ? 466 HOH A O   1 
HETATM 1383 O O   . HOH D 4 .   ? 2.398   -2.408  -9.624  1.00 31.09 ? 467 HOH A O   1 
HETATM 1384 O O   . HOH D 4 .   ? -6.518  20.537  2.752   1.00 40.48 ? 468 HOH A O   1 
HETATM 1385 O O   . HOH D 4 .   ? 11.273  -5.568  -9.744  1.00 39.00 ? 469 HOH A O   1 
HETATM 1386 O O   . HOH D 4 .   ? 2.955   -3.030  -12.350 1.00 47.87 ? 470 HOH A O   1 
HETATM 1387 O O   . HOH D 4 .   ? -4.840  14.154  -7.403  1.00 40.44 ? 471 HOH A O   1 
# 
